data_5Z4P
#
_entry.id   5Z4P
#
_cell.length_a   103.832
_cell.length_b   154.843
_cell.length_c   181.024
_cell.angle_alpha   90.00
_cell.angle_beta   90.00
_cell.angle_gamma   90.00
#
_symmetry.space_group_name_H-M   'P 21 21 21'
#
loop_
_entity.id
_entity.type
_entity.pdbx_description
1 polymer 'Tubulin alpha-1B chain'
2 polymer 'Tubulin beta-2B chain'
3 polymer Stathmin-4
4 polymer 'Tubulin tyrosine ligase'
5 non-polymer "GUANOSINE-5'-TRIPHOSPHATE"
6 non-polymer 'MAGNESIUM ION'
7 non-polymer GLYCEROL
8 non-polymer 'CALCIUM ION'
9 non-polymer "GUANOSINE-5'-DIPHOSPHATE"
10 non-polymer '2-(N-MORPHOLINO)-ETHANESULFONIC ACID'
11 non-polymer 6,7,8-trimethoxy-1-(4-methoxyphenyl)-4,5-dihydro-2~{H}-benzo[e]indazole
12 non-polymer IMIDAZOLE
13 non-polymer 'PHOSPHOMETHYLPHOSPHONIC ACID ADENYLATE ESTER'
14 water water
#
loop_
_entity_poly.entity_id
_entity_poly.type
_entity_poly.pdbx_seq_one_letter_code
_entity_poly.pdbx_strand_id
1 'polypeptide(L)'
;MRECISIHVGQAGVQIGNACWELYCLEHGIQPDGQMPSDKTIGGGDDSFNTFFSETGAGKHVPRAVFVDLEPTVIDEVRT
GTYRQLFHPEQLITGKEDAANNYARGHYTIGKEIIDLVLDRIRKLADQCTGLQGFLVFHSFGGGTGSGFTSLLMERLSVD
YGKKSKLEFSIYPAPQVSTAVVEPYNSILTTHTTLEHSDCAFMVDNEAIYDICRRNLDIERPTYTNLNRLISQIVSSITA
SLRFDGALNVDLTEFQTNLVPYPRIHFPLATYAPVISAEKAYHEQLSVAEITNACFEPANQMVKCDPRHGKYMACCLLYR
GDVVPKDVNAAIATIKTKRSIQFVDWCPTGFKVGINYQPPTVVPGGDLAKVQRAVCMLSNTTAIAEAWARLDHKFDLMYA
KRAFVHWYVGEGMEEGEFSEAREDMAALEKDYEEVGVDSV
;
A,C
2 'polypeptide(L)'
;MREIVHIQAGQCGNQIGAKFWEVISDEHGIDPTGSYHGDSDLQLERINVYYNEATGNKYVPRAILVDLEPGTMDSVRSGP
FGQIFRPDNFVFGQSGAGNNWAKGHYTEGAELVDSVLDVVRKESESCDCLQGFQLTHSLGGGTGSGMGTLLISKIREEYP
DRIMNTFSVMPSPKVSDTVVEPYNATLSVHQLVENTDETYCIDNEALYDICFRTLKLTTPTYGDLNHLVSATMSGVTTCL
RFPGQLNADLRKLAVNMVPFPRLHFFMPGFAPLTSRGSQQYRALTVPELTQQMFDSKNMMAACDPRHGRYLTVAAIFRGR
MSMKEVDEQMLNVQNKNSSYFVEWIPNNVKTAVCDIPPRGLKMSATFIGNSTAIQELFKRISEQFTAMFRRKAFLHWYTG
EGMDEMEFTEAESNMNDLVSEYQQYQDATAD
;
B,D
3 'polypeptide(L)'
;MTLAAYKEKMKELPLVSLFCSCFLSDPLNKSSYKYEADTVDLNWCVISDMEVIELNKCTSGQSFEVILKPPSFDGVPEFN
ASLPRRRDPSLEEIQKKLEAAEERRKYQEAELLKHLAEKREHEREVIQKAIEENNNFIKMAKEKLAQKMESNKENREAHL
AAMLERLQEKDKHAEEVRKNKELKE
;
E
4 'polypeptide(L)'
;MYTFVVRDENSSVYAEVSRLLLATGQWKRLRKDNPRFNLMLGERNRLPFGRLGHEPGLVQLVNYYRGADKLCRKASLVKL
IKTSPELSESCTWFPESYVIYPTNLKTPVAPAQNGIRHLINNTRTDEREVFLAAYNRRREGREGNVWIAKSSAGAKGEGI
LISSEASELLDFIDEQGQVHVIQKYLEKPLLLEPGHRKFDIRSWVLVDHLYNIYLYREGVLRTSSEPYNSANFQDKTCHL
TNHCIQKEYSKNYGRYEEGNEMFFEEFNQYLMDALNTTLENSILLQIKHIIRSCLMCIEPAISTKHLHYQSFQLFGFDFM
VDEELKVWLIEVNGAPACAQKLYAELCQGIVDVAISSVFPLADTGQKTSQPTSIFIKL
;
F
#
loop_
_chem_comp.id
_chem_comp.type
_chem_comp.name
_chem_comp.formula
97O non-polymer 6,7,8-trimethoxy-1-(4-methoxyphenyl)-4,5-dihydro-2~{H}-benzo[e]indazole 'C21 H22 N2 O4'
ACP non-polymer 'PHOSPHOMETHYLPHOSPHONIC ACID ADENYLATE ESTER' 'C11 H18 N5 O12 P3'
CA non-polymer 'CALCIUM ION' 'Ca 2'
GDP RNA linking GUANOSINE-5'-DIPHOSPHATE 'C10 H15 N5 O11 P2'
GOL non-polymer GLYCEROL 'C3 H8 O3'
GTP non-polymer GUANOSINE-5'-TRIPHOSPHATE 'C10 H16 N5 O14 P3'
IMD non-polymer IMIDAZOLE 'C3 H5 N2 1'
MES non-polymer '2-(N-MORPHOLINO)-ETHANESULFONIC ACID' 'C6 H13 N O4 S'
MG non-polymer 'MAGNESIUM ION' 'Mg 2'
#
# COMPACT_ATOMS: atom_id res chain seq x y z
N MET A 1 -44.42 56.10 18.11
CA MET A 1 -43.96 54.96 17.31
C MET A 1 -42.78 54.21 17.94
N ARG A 2 -42.95 52.88 17.99
CA ARG A 2 -42.01 51.96 18.58
C ARG A 2 -41.31 51.19 17.45
N GLU A 3 -39.97 51.18 17.46
CA GLU A 3 -39.20 50.63 16.35
C GLU A 3 -38.95 49.13 16.53
N CYS A 4 -38.72 48.47 15.40
CA CYS A 4 -38.41 47.05 15.34
C CYS A 4 -37.10 46.86 14.59
N ILE A 5 -36.16 46.15 15.23
CA ILE A 5 -34.85 45.89 14.64
C ILE A 5 -34.81 44.45 14.15
N SER A 6 -34.35 44.27 12.92
CA SER A 6 -34.30 42.96 12.29
C SER A 6 -32.87 42.45 12.21
N ILE A 7 -32.69 41.15 12.41
CA ILE A 7 -31.38 40.51 12.50
C ILE A 7 -31.39 39.30 11.58
N HIS A 8 -30.68 39.39 10.48
CA HIS A 8 -30.60 38.30 9.52
C HIS A 8 -29.26 37.56 9.68
N VAL A 9 -29.32 36.30 10.11
CA VAL A 9 -28.13 35.55 10.52
C VAL A 9 -27.94 34.35 9.61
N GLY A 10 -26.76 34.26 9.02
CA GLY A 10 -26.44 33.10 8.21
C GLY A 10 -26.88 33.29 6.78
N GLN A 11 -26.53 32.30 5.97
CA GLN A 11 -26.88 32.39 4.55
C GLN A 11 -28.39 32.51 4.35
N ALA A 12 -29.18 31.66 5.02
CA ALA A 12 -30.63 31.73 4.82
C ALA A 12 -31.19 33.06 5.34
N GLY A 13 -30.85 33.45 6.58
CA GLY A 13 -31.36 34.69 7.14
C GLY A 13 -31.04 35.91 6.28
N VAL A 14 -29.78 36.01 5.81
CA VAL A 14 -29.38 37.14 4.99
C VAL A 14 -30.14 37.14 3.66
N GLN A 15 -30.19 35.99 2.99
CA GLN A 15 -30.79 35.96 1.65
C GLN A 15 -32.28 36.22 1.69
N ILE A 16 -32.97 35.64 2.67
CA ILE A 16 -34.37 36.01 2.91
C ILE A 16 -34.46 37.49 3.29
N GLY A 17 -33.52 37.98 4.10
CA GLY A 17 -33.46 39.41 4.37
C GLY A 17 -33.52 40.26 3.11
N ASN A 18 -32.68 39.92 2.12
CA ASN A 18 -32.71 40.65 0.86
C ASN A 18 -34.08 40.59 0.22
N ALA A 19 -34.72 39.44 0.26
CA ALA A 19 -36.03 39.33 -0.37
C ALA A 19 -37.05 40.21 0.36
N CYS A 20 -37.01 40.19 1.70
CA CYS A 20 -37.95 40.98 2.48
C CYS A 20 -37.69 42.47 2.32
N TRP A 21 -36.43 42.90 2.51
CA TRP A 21 -36.21 44.33 2.49
C TRP A 21 -36.46 44.92 1.11
N GLU A 22 -36.18 44.16 0.05
CA GLU A 22 -36.47 44.66 -1.28
C GLU A 22 -37.97 44.82 -1.45
N LEU A 23 -38.73 43.87 -0.90
CA LEU A 23 -40.19 43.94 -0.95
C LEU A 23 -40.70 45.13 -0.15
N TYR A 24 -40.20 45.27 1.09
CA TYR A 24 -40.46 46.45 1.91
C TYR A 24 -40.27 47.75 1.12
N CYS A 25 -39.17 47.87 0.38
CA CYS A 25 -38.91 49.07 -0.40
C CYS A 25 -39.98 49.28 -1.46
N LEU A 26 -40.19 48.27 -2.32
CA LEU A 26 -41.28 48.32 -3.29
C LEU A 26 -42.62 48.69 -2.63
N GLU A 27 -42.86 48.18 -1.42
CA GLU A 27 -44.14 48.41 -0.78
C GLU A 27 -44.26 49.81 -0.21
N HIS A 28 -43.21 50.30 0.46
CA HIS A 28 -43.23 51.66 0.96
C HIS A 28 -42.69 52.66 -0.05
N GLY A 29 -42.47 52.23 -1.30
CA GLY A 29 -41.87 53.09 -2.30
C GLY A 29 -40.60 53.75 -1.81
N ILE A 30 -39.64 52.94 -1.36
CA ILE A 30 -38.29 53.39 -1.05
C ILE A 30 -37.38 52.92 -2.18
N GLN A 31 -36.48 53.78 -2.62
CA GLN A 31 -35.70 53.47 -3.81
C GLN A 31 -34.37 52.83 -3.42
N PRO A 32 -33.67 52.18 -4.39
CA PRO A 32 -32.38 51.52 -4.09
C PRO A 32 -31.32 52.40 -3.45
N ASP A 33 -31.57 53.72 -3.38
CA ASP A 33 -30.67 54.65 -2.71
C ASP A 33 -31.27 55.23 -1.42
N GLY A 34 -32.33 54.62 -0.91
CA GLY A 34 -32.90 55.04 0.35
C GLY A 34 -33.82 56.23 0.29
N GLN A 35 -33.94 56.85 -0.89
CA GLN A 35 -34.87 57.96 -1.06
C GLN A 35 -36.29 57.42 -1.10
N MET A 36 -37.21 58.18 -0.49
CA MET A 36 -38.63 57.83 -0.45
C MET A 36 -39.43 59.05 -0.86
N PRO A 37 -39.56 59.30 -2.18
CA PRO A 37 -40.19 60.53 -2.66
C PRO A 37 -41.52 60.86 -1.99
N SER A 38 -42.35 59.84 -1.77
CA SER A 38 -43.62 60.04 -1.07
C SER A 38 -43.44 60.47 0.38
N ASP A 39 -42.24 60.40 0.93
CA ASP A 39 -42.03 60.73 2.34
C ASP A 39 -41.78 62.22 2.47
N LYS A 40 -42.71 62.90 3.15
CA LYS A 40 -42.61 64.34 3.31
C LYS A 40 -41.87 64.71 4.59
N THR A 41 -42.07 63.97 5.69
CA THR A 41 -41.26 64.24 6.87
C THR A 41 -39.81 63.83 6.58
N ILE A 42 -39.02 64.80 6.13
CA ILE A 42 -37.68 64.57 5.60
C ILE A 42 -36.70 64.37 6.76
N GLY A 43 -36.04 63.21 6.78
CA GLY A 43 -35.06 62.95 7.82
C GLY A 43 -35.62 62.74 9.21
N GLY A 44 -36.93 62.54 9.34
CA GLY A 44 -37.56 62.23 10.61
C GLY A 44 -38.96 61.74 10.37
N GLY A 45 -39.53 61.15 11.41
CA GLY A 45 -40.88 60.64 11.29
C GLY A 45 -41.27 59.61 12.32
N ASP A 46 -42.52 59.74 12.78
CA ASP A 46 -43.17 58.81 13.69
C ASP A 46 -44.11 57.85 12.93
N ASP A 47 -44.05 57.84 11.59
CA ASP A 47 -44.92 56.98 10.78
C ASP A 47 -44.63 55.50 11.05
N SER A 48 -45.58 54.64 10.68
CA SER A 48 -45.42 53.23 11.02
C SER A 48 -44.38 52.56 10.13
N PHE A 49 -44.11 53.10 8.94
CA PHE A 49 -43.01 52.57 8.17
C PHE A 49 -41.66 52.89 8.83
N ASN A 50 -41.61 53.90 9.71
CA ASN A 50 -40.40 54.22 10.47
C ASN A 50 -40.11 53.18 11.54
N THR A 51 -41.03 52.25 11.77
CA THR A 51 -40.75 51.11 12.64
C THR A 51 -39.59 50.27 12.09
N PHE A 52 -39.44 50.24 10.77
CA PHE A 52 -38.45 49.42 10.11
C PHE A 52 -37.37 50.25 9.43
N PHE A 53 -37.56 51.56 9.35
CA PHE A 53 -36.63 52.44 8.66
C PHE A 53 -36.36 53.62 9.56
N SER A 54 -35.10 53.94 9.74
CA SER A 54 -34.74 55.24 10.22
C SER A 54 -34.36 56.11 9.03
N GLU A 55 -34.14 57.40 9.30
CA GLU A 55 -33.94 58.38 8.25
C GLU A 55 -32.70 59.23 8.52
N THR A 56 -32.12 59.74 7.44
CA THR A 56 -30.97 60.64 7.49
C THR A 56 -31.35 62.01 6.95
N GLY A 57 -30.59 63.02 7.37
CA GLY A 57 -30.84 64.38 6.90
C GLY A 57 -30.96 64.49 5.40
N ALA A 58 -30.21 63.65 4.66
CA ALA A 58 -30.33 63.62 3.20
C ALA A 58 -31.53 62.79 2.73
N GLY A 59 -32.42 62.39 3.64
CA GLY A 59 -33.63 61.72 3.25
C GLY A 59 -33.50 60.25 2.96
N LYS A 60 -32.39 59.63 3.38
CA LYS A 60 -32.13 58.23 3.12
C LYS A 60 -32.92 57.38 4.12
N HIS A 61 -33.66 56.39 3.61
CA HIS A 61 -34.46 55.52 4.46
C HIS A 61 -33.70 54.22 4.62
N VAL A 62 -33.24 53.94 5.83
CA VAL A 62 -32.23 52.92 6.03
C VAL A 62 -32.79 51.85 6.96
N PRO A 63 -32.80 50.59 6.52
CA PRO A 63 -33.34 49.51 7.36
C PRO A 63 -32.82 49.58 8.79
N ARG A 64 -33.70 49.24 9.73
CA ARG A 64 -33.31 49.00 11.12
C ARG A 64 -32.88 47.53 11.26
N ALA A 65 -31.89 47.18 10.45
CA ALA A 65 -31.51 45.80 10.20
C ALA A 65 -30.02 45.58 10.43
N VAL A 66 -29.68 44.40 10.95
CA VAL A 66 -28.31 43.93 11.09
C VAL A 66 -28.16 42.58 10.41
N PHE A 67 -27.29 42.51 9.41
CA PHE A 67 -26.96 41.25 8.75
C PHE A 67 -25.69 40.70 9.35
N VAL A 68 -25.66 39.41 9.64
CA VAL A 68 -24.50 38.78 10.26
CA VAL A 68 -24.48 38.80 10.21
C VAL A 68 -24.32 37.38 9.69
N ASP A 69 -23.17 37.12 9.09
CA ASP A 69 -22.78 35.81 8.58
C ASP A 69 -21.36 35.55 9.05
N LEU A 70 -21.07 34.31 9.42
CA LEU A 70 -19.72 33.96 9.85
C LEU A 70 -18.79 33.85 8.66
N GLU A 71 -19.23 34.37 7.51
CA GLU A 71 -18.47 34.19 6.30
C GLU A 71 -18.90 35.28 5.34
N PRO A 72 -17.96 35.89 4.60
CA PRO A 72 -18.30 37.10 3.84
C PRO A 72 -19.14 36.86 2.61
N THR A 73 -19.09 35.66 2.04
CA THR A 73 -19.46 35.50 0.64
C THR A 73 -20.86 36.03 0.34
N VAL A 74 -21.83 35.83 1.23
CA VAL A 74 -23.23 36.14 0.93
C VAL A 74 -23.52 37.61 1.19
N ILE A 75 -23.25 38.06 2.43
CA ILE A 75 -23.44 39.47 2.79
C ILE A 75 -22.67 40.40 1.87
N ASP A 76 -21.57 39.90 1.28
CA ASP A 76 -20.86 40.69 0.28
C ASP A 76 -21.77 41.07 -0.89
N GLU A 77 -22.59 40.12 -1.36
CA GLU A 77 -23.50 40.43 -2.44
C GLU A 77 -24.46 41.55 -2.06
N VAL A 78 -24.85 41.62 -0.77
CA VAL A 78 -25.56 42.80 -0.30
C VAL A 78 -24.69 44.04 -0.44
N ARG A 79 -23.40 43.95 -0.09
CA ARG A 79 -22.50 45.10 -0.12
C ARG A 79 -22.27 45.63 -1.54
N THR A 80 -22.58 44.84 -2.56
CA THR A 80 -22.35 45.25 -3.94
C THR A 80 -23.58 45.06 -4.83
N GLY A 81 -24.73 44.70 -4.25
CA GLY A 81 -25.96 44.52 -5.00
C GLY A 81 -26.70 45.81 -5.26
N THR A 82 -27.89 45.67 -5.85
CA THR A 82 -28.67 46.84 -6.23
C THR A 82 -28.99 47.75 -5.04
N TYR A 83 -29.11 47.18 -3.83
CA TYR A 83 -29.42 47.95 -2.64
C TYR A 83 -28.20 48.15 -1.75
N ARG A 84 -27.01 48.33 -2.35
CA ARG A 84 -25.82 48.62 -1.55
C ARG A 84 -25.98 49.94 -0.81
N GLN A 85 -26.57 50.94 -1.44
CA GLN A 85 -26.65 52.25 -0.81
C GLN A 85 -27.64 52.24 0.33
N LEU A 86 -28.61 51.32 0.28
CA LEU A 86 -29.63 51.27 1.32
C LEU A 86 -29.02 51.13 2.71
N PHE A 87 -27.92 50.39 2.81
CA PHE A 87 -27.43 49.97 4.11
C PHE A 87 -26.18 50.72 4.53
N HIS A 88 -25.92 50.66 5.81
CA HIS A 88 -24.69 51.23 6.29
C HIS A 88 -23.67 50.13 6.50
N PRO A 89 -22.44 50.33 6.03
CA PRO A 89 -21.36 49.35 6.23
C PRO A 89 -21.40 48.64 7.57
N GLU A 90 -21.65 49.39 8.64
CA GLU A 90 -21.61 48.83 9.98
C GLU A 90 -22.68 47.79 10.23
N GLN A 91 -23.77 47.76 9.46
CA GLN A 91 -24.85 46.84 9.80
C GLN A 91 -24.82 45.57 8.97
N LEU A 92 -23.84 45.42 8.08
CA LEU A 92 -23.51 44.15 7.44
C LEU A 92 -22.19 43.64 8.03
N ILE A 93 -22.22 42.47 8.65
CA ILE A 93 -21.13 41.94 9.47
C ILE A 93 -20.73 40.54 8.98
N THR A 94 -19.43 40.34 8.71
CA THR A 94 -18.92 39.04 8.26
C THR A 94 -17.72 38.54 9.06
N GLY A 95 -17.66 37.23 9.27
CA GLY A 95 -16.49 36.59 9.81
C GLY A 95 -15.58 36.06 8.70
N LYS A 96 -14.56 35.30 9.12
CA LYS A 96 -13.54 34.83 8.19
C LYS A 96 -13.88 33.44 7.65
N GLU A 97 -14.06 32.47 8.52
CA GLU A 97 -14.45 31.12 8.13
C GLU A 97 -15.74 30.76 8.85
N ASP A 98 -16.63 30.08 8.15
CA ASP A 98 -17.99 29.89 8.64
C ASP A 98 -18.03 28.68 9.57
N ALA A 99 -19.24 28.31 10.00
CA ALA A 99 -19.41 27.27 11.00
C ALA A 99 -19.48 25.88 10.42
N ALA A 100 -19.20 25.73 9.13
CA ALA A 100 -19.14 24.43 8.45
C ALA A 100 -20.31 23.52 8.84
N ASN A 101 -21.53 24.07 8.80
CA ASN A 101 -22.75 23.31 9.11
C ASN A 101 -22.70 22.63 10.48
N ASN A 102 -21.99 23.23 11.42
CA ASN A 102 -21.72 22.64 12.74
C ASN A 102 -22.30 23.58 13.80
N TYR A 103 -23.39 23.17 14.45
CA TYR A 103 -23.96 24.01 15.52
C TYR A 103 -22.89 24.41 16.53
N ALA A 104 -22.18 23.43 17.07
CA ALA A 104 -21.20 23.68 18.12
C ALA A 104 -20.08 24.61 17.63
N ARG A 105 -19.80 24.62 16.34
CA ARG A 105 -18.76 25.51 15.84
C ARG A 105 -19.24 26.96 15.72
N GLY A 106 -20.54 27.17 15.51
CA GLY A 106 -21.08 28.51 15.39
C GLY A 106 -21.48 29.07 16.73
N HIS A 107 -21.94 28.21 17.64
CA HIS A 107 -22.30 28.63 18.99
C HIS A 107 -21.06 28.82 19.86
N TYR A 108 -20.29 27.76 20.05
CA TYR A 108 -19.16 27.80 20.99
C TYR A 108 -17.90 28.35 20.33
N THR A 109 -17.33 27.60 19.40
CA THR A 109 -16.03 27.95 18.84
C THR A 109 -16.04 29.35 18.23
N ILE A 110 -16.65 29.54 17.06
CA ILE A 110 -16.62 30.85 16.39
C ILE A 110 -17.63 31.82 16.95
N GLY A 111 -18.55 31.37 17.80
CA GLY A 111 -19.47 32.24 18.48
C GLY A 111 -18.87 33.45 19.18
N LYS A 112 -17.93 33.24 20.13
CA LYS A 112 -17.52 34.34 20.99
C LYS A 112 -16.67 35.39 20.27
N GLU A 113 -16.00 35.03 19.17
CA GLU A 113 -15.23 36.05 18.46
C GLU A 113 -16.10 37.15 17.89
N ILE A 114 -17.36 36.85 17.58
CA ILE A 114 -18.21 37.83 16.93
C ILE A 114 -19.37 38.33 17.81
N ILE A 115 -19.71 37.65 18.91
CA ILE A 115 -20.93 37.97 19.65
C ILE A 115 -20.86 39.36 20.28
N ASP A 116 -19.71 39.73 20.85
CA ASP A 116 -19.63 41.04 21.48
C ASP A 116 -19.56 42.16 20.44
N LEU A 117 -19.04 41.87 19.25
CA LEU A 117 -19.04 42.87 18.20
C LEU A 117 -20.44 43.07 17.62
N VAL A 118 -21.22 41.99 17.51
CA VAL A 118 -22.53 42.05 16.87
C VAL A 118 -23.55 42.71 17.80
N LEU A 119 -23.54 42.37 19.09
CA LEU A 119 -24.37 43.08 20.06
C LEU A 119 -24.01 44.55 20.10
N ASP A 120 -22.75 44.89 19.92
CA ASP A 120 -22.40 46.29 19.83
C ASP A 120 -22.99 46.93 18.57
N ARG A 121 -22.93 46.24 17.43
CA ARG A 121 -23.56 46.75 16.21
C ARG A 121 -25.08 46.87 16.37
N ILE A 122 -25.67 46.00 17.21
CA ILE A 122 -27.09 46.09 17.49
C ILE A 122 -27.38 47.30 18.37
N ARG A 123 -26.58 47.49 19.44
CA ARG A 123 -26.74 48.66 20.30
C ARG A 123 -26.70 49.94 19.48
N LYS A 124 -25.92 50.00 18.40
CA LYS A 124 -25.96 51.17 17.53
C LYS A 124 -27.38 51.44 17.05
N LEU A 125 -28.08 50.40 16.57
CA LEU A 125 -29.44 50.60 16.10
C LEU A 125 -30.42 50.77 17.26
N ALA A 126 -30.26 49.98 18.32
CA ALA A 126 -31.10 50.10 19.50
C ALA A 126 -31.09 51.52 20.08
N ASP A 127 -29.97 52.22 19.95
CA ASP A 127 -29.81 53.53 20.57
C ASP A 127 -30.51 54.64 19.81
N GLN A 128 -30.69 54.50 18.49
CA GLN A 128 -31.56 55.42 17.76
C GLN A 128 -33.02 54.94 17.74
N CYS A 129 -33.41 54.16 18.74
CA CYS A 129 -34.80 53.78 18.95
C CYS A 129 -35.29 54.51 20.19
N THR A 130 -36.35 55.30 20.01
CA THR A 130 -37.04 56.00 21.08
C THR A 130 -37.99 55.10 21.85
N GLY A 131 -38.42 53.99 21.26
CA GLY A 131 -39.17 52.97 21.97
C GLY A 131 -39.07 51.59 21.34
N LEU A 132 -37.88 50.99 21.33
CA LEU A 132 -37.70 49.68 20.71
C LEU A 132 -38.59 48.63 21.35
N GLN A 133 -39.27 47.83 20.52
CA GLN A 133 -40.15 46.80 21.03
C GLN A 133 -39.56 45.41 20.90
N GLY A 134 -38.44 45.25 20.22
CA GLY A 134 -37.77 43.97 20.15
C GLY A 134 -37.29 43.69 18.75
N PHE A 135 -36.94 42.43 18.51
CA PHE A 135 -36.24 42.06 17.30
C PHE A 135 -36.98 40.96 16.56
N LEU A 136 -36.68 40.86 15.27
CA LEU A 136 -37.17 39.80 14.41
C LEU A 136 -35.95 39.09 13.81
N VAL A 137 -35.69 37.87 14.23
CA VAL A 137 -34.46 37.17 13.88
C VAL A 137 -34.75 36.14 12.80
N PHE A 138 -34.02 36.23 11.69
CA PHE A 138 -34.15 35.36 10.53
C PHE A 138 -32.91 34.49 10.43
N HIS A 139 -33.11 33.19 10.23
CA HIS A 139 -32.01 32.24 10.26
C HIS A 139 -32.54 30.89 9.81
N SER A 140 -31.63 30.02 9.40
CA SER A 140 -32.02 28.65 9.12
C SER A 140 -31.86 27.81 10.39
N PHE A 141 -32.62 26.73 10.46
CA PHE A 141 -32.35 25.71 11.47
C PHE A 141 -31.06 24.96 11.16
N GLY A 142 -30.73 24.79 9.88
CA GLY A 142 -29.73 23.82 9.48
C GLY A 142 -28.29 24.28 9.49
N GLY A 143 -28.03 25.51 9.02
CA GLY A 143 -26.66 26.00 8.97
C GLY A 143 -26.02 26.03 10.35
N GLY A 144 -24.68 25.99 10.36
CA GLY A 144 -23.95 26.12 11.61
C GLY A 144 -24.07 27.52 12.18
N THR A 145 -23.98 28.54 11.32
CA THR A 145 -24.23 29.90 11.75
C THR A 145 -25.69 30.10 12.14
N GLY A 146 -26.59 29.87 11.18
CA GLY A 146 -28.02 29.99 11.44
C GLY A 146 -28.45 29.36 12.74
N SER A 147 -28.05 28.11 12.97
CA SER A 147 -28.46 27.49 14.23
C SER A 147 -27.56 27.92 15.39
N GLY A 148 -26.26 27.66 15.28
CA GLY A 148 -25.37 27.84 16.43
C GLY A 148 -25.24 29.30 16.88
N PHE A 149 -24.92 30.20 15.94
CA PHE A 149 -24.75 31.59 16.35
C PHE A 149 -26.04 32.25 16.82
N THR A 150 -27.18 31.94 16.18
CA THR A 150 -28.44 32.58 16.57
C THR A 150 -28.81 32.20 18.00
N SER A 151 -28.65 30.93 18.36
CA SER A 151 -28.97 30.57 19.72
C SER A 151 -28.04 31.25 20.72
N LEU A 152 -26.80 31.60 20.31
CA LEU A 152 -25.97 32.38 21.21
C LEU A 152 -26.43 33.83 21.27
N LEU A 153 -26.75 34.43 20.11
CA LEU A 153 -27.26 35.80 20.11
C LEU A 153 -28.60 35.89 20.86
N MET A 154 -29.48 34.89 20.70
CA MET A 154 -30.75 34.90 21.42
C MET A 154 -30.56 34.77 22.92
N GLU A 155 -29.45 34.18 23.36
CA GLU A 155 -29.17 34.17 24.79
C GLU A 155 -28.81 35.57 25.28
N ARG A 156 -27.93 36.27 24.56
CA ARG A 156 -27.48 37.57 25.00
C ARG A 156 -28.57 38.62 24.84
N LEU A 157 -29.32 38.57 23.72
CA LEU A 157 -30.39 39.53 23.53
C LEU A 157 -31.38 39.48 24.70
N SER A 158 -31.65 38.28 25.22
CA SER A 158 -32.41 38.18 26.46
C SER A 158 -31.75 38.93 27.61
N VAL A 159 -30.43 38.76 27.80
CA VAL A 159 -29.83 39.39 28.96
C VAL A 159 -29.71 40.91 28.76
N ASP A 160 -29.40 41.37 27.54
CA ASP A 160 -29.25 42.81 27.27
C ASP A 160 -30.56 43.55 27.03
N TYR A 161 -31.68 42.84 26.78
CA TYR A 161 -32.96 43.49 26.48
C TYR A 161 -34.10 42.61 26.99
N GLY A 162 -34.03 42.17 28.24
CA GLY A 162 -34.99 41.25 28.82
C GLY A 162 -36.43 41.68 28.74
N LYS A 163 -36.62 42.98 28.56
CA LYS A 163 -37.93 43.61 28.41
C LYS A 163 -38.35 43.78 26.95
N LYS A 164 -37.67 43.11 26.02
CA LYS A 164 -37.98 43.21 24.61
C LYS A 164 -38.42 41.86 24.07
N SER A 165 -39.35 41.90 23.13
CA SER A 165 -39.88 40.71 22.49
C SER A 165 -38.97 40.27 21.35
N LYS A 166 -38.89 38.96 21.15
CA LYS A 166 -38.01 38.35 20.16
C LYS A 166 -38.81 37.40 19.29
N LEU A 167 -39.03 37.77 18.03
CA LEU A 167 -39.76 36.93 17.09
C LEU A 167 -38.80 36.33 16.06
N GLU A 168 -38.98 35.04 15.78
CA GLU A 168 -38.14 34.33 14.83
C GLU A 168 -38.89 33.99 13.55
N PHE A 169 -38.18 34.07 12.45
CA PHE A 169 -38.55 33.37 11.23
C PHE A 169 -37.46 32.35 11.01
N SER A 170 -37.80 31.07 11.18
CA SER A 170 -36.85 29.96 11.12
C SER A 170 -37.12 29.08 9.91
N ILE A 171 -36.08 28.77 9.14
CA ILE A 171 -36.20 27.88 7.99
C ILE A 171 -35.95 26.44 8.44
N TYR A 172 -36.99 25.64 8.42
CA TYR A 172 -36.89 24.24 8.76
C TYR A 172 -36.28 23.47 7.60
N PRO A 173 -35.45 22.46 7.87
CA PRO A 173 -34.70 21.82 6.81
C PRO A 173 -35.50 20.79 6.02
N ALA A 174 -35.18 20.70 4.73
CA ALA A 174 -35.87 19.78 3.87
C ALA A 174 -34.91 19.25 2.81
N PRO A 175 -34.82 17.92 2.64
CA PRO A 175 -33.84 17.36 1.70
C PRO A 175 -33.99 17.81 0.25
N GLN A 176 -35.21 18.11 -0.22
CA GLN A 176 -35.36 18.59 -1.60
C GLN A 176 -34.58 19.86 -1.87
N VAL A 177 -34.22 20.61 -0.84
CA VAL A 177 -33.22 21.66 -0.95
C VAL A 177 -32.04 21.19 -0.11
N SER A 178 -31.71 21.93 0.95
CA SER A 178 -30.91 21.45 2.08
C SER A 178 -29.54 20.92 1.76
N THR A 179 -28.76 20.69 2.81
CA THR A 179 -27.32 20.55 2.65
C THR A 179 -26.83 19.42 3.53
N ALA A 180 -26.49 19.78 4.76
CA ALA A 180 -25.81 18.86 5.64
C ALA A 180 -26.72 17.69 5.96
N VAL A 181 -26.09 16.52 6.08
CA VAL A 181 -26.79 15.38 6.61
C VAL A 181 -27.07 15.58 8.10
N VAL A 182 -26.39 16.53 8.75
CA VAL A 182 -26.47 16.73 10.19
C VAL A 182 -27.40 17.88 10.54
N GLU A 183 -28.21 18.34 9.60
CA GLU A 183 -29.13 19.41 9.94
C GLU A 183 -30.11 19.01 11.03
N PRO A 184 -30.61 17.77 11.10
CA PRO A 184 -31.39 17.38 12.28
C PRO A 184 -30.69 17.64 13.59
N TYR A 185 -29.35 17.54 13.62
CA TYR A 185 -28.63 17.86 14.85
C TYR A 185 -28.76 19.35 15.17
N ASN A 186 -28.34 20.20 14.24
CA ASN A 186 -28.44 21.65 14.40
C ASN A 186 -29.85 22.11 14.74
N SER A 187 -30.84 21.47 14.13
CA SER A 187 -32.22 21.88 14.41
C SER A 187 -32.57 21.65 15.88
N ILE A 188 -32.42 20.42 16.38
CA ILE A 188 -32.76 20.15 17.77
C ILE A 188 -31.92 21.01 18.71
N LEU A 189 -30.61 21.07 18.45
CA LEU A 189 -29.75 21.85 19.33
C LEU A 189 -30.21 23.30 19.44
N THR A 190 -30.55 23.93 18.31
CA THR A 190 -30.80 25.36 18.36
C THR A 190 -32.19 25.70 18.89
N THR A 191 -33.18 24.84 18.70
CA THR A 191 -34.45 25.24 19.28
C THR A 191 -34.42 25.02 20.79
N HIS A 192 -33.79 23.93 21.22
CA HIS A 192 -33.62 23.70 22.66
C HIS A 192 -32.93 24.87 23.35
N THR A 193 -31.99 25.51 22.67
CA THR A 193 -31.27 26.61 23.27
C THR A 193 -32.00 27.94 23.11
N THR A 194 -32.87 28.07 22.10
CA THR A 194 -33.54 29.33 21.81
C THR A 194 -34.95 29.40 22.38
N LEU A 195 -35.54 28.24 22.71
CA LEU A 195 -36.93 28.15 23.19
C LEU A 195 -37.29 29.24 24.20
N GLU A 196 -36.74 29.19 25.42
CA GLU A 196 -37.10 30.15 26.47
C GLU A 196 -36.74 31.59 26.12
N HIS A 197 -36.15 31.83 24.95
CA HIS A 197 -35.69 33.16 24.58
C HIS A 197 -36.48 33.77 23.44
N SER A 198 -37.29 32.97 22.75
CA SER A 198 -38.13 33.44 21.65
C SER A 198 -39.58 33.54 22.10
N ASP A 199 -40.24 34.63 21.70
CA ASP A 199 -41.62 34.81 22.08
C ASP A 199 -42.57 34.27 21.04
N CYS A 200 -42.11 34.22 19.79
CA CYS A 200 -42.96 33.73 18.71
C CYS A 200 -42.09 33.40 17.51
N ALA A 201 -42.24 32.19 16.96
CA ALA A 201 -41.39 31.70 15.90
C ALA A 201 -42.21 31.11 14.76
N PHE A 202 -42.07 31.69 13.59
CA PHE A 202 -42.71 31.19 12.37
C PHE A 202 -41.76 30.23 11.65
N MET A 203 -42.04 28.92 11.74
CA MET A 203 -41.31 27.92 10.98
C MET A 203 -41.74 27.93 9.52
N VAL A 204 -40.77 27.95 8.61
CA VAL A 204 -41.03 27.79 7.19
C VAL A 204 -40.30 26.53 6.71
N ASP A 205 -41.06 25.48 6.40
CA ASP A 205 -40.45 24.26 5.89
C ASP A 205 -40.08 24.47 4.41
N ASN A 206 -38.78 24.33 4.10
CA ASN A 206 -38.36 24.45 2.71
C ASN A 206 -39.07 23.45 1.82
N GLU A 207 -39.51 22.32 2.37
CA GLU A 207 -40.26 21.35 1.58
C GLU A 207 -41.58 21.94 1.11
N ALA A 208 -42.32 22.60 2.00
CA ALA A 208 -43.59 23.20 1.62
C ALA A 208 -43.40 24.24 0.54
N ILE A 209 -42.45 25.17 0.73
CA ILE A 209 -42.24 26.24 -0.23
C ILE A 209 -41.83 25.68 -1.56
N TYR A 210 -41.01 24.63 -1.53
CA TYR A 210 -40.59 23.96 -2.74
C TYR A 210 -41.79 23.47 -3.53
N ASP A 211 -42.62 22.63 -2.88
CA ASP A 211 -43.83 22.10 -3.51
C ASP A 211 -44.73 23.22 -4.04
N ILE A 212 -45.10 24.16 -3.17
CA ILE A 212 -45.79 25.37 -3.63
C ILE A 212 -45.11 25.95 -4.85
N CYS A 213 -43.80 26.14 -4.79
CA CYS A 213 -43.10 26.74 -5.92
C CYS A 213 -43.15 25.89 -7.18
N ARG A 214 -43.49 24.62 -7.06
CA ARG A 214 -43.54 23.70 -8.18
C ARG A 214 -44.94 23.54 -8.76
N ARG A 215 -45.92 23.20 -7.91
CA ARG A 215 -47.30 23.13 -8.32
C ARG A 215 -47.78 24.49 -8.81
N ASN A 216 -47.92 25.44 -7.89
CA ASN A 216 -48.57 26.72 -8.21
C ASN A 216 -47.72 27.65 -9.07
N LEU A 217 -46.46 27.33 -9.34
CA LEU A 217 -45.67 28.20 -10.18
C LEU A 217 -45.11 27.50 -11.40
N ASP A 218 -45.38 26.20 -11.55
CA ASP A 218 -44.91 25.37 -12.67
C ASP A 218 -43.43 25.61 -12.92
N ILE A 219 -42.65 25.44 -11.85
CA ILE A 219 -41.21 25.65 -11.83
C ILE A 219 -40.58 24.31 -11.42
N GLU A 220 -39.91 23.66 -12.37
CA GLU A 220 -39.55 22.24 -12.28
C GLU A 220 -38.70 21.95 -11.05
N ARG A 221 -37.46 22.62 -10.94
CA ARG A 221 -36.72 22.90 -9.72
C ARG A 221 -36.84 24.37 -9.39
N PRO A 222 -37.21 24.72 -8.18
CA PRO A 222 -37.13 26.11 -7.76
C PRO A 222 -35.78 26.49 -7.17
N THR A 223 -35.38 27.73 -7.45
CA THR A 223 -34.14 28.29 -6.92
C THR A 223 -34.39 28.89 -5.52
N TYR A 224 -33.28 29.25 -4.86
CA TYR A 224 -33.41 30.03 -3.63
C TYR A 224 -34.15 31.33 -3.92
N THR A 225 -33.83 31.98 -5.05
CA THR A 225 -34.52 33.19 -5.46
C THR A 225 -36.03 32.98 -5.53
N ASN A 226 -36.46 31.86 -6.14
CA ASN A 226 -37.88 31.51 -6.13
C ASN A 226 -38.38 31.35 -4.69
N LEU A 227 -37.70 30.51 -3.91
CA LEU A 227 -38.17 30.23 -2.56
C LEU A 227 -38.23 31.49 -1.72
N ASN A 228 -37.15 32.26 -1.75
CA ASN A 228 -37.07 33.45 -0.89
C ASN A 228 -38.07 34.51 -1.31
N ARG A 229 -38.26 34.72 -2.62
CA ARG A 229 -39.22 35.70 -3.08
C ARG A 229 -40.63 35.32 -2.67
N LEU A 230 -40.91 34.04 -2.49
CA LEU A 230 -42.18 33.64 -1.94
C LEU A 230 -42.20 33.77 -0.43
N ILE A 231 -41.12 33.38 0.25
CA ILE A 231 -41.08 33.55 1.69
C ILE A 231 -41.24 35.01 2.04
N SER A 232 -40.71 35.90 1.20
CA SER A 232 -40.85 37.33 1.42
C SER A 232 -42.31 37.76 1.44
N GLN A 233 -43.14 37.20 0.55
CA GLN A 233 -44.57 37.52 0.57
C GLN A 233 -45.18 37.14 1.92
N ILE A 234 -44.88 35.95 2.42
CA ILE A 234 -45.48 35.54 3.69
C ILE A 234 -44.97 36.41 4.81
N VAL A 235 -43.67 36.67 4.84
CA VAL A 235 -43.11 37.54 5.87
C VAL A 235 -43.73 38.94 5.77
N SER A 236 -43.87 39.45 4.54
CA SER A 236 -44.44 40.78 4.38
C SER A 236 -45.83 40.88 5.00
N SER A 237 -46.69 39.87 4.76
CA SER A 237 -48.04 39.92 5.36
C SER A 237 -47.97 39.81 6.88
N ILE A 238 -47.07 38.99 7.39
CA ILE A 238 -46.91 38.88 8.84
C ILE A 238 -46.42 40.20 9.41
N THR A 239 -45.50 40.87 8.71
CA THR A 239 -44.94 42.09 9.26
C THR A 239 -45.73 43.33 8.89
N ALA A 240 -46.55 43.26 7.83
CA ALA A 240 -47.24 44.45 7.32
C ALA A 240 -47.89 45.29 8.42
N SER A 241 -48.44 44.63 9.45
CA SER A 241 -49.16 45.36 10.49
C SER A 241 -48.26 46.27 11.33
N LEU A 242 -46.94 46.10 11.29
CA LEU A 242 -46.03 46.99 11.99
C LEU A 242 -45.55 48.13 11.12
N ARG A 243 -45.75 48.03 9.83
CA ARG A 243 -45.24 49.00 8.88
C ARG A 243 -46.35 49.84 8.27
N PHE A 244 -47.60 49.55 8.63
CA PHE A 244 -48.77 50.20 8.03
C PHE A 244 -49.81 50.52 9.10
N ASP A 245 -50.57 51.56 8.82
CA ASP A 245 -51.76 51.89 9.60
C ASP A 245 -52.61 50.65 9.83
N GLY A 246 -52.89 50.34 11.10
CA GLY A 246 -53.72 49.18 11.38
C GLY A 246 -54.09 49.12 12.85
N ALA A 247 -54.89 48.10 13.19
CA ALA A 247 -55.38 47.91 14.54
C ALA A 247 -55.17 46.50 15.08
N LEU A 248 -54.62 45.60 14.27
CA LEU A 248 -54.36 44.23 14.68
C LEU A 248 -52.89 43.90 14.48
N ASN A 249 -52.27 43.34 15.52
CA ASN A 249 -50.85 42.96 15.51
C ASN A 249 -49.96 44.16 15.20
N VAL A 250 -50.19 45.27 15.91
CA VAL A 250 -49.43 46.49 15.64
C VAL A 250 -48.09 46.54 16.36
N ASP A 251 -47.86 45.65 17.33
CA ASP A 251 -46.56 45.51 17.97
C ASP A 251 -46.22 44.03 18.12
N LEU A 252 -44.93 43.75 18.38
CA LEU A 252 -44.49 42.37 18.59
C LEU A 252 -45.15 41.72 19.81
N THR A 253 -45.38 42.49 20.88
CA THR A 253 -46.08 41.94 22.03
C THR A 253 -47.46 41.42 21.62
N GLU A 254 -48.03 41.96 20.55
CA GLU A 254 -49.34 41.50 20.13
C GLU A 254 -49.28 40.11 19.52
N PHE A 255 -48.17 39.76 18.86
CA PHE A 255 -48.05 38.41 18.32
C PHE A 255 -48.10 37.38 19.42
N GLN A 256 -47.37 37.61 20.52
CA GLN A 256 -47.45 36.70 21.66
C GLN A 256 -48.89 36.58 22.14
N THR A 257 -49.52 37.71 22.51
CA THR A 257 -50.83 37.63 23.15
C THR A 257 -51.91 37.13 22.20
N ASN A 258 -51.83 37.46 20.90
CA ASN A 258 -52.84 37.00 19.94
C ASN A 258 -52.66 35.55 19.51
N LEU A 259 -51.43 35.06 19.46
CA LEU A 259 -51.15 33.76 18.87
C LEU A 259 -50.56 32.74 19.86
N VAL A 260 -50.10 33.16 21.04
CA VAL A 260 -49.33 32.27 21.89
C VAL A 260 -49.88 32.27 23.32
N PRO A 261 -50.75 31.31 23.66
CA PRO A 261 -51.24 31.24 25.05
C PRO A 261 -50.19 30.77 26.04
N TYR A 262 -49.37 29.73 25.69
CA TYR A 262 -48.22 29.27 26.47
C TYR A 262 -46.93 29.52 25.73
N PRO A 263 -45.93 30.08 26.41
CA PRO A 263 -44.68 30.47 25.70
C PRO A 263 -43.98 29.32 24.99
N ARG A 264 -44.08 28.08 25.53
CA ARG A 264 -43.38 26.95 24.90
C ARG A 264 -43.95 26.64 23.52
N ILE A 265 -45.27 26.78 23.37
CA ILE A 265 -45.96 26.52 22.12
C ILE A 265 -46.09 27.81 21.33
N HIS A 266 -44.98 28.34 20.81
CA HIS A 266 -45.01 29.63 20.14
C HIS A 266 -44.67 29.51 18.65
N PHE A 267 -45.09 28.41 18.03
CA PHE A 267 -44.85 28.20 16.60
C PHE A 267 -46.16 28.18 15.83
N PRO A 268 -46.66 29.33 15.37
CA PRO A 268 -47.90 29.32 14.60
C PRO A 268 -47.68 28.76 13.20
N LEU A 269 -48.63 27.94 12.76
CA LEU A 269 -48.64 27.51 11.36
C LEU A 269 -49.10 28.64 10.44
N ALA A 270 -48.42 28.83 9.32
CA ALA A 270 -48.77 29.87 8.39
C ALA A 270 -49.32 29.24 7.13
N THR A 271 -50.47 29.73 6.67
CA THR A 271 -51.03 29.32 5.39
C THR A 271 -51.24 30.57 4.57
N TYR A 272 -50.84 30.51 3.29
CA TYR A 272 -50.86 31.66 2.40
C TYR A 272 -51.39 31.29 1.02
N ALA A 273 -52.31 32.11 0.53
CA ALA A 273 -52.87 31.93 -0.81
C ALA A 273 -53.35 33.29 -1.29
N PRO A 274 -53.30 33.56 -2.60
CA PRO A 274 -52.92 32.63 -3.66
C PRO A 274 -51.51 32.81 -4.22
N VAL A 275 -50.98 31.74 -4.81
CA VAL A 275 -49.65 31.72 -5.43
C VAL A 275 -49.86 31.43 -6.91
N ILE A 276 -49.70 32.44 -7.75
CA ILE A 276 -50.10 32.36 -9.14
C ILE A 276 -48.90 32.70 -10.00
N SER A 277 -48.70 31.91 -11.06
CA SER A 277 -47.54 32.08 -11.91
C SER A 277 -47.66 33.31 -12.81
N ALA A 278 -46.58 34.09 -12.90
CA ALA A 278 -46.58 35.26 -13.76
C ALA A 278 -46.60 34.89 -15.24
N GLU A 279 -46.27 33.65 -15.60
CA GLU A 279 -46.37 33.19 -16.98
C GLU A 279 -47.62 32.38 -17.21
N LYS A 280 -48.54 32.37 -16.25
CA LYS A 280 -49.93 31.96 -16.47
C LYS A 280 -50.70 33.24 -16.78
N ALA A 281 -50.66 33.62 -18.07
CA ALA A 281 -50.94 35.01 -18.43
C ALA A 281 -52.43 35.33 -18.36
N TYR A 282 -53.29 34.42 -18.84
CA TYR A 282 -54.72 34.56 -18.60
C TYR A 282 -55.08 33.74 -17.35
N HIS A 283 -55.57 34.43 -16.32
CA HIS A 283 -55.81 33.77 -15.03
C HIS A 283 -57.10 34.31 -14.42
N GLU A 284 -57.94 33.40 -13.89
CA GLU A 284 -59.20 33.78 -13.24
C GLU A 284 -58.93 34.14 -11.80
N GLN A 285 -59.17 35.39 -11.45
CA GLN A 285 -58.81 35.89 -10.13
C GLN A 285 -59.78 35.37 -9.09
N LEU A 286 -59.23 34.86 -8.00
CA LEU A 286 -59.98 34.11 -7.00
C LEU A 286 -60.72 35.02 -6.02
N SER A 287 -61.87 34.54 -5.57
CA SER A 287 -62.74 35.26 -4.65
C SER A 287 -62.14 35.28 -3.25
N VAL A 288 -62.77 36.05 -2.36
CA VAL A 288 -62.44 36.00 -0.94
C VAL A 288 -62.63 34.59 -0.40
N ALA A 289 -63.76 33.97 -0.73
CA ALA A 289 -64.04 32.66 -0.14
C ALA A 289 -63.09 31.60 -0.69
N GLU A 290 -62.74 31.68 -1.97
CA GLU A 290 -61.78 30.76 -2.54
C GLU A 290 -60.42 30.84 -1.82
N ILE A 291 -59.91 32.05 -1.58
CA ILE A 291 -58.60 32.19 -0.94
C ILE A 291 -58.65 31.88 0.56
N THR A 292 -59.74 32.25 1.25
CA THR A 292 -59.91 31.82 2.64
C THR A 292 -60.06 30.31 2.73
N ASN A 293 -60.64 29.69 1.71
CA ASN A 293 -60.76 28.25 1.71
C ASN A 293 -59.39 27.60 1.66
N ALA A 294 -58.55 28.11 0.76
CA ALA A 294 -57.22 27.55 0.55
C ALA A 294 -56.37 27.63 1.80
N CYS A 295 -56.72 28.51 2.75
CA CYS A 295 -56.03 28.60 4.03
C CYS A 295 -56.14 27.34 4.84
N PHE A 296 -56.96 26.39 4.40
CA PHE A 296 -57.17 25.15 5.13
C PHE A 296 -56.75 23.95 4.32
N GLU A 297 -56.31 24.15 3.10
CA GLU A 297 -55.64 23.09 2.37
C GLU A 297 -54.21 22.95 2.90
N PRO A 298 -53.81 21.76 3.36
CA PRO A 298 -52.41 21.56 3.73
C PRO A 298 -51.41 22.02 2.67
N ALA A 299 -51.76 21.96 1.38
CA ALA A 299 -50.80 22.27 0.33
C ALA A 299 -50.50 23.75 0.18
N ASN A 300 -51.01 24.61 1.05
CA ASN A 300 -50.69 26.03 1.06
C ASN A 300 -49.95 26.46 2.32
N GLN A 301 -49.74 25.52 3.24
CA GLN A 301 -49.15 25.81 4.53
C GLN A 301 -47.64 25.92 4.43
N MET A 302 -47.07 26.78 5.26
CA MET A 302 -45.61 26.90 5.30
CA MET A 302 -45.61 26.90 5.30
C MET A 302 -44.95 25.67 5.88
N VAL A 303 -45.74 24.73 6.42
CA VAL A 303 -45.24 23.49 6.99
C VAL A 303 -46.28 22.44 6.68
N LYS A 304 -45.90 21.36 6.00
CA LYS A 304 -46.92 20.37 5.65
C LYS A 304 -47.27 19.56 6.89
N CYS A 305 -48.52 19.66 7.28
CA CYS A 305 -49.07 18.94 8.41
C CYS A 305 -50.58 18.93 8.21
N ASP A 306 -51.28 18.24 9.09
CA ASP A 306 -52.71 18.06 8.89
C ASP A 306 -53.42 18.71 10.07
N PRO A 307 -53.71 20.02 10.01
CA PRO A 307 -54.44 20.69 11.09
C PRO A 307 -55.76 20.01 11.47
N ARG A 308 -56.29 19.14 10.60
CA ARG A 308 -57.49 18.39 10.98
C ARG A 308 -57.26 17.44 12.16
N HIS A 309 -56.02 17.07 12.45
CA HIS A 309 -55.84 16.17 13.57
C HIS A 309 -55.08 16.85 14.69
N GLY A 310 -55.55 18.03 15.06
CA GLY A 310 -55.15 18.71 16.27
C GLY A 310 -56.16 19.80 16.57
N LYS A 311 -55.87 20.55 17.61
CA LYS A 311 -56.74 21.63 18.01
C LYS A 311 -56.09 22.98 17.72
N TYR A 312 -56.94 23.99 17.53
CA TYR A 312 -56.46 25.37 17.38
C TYR A 312 -56.37 26.04 18.74
N MET A 313 -55.60 27.11 18.80
CA MET A 313 -55.51 27.93 20.02
C MET A 313 -55.53 29.40 19.70
N ALA A 314 -55.60 29.76 18.43
CA ALA A 314 -55.72 31.12 17.94
C ALA A 314 -55.75 31.07 16.43
N CYS A 315 -56.58 31.89 15.81
CA CYS A 315 -56.59 32.00 14.37
C CYS A 315 -56.45 33.46 14.05
N CYS A 316 -55.60 33.77 13.09
CA CYS A 316 -55.38 35.14 12.66
C CYS A 316 -55.48 35.15 11.15
N LEU A 317 -56.27 36.05 10.61
CA LEU A 317 -56.35 36.18 9.17
C LEU A 317 -55.87 37.58 8.80
N LEU A 318 -55.03 37.66 7.79
CA LEU A 318 -54.50 38.93 7.35
C LEU A 318 -54.73 39.00 5.84
N TYR A 319 -55.55 39.96 5.41
CA TYR A 319 -55.94 40.09 4.02
C TYR A 319 -55.27 41.32 3.42
N ARG A 320 -54.69 41.15 2.24
CA ARG A 320 -54.10 42.23 1.47
C ARG A 320 -54.85 42.27 0.15
N GLY A 321 -55.44 43.42 -0.16
CA GLY A 321 -56.15 43.58 -1.41
C GLY A 321 -57.62 43.89 -1.24
N ASP A 322 -58.37 43.57 -2.29
CA ASP A 322 -59.80 43.86 -2.40
C ASP A 322 -60.55 42.90 -1.50
N VAL A 323 -60.64 43.25 -0.22
CA VAL A 323 -61.35 42.45 0.75
C VAL A 323 -62.19 43.39 1.61
N VAL A 324 -63.42 42.99 1.87
CA VAL A 324 -64.30 43.70 2.79
C VAL A 324 -64.73 42.70 3.86
N PRO A 325 -65.05 43.15 5.08
CA PRO A 325 -65.39 42.19 6.14
C PRO A 325 -66.55 41.26 5.80
N LYS A 326 -67.58 41.75 5.09
CA LYS A 326 -68.72 40.88 4.80
C LYS A 326 -68.30 39.63 4.06
N ASP A 327 -67.43 39.77 3.05
CA ASP A 327 -67.01 38.59 2.30
C ASP A 327 -66.31 37.59 3.21
N VAL A 328 -65.64 38.07 4.26
CA VAL A 328 -64.86 37.21 5.14
C VAL A 328 -65.76 36.38 6.05
N ASN A 329 -66.77 37.00 6.65
CA ASN A 329 -67.66 36.21 7.50
C ASN A 329 -68.54 35.28 6.66
N ALA A 330 -68.80 35.65 5.40
CA ALA A 330 -69.50 34.73 4.50
C ALA A 330 -68.63 33.52 4.17
N ALA A 331 -67.33 33.73 3.93
CA ALA A 331 -66.44 32.61 3.69
C ALA A 331 -66.21 31.78 4.95
N ILE A 332 -66.10 32.44 6.11
CA ILE A 332 -65.95 31.75 7.39
C ILE A 332 -67.21 30.95 7.74
N ALA A 333 -68.38 31.49 7.44
CA ALA A 333 -69.62 30.74 7.60
C ALA A 333 -69.60 29.45 6.80
N THR A 334 -69.27 29.54 5.51
CA THR A 334 -69.15 28.35 4.67
C THR A 334 -68.13 27.37 5.24
N ILE A 335 -66.92 27.86 5.49
CA ILE A 335 -65.81 26.98 5.83
C ILE A 335 -66.02 26.32 7.19
N LYS A 336 -66.75 26.98 8.11
CA LYS A 336 -67.01 26.36 9.42
C LYS A 336 -67.81 25.07 9.25
N THR A 337 -68.82 25.10 8.38
CA THR A 337 -69.56 23.89 8.05
C THR A 337 -68.62 22.86 7.39
N LYS A 338 -68.16 23.18 6.16
CA LYS A 338 -67.44 22.21 5.31
C LYS A 338 -66.30 21.48 6.03
N ARG A 339 -65.63 22.14 6.96
CA ARG A 339 -64.32 21.69 7.42
C ARG A 339 -64.30 21.42 8.91
N SER A 340 -63.57 20.36 9.27
CA SER A 340 -63.24 20.05 10.65
C SER A 340 -62.28 21.12 11.16
N ILE A 341 -62.75 21.99 12.06
CA ILE A 341 -61.92 23.07 12.60
C ILE A 341 -62.13 23.17 14.11
N GLN A 342 -61.48 22.29 14.85
CA GLN A 342 -61.75 22.08 16.26
C GLN A 342 -60.74 22.87 17.10
N PHE A 343 -61.23 23.87 17.83
CA PHE A 343 -60.43 24.60 18.82
C PHE A 343 -60.35 23.84 20.14
N VAL A 344 -59.45 24.32 20.99
CA VAL A 344 -59.31 23.73 22.32
C VAL A 344 -60.48 24.19 23.17
N ASP A 345 -60.91 23.31 24.10
CA ASP A 345 -62.11 23.56 24.87
C ASP A 345 -62.07 24.94 25.52
N TRP A 346 -60.89 25.34 26.00
CA TRP A 346 -60.71 26.56 26.78
C TRP A 346 -60.35 27.77 25.92
N CYS A 347 -60.61 27.73 24.62
CA CYS A 347 -60.37 28.88 23.76
C CYS A 347 -61.60 29.16 22.91
N PRO A 348 -61.79 30.41 22.50
CA PRO A 348 -62.92 30.73 21.63
C PRO A 348 -62.63 30.24 20.23
N THR A 349 -63.59 29.54 19.64
CA THR A 349 -63.56 29.36 18.18
C THR A 349 -63.75 30.73 17.56
N GLY A 350 -62.74 31.22 16.84
CA GLY A 350 -62.85 32.56 16.32
C GLY A 350 -61.59 33.03 15.63
N PHE A 351 -61.77 34.05 14.80
CA PHE A 351 -60.71 34.58 13.94
C PHE A 351 -60.50 36.05 14.24
N LYS A 352 -59.27 36.42 14.60
CA LYS A 352 -58.86 37.81 14.57
C LYS A 352 -58.42 38.12 13.15
N VAL A 353 -59.08 39.09 12.54
CA VAL A 353 -58.95 39.37 11.11
C VAL A 353 -58.40 40.77 10.92
N GLY A 354 -57.55 40.95 9.92
CA GLY A 354 -57.06 42.26 9.55
C GLY A 354 -57.05 42.39 8.05
N ILE A 355 -57.39 43.56 7.55
CA ILE A 355 -57.40 43.84 6.11
C ILE A 355 -56.57 45.08 5.86
N ASN A 356 -55.60 44.98 4.97
CA ASN A 356 -54.97 46.15 4.37
C ASN A 356 -55.40 46.21 2.92
N TYR A 357 -55.80 47.40 2.48
CA TYR A 357 -56.38 47.50 1.14
C TYR A 357 -55.34 47.50 0.03
N GLN A 358 -54.08 47.92 0.31
CA GLN A 358 -53.01 47.77 -0.70
C GLN A 358 -52.79 46.28 -0.95
N PRO A 359 -53.08 45.81 -2.16
CA PRO A 359 -52.88 44.39 -2.49
C PRO A 359 -51.40 44.06 -2.53
N PRO A 360 -51.03 42.78 -2.54
CA PRO A 360 -49.61 42.43 -2.44
C PRO A 360 -48.79 43.01 -3.59
N THR A 361 -47.60 43.49 -3.24
CA THR A 361 -46.64 43.89 -4.26
C THR A 361 -45.81 42.69 -4.70
N VAL A 362 -45.60 42.55 -6.00
CA VAL A 362 -44.75 41.50 -6.51
C VAL A 362 -43.54 42.11 -7.22
N VAL A 363 -42.39 41.48 -7.03
CA VAL A 363 -41.14 42.01 -7.59
C VAL A 363 -41.23 42.05 -9.11
N PRO A 364 -41.08 43.23 -9.73
CA PRO A 364 -41.12 43.32 -11.20
C PRO A 364 -40.23 42.30 -11.88
N GLY A 365 -40.83 41.48 -12.75
CA GLY A 365 -40.11 40.40 -13.38
C GLY A 365 -39.83 39.24 -12.48
N GLY A 366 -40.49 39.16 -11.34
CA GLY A 366 -40.46 37.97 -10.50
C GLY A 366 -41.32 36.87 -11.09
N ASP A 367 -41.66 35.92 -10.23
CA ASP A 367 -42.33 34.70 -10.64
C ASP A 367 -43.79 34.67 -10.23
N LEU A 368 -44.17 35.44 -9.22
CA LEU A 368 -45.55 35.51 -8.77
C LEU A 368 -46.26 36.57 -9.58
N ALA A 369 -47.41 36.20 -10.13
CA ALA A 369 -48.37 37.17 -10.64
C ALA A 369 -48.94 38.00 -9.49
N LYS A 370 -49.28 39.25 -9.79
CA LYS A 370 -49.96 40.11 -8.82
C LYS A 370 -51.43 39.74 -8.78
N VAL A 371 -51.97 39.62 -7.58
CA VAL A 371 -53.34 39.16 -7.43
C VAL A 371 -54.15 40.25 -6.76
N GLN A 372 -55.45 40.23 -7.03
CA GLN A 372 -56.33 41.30 -6.59
C GLN A 372 -56.52 41.28 -5.09
N ARG A 373 -56.42 40.10 -4.49
CA ARG A 373 -56.61 39.94 -3.06
C ARG A 373 -55.83 38.71 -2.64
N ALA A 374 -55.23 38.79 -1.46
CA ALA A 374 -54.49 37.67 -0.91
C ALA A 374 -54.74 37.60 0.58
N VAL A 375 -54.55 36.41 1.14
CA VAL A 375 -54.70 36.19 2.57
C VAL A 375 -53.45 35.47 3.08
N CYS A 376 -53.17 35.66 4.36
CA CYS A 376 -52.20 34.86 5.07
C CYS A 376 -52.81 34.55 6.42
N MET A 377 -52.88 33.26 6.76
CA MET A 377 -53.50 32.82 8.00
C MET A 377 -52.42 32.36 8.96
N LEU A 378 -52.41 32.93 10.16
CA LEU A 378 -51.58 32.46 11.26
C LEU A 378 -52.44 31.69 12.22
N SER A 379 -52.29 30.37 12.24
CA SER A 379 -53.03 29.50 13.14
C SER A 379 -52.07 28.83 14.10
N ASN A 380 -52.38 28.90 15.38
CA ASN A 380 -51.61 28.14 16.37
C ASN A 380 -52.29 26.79 16.53
N THR A 381 -51.96 25.85 15.65
CA THR A 381 -52.51 24.50 15.69
C THR A 381 -51.47 23.50 16.22
N THR A 382 -51.93 22.55 17.04
CA THR A 382 -51.03 21.51 17.57
C THR A 382 -50.53 20.55 16.49
N ALA A 383 -51.05 20.63 15.26
CA ALA A 383 -50.57 19.72 14.23
C ALA A 383 -49.19 20.08 13.72
N ILE A 384 -48.66 21.24 14.10
CA ILE A 384 -47.28 21.58 13.76
C ILE A 384 -46.29 20.68 14.47
N ALA A 385 -46.70 20.02 15.55
CA ALA A 385 -45.83 19.03 16.19
C ALA A 385 -45.42 17.91 15.26
N GLU A 386 -46.16 17.69 14.15
CA GLU A 386 -45.73 16.72 13.15
C GLU A 386 -44.33 17.04 12.65
N ALA A 387 -43.98 18.32 12.55
CA ALA A 387 -42.66 18.70 12.06
C ALA A 387 -41.58 18.42 13.10
N TRP A 388 -41.91 18.54 14.39
CA TRP A 388 -40.96 18.12 15.41
C TRP A 388 -40.75 16.61 15.35
N ALA A 389 -41.85 15.84 15.31
CA ALA A 389 -41.71 14.40 15.27
C ALA A 389 -40.83 13.97 14.10
N ARG A 390 -41.04 14.55 12.93
CA ARG A 390 -40.18 14.27 11.78
C ARG A 390 -38.73 14.55 12.14
N LEU A 391 -38.45 15.79 12.55
CA LEU A 391 -37.09 16.21 12.92
C LEU A 391 -36.50 15.31 13.98
N ASP A 392 -37.23 15.08 15.08
CA ASP A 392 -36.72 14.29 16.19
C ASP A 392 -36.43 12.86 15.78
N HIS A 393 -37.19 12.30 14.83
CA HIS A 393 -36.90 10.95 14.38
C HIS A 393 -35.57 10.91 13.64
N LYS A 394 -35.40 11.78 12.64
CA LYS A 394 -34.14 11.84 11.92
C LYS A 394 -32.98 12.00 12.90
N PHE A 395 -33.20 12.77 13.97
CA PHE A 395 -32.19 12.93 15.01
C PHE A 395 -31.95 11.61 15.76
N ASP A 396 -33.02 10.91 16.14
CA ASP A 396 -32.85 9.63 16.83
C ASP A 396 -32.06 8.64 15.98
N LEU A 397 -32.37 8.57 14.68
CA LEU A 397 -31.72 7.58 13.81
C LEU A 397 -30.20 7.70 13.87
N MET A 398 -29.69 8.92 13.75
CA MET A 398 -28.26 9.19 13.70
C MET A 398 -27.63 9.06 15.07
N TYR A 399 -28.28 9.66 16.09
CA TYR A 399 -27.68 9.74 17.41
C TYR A 399 -27.67 8.41 18.13
N ALA A 400 -28.42 7.43 17.65
CA ALA A 400 -28.36 6.11 18.26
C ALA A 400 -27.06 5.40 17.91
N LYS A 401 -26.39 5.81 16.82
CA LYS A 401 -25.06 5.34 16.50
C LYS A 401 -24.04 6.43 16.75
N ARG A 402 -24.45 7.54 17.35
CA ARG A 402 -23.59 8.68 17.56
C ARG A 402 -23.01 9.23 16.26
N ALA A 403 -23.67 9.01 15.12
CA ALA A 403 -23.11 9.47 13.85
C ALA A 403 -22.79 10.95 13.93
N PHE A 404 -21.62 11.34 13.43
CA PHE A 404 -21.23 12.75 13.34
C PHE A 404 -21.11 13.47 14.68
N VAL A 405 -21.36 12.80 15.81
CA VAL A 405 -21.27 13.47 17.10
C VAL A 405 -19.87 14.04 17.33
N HIS A 406 -18.84 13.31 16.88
CA HIS A 406 -17.46 13.72 17.13
C HIS A 406 -17.16 15.10 16.57
N TRP A 407 -17.89 15.55 15.53
CA TRP A 407 -17.61 16.88 15.02
C TRP A 407 -18.01 17.94 16.03
N TYR A 408 -18.97 17.63 16.90
CA TYR A 408 -19.47 18.57 17.89
C TYR A 408 -18.60 18.57 19.14
N VAL A 409 -18.28 17.37 19.64
CA VAL A 409 -17.35 17.26 20.77
C VAL A 409 -16.05 17.93 20.44
N GLY A 410 -15.56 17.76 19.22
CA GLY A 410 -14.32 18.39 18.81
C GLY A 410 -14.33 19.89 18.95
N GLU A 411 -15.51 20.47 19.13
CA GLU A 411 -15.64 21.91 19.29
C GLU A 411 -15.92 22.34 20.72
N GLY A 412 -16.08 21.41 21.64
CA GLY A 412 -16.26 21.73 23.04
C GLY A 412 -17.55 21.24 23.61
N MET A 413 -18.55 21.04 22.76
CA MET A 413 -19.82 20.51 23.19
C MET A 413 -19.63 19.10 23.75
N GLU A 414 -20.64 18.63 24.49
CA GLU A 414 -20.60 17.32 25.11
C GLU A 414 -21.85 16.54 24.76
N GLU A 415 -21.70 15.24 24.51
CA GLU A 415 -22.84 14.40 24.14
C GLU A 415 -24.03 14.71 25.03
N GLY A 416 -23.78 15.15 26.26
CA GLY A 416 -24.88 15.43 27.17
C GLY A 416 -25.80 16.52 26.64
N GLU A 417 -25.22 17.60 26.09
CA GLU A 417 -26.03 18.64 25.46
C GLU A 417 -26.85 18.07 24.31
N PHE A 418 -26.42 16.97 23.69
CA PHE A 418 -27.28 16.31 22.72
C PHE A 418 -28.53 15.74 23.36
N SER A 419 -28.36 14.91 24.40
CA SER A 419 -29.48 14.23 25.03
C SER A 419 -30.28 15.15 25.94
N GLU A 420 -29.68 16.25 26.39
CA GLU A 420 -30.43 17.29 27.06
C GLU A 420 -31.38 17.98 26.09
N ALA A 421 -30.87 18.34 24.92
CA ALA A 421 -31.68 18.99 23.89
C ALA A 421 -32.72 18.03 23.31
N ARG A 422 -32.44 16.75 23.30
CA ARG A 422 -33.45 15.83 22.80
C ARG A 422 -34.55 15.56 23.82
N GLU A 423 -34.25 15.68 25.12
CA GLU A 423 -35.30 15.49 26.12
C GLU A 423 -36.22 16.72 26.15
N ASP A 424 -35.63 17.92 25.97
CA ASP A 424 -36.45 19.11 25.80
C ASP A 424 -37.47 18.93 24.69
N MET A 425 -37.03 18.46 23.52
CA MET A 425 -37.95 18.21 22.41
C MET A 425 -38.92 17.09 22.73
N ALA A 426 -38.52 16.11 23.55
CA ALA A 426 -39.47 15.09 23.98
C ALA A 426 -40.57 15.74 24.80
N ALA A 427 -40.20 16.67 25.67
CA ALA A 427 -41.20 17.41 26.42
C ALA A 427 -42.04 18.32 25.53
N LEU A 428 -41.43 18.95 24.53
CA LEU A 428 -42.20 19.77 23.60
C LEU A 428 -43.17 18.93 22.80
N GLU A 429 -42.79 17.69 22.48
CA GLU A 429 -43.77 16.81 21.85
C GLU A 429 -44.88 16.41 22.82
N LYS A 430 -44.61 16.27 24.13
CA LYS A 430 -45.70 15.90 25.05
C LYS A 430 -46.68 17.05 25.22
N ASP A 431 -46.16 18.26 25.44
CA ASP A 431 -46.94 19.49 25.44
C ASP A 431 -47.97 19.48 24.32
N TYR A 432 -47.50 19.35 23.08
CA TYR A 432 -48.41 19.33 21.94
C TYR A 432 -49.43 18.21 22.02
N GLU A 433 -49.11 17.12 22.71
CA GLU A 433 -50.07 16.03 22.73
C GLU A 433 -51.13 16.24 23.81
N GLU A 434 -50.72 16.80 24.96
CA GLU A 434 -51.69 17.21 25.96
C GLU A 434 -52.76 18.08 25.31
N VAL A 435 -52.35 19.28 24.86
CA VAL A 435 -53.27 20.25 24.26
C VAL A 435 -54.12 19.70 23.13
N GLY A 436 -53.79 18.54 22.56
CA GLY A 436 -54.32 18.18 21.26
C GLY A 436 -55.24 16.98 21.12
N VAL A 437 -55.24 16.08 22.11
CA VAL A 437 -56.03 14.85 22.06
C VAL A 437 -56.62 14.58 23.44
N ASP A 438 -57.57 13.66 23.48
CA ASP A 438 -58.22 13.25 24.74
C ASP A 438 -58.04 11.76 25.00
N MET B 1 -11.01 33.09 1.66
CA MET B 1 -11.02 32.92 0.21
C MET B 1 -10.54 31.50 -0.07
N ARG B 2 -10.38 30.75 1.03
CA ARG B 2 -10.42 29.30 1.09
C ARG B 2 -9.46 28.59 0.12
N GLU B 3 -8.15 28.77 0.31
CA GLU B 3 -7.20 28.05 -0.54
C GLU B 3 -6.86 26.71 0.05
N ILE B 4 -6.45 25.87 -0.87
CA ILE B 4 -5.82 24.61 -0.57
C ILE B 4 -4.37 24.76 -0.97
N VAL B 5 -3.49 24.09 -0.21
CA VAL B 5 -2.12 23.88 -0.60
C VAL B 5 -2.02 22.46 -1.09
N HIS B 6 -1.64 22.29 -2.33
CA HIS B 6 -1.50 20.97 -2.88
C HIS B 6 -0.07 20.49 -2.75
N ILE B 7 0.10 19.23 -2.33
CA ILE B 7 1.41 18.64 -2.20
C ILE B 7 1.41 17.31 -2.92
N GLN B 8 2.32 17.14 -3.86
CA GLN B 8 2.54 15.86 -4.51
C GLN B 8 3.90 15.34 -4.11
N ALA B 9 3.95 14.06 -3.77
CA ALA B 9 5.09 13.46 -3.08
C ALA B 9 5.39 12.11 -3.70
N GLY B 10 6.61 11.95 -4.18
CA GLY B 10 7.07 10.67 -4.67
C GLY B 10 6.86 10.54 -6.16
N GLN B 11 7.15 9.33 -6.65
CA GLN B 11 7.03 9.10 -8.08
C GLN B 11 5.57 9.18 -8.50
N CYS B 12 4.76 8.25 -7.97
CA CYS B 12 3.33 8.25 -8.25
C CYS B 12 2.67 9.59 -7.88
N GLY B 13 3.05 10.17 -6.75
CA GLY B 13 2.45 11.43 -6.35
C GLY B 13 2.62 12.48 -7.41
N ASN B 14 3.86 12.69 -7.86
CA ASN B 14 4.13 13.79 -8.77
C ASN B 14 3.73 13.51 -10.20
N GLN B 15 3.62 12.24 -10.58
CA GLN B 15 3.10 11.94 -11.90
C GLN B 15 1.60 12.21 -11.96
N ILE B 16 0.88 11.80 -10.93
CA ILE B 16 -0.55 12.08 -10.90
C ILE B 16 -0.79 13.55 -10.62
N GLY B 17 -0.09 14.11 -9.65
CA GLY B 17 -0.16 15.54 -9.45
C GLY B 17 0.04 16.31 -10.74
N ALA B 18 0.98 15.85 -11.59
CA ALA B 18 1.30 16.57 -12.80
C ALA B 18 0.12 16.62 -13.76
N LYS B 19 -0.47 15.46 -14.07
CA LYS B 19 -1.63 15.47 -14.96
C LYS B 19 -2.79 16.27 -14.37
N PHE B 20 -3.05 16.11 -13.06
CA PHE B 20 -4.13 16.86 -12.46
C PHE B 20 -4.00 18.35 -12.73
N TRP B 21 -2.79 18.86 -12.73
CA TRP B 21 -2.65 20.30 -12.91
C TRP B 21 -2.79 20.68 -14.37
N GLU B 22 -2.33 19.84 -15.29
CA GLU B 22 -2.62 20.14 -16.68
C GLU B 22 -4.10 19.94 -16.98
N VAL B 23 -4.73 18.93 -16.37
CA VAL B 23 -6.13 18.65 -16.64
C VAL B 23 -7.00 19.82 -16.23
N ILE B 24 -6.77 20.34 -15.02
CA ILE B 24 -7.59 21.44 -14.54
C ILE B 24 -7.06 22.80 -14.96
N SER B 25 -5.78 22.92 -15.31
CA SER B 25 -5.37 24.20 -15.87
C SER B 25 -6.01 24.41 -17.23
N ASP B 26 -6.19 23.34 -17.99
CA ASP B 26 -7.03 23.38 -19.18
C ASP B 26 -8.46 23.77 -18.83
N GLU B 27 -8.97 23.27 -17.72
CA GLU B 27 -10.34 23.58 -17.33
C GLU B 27 -10.49 25.02 -16.87
N HIS B 28 -9.40 25.70 -16.54
CA HIS B 28 -9.49 27.06 -16.02
C HIS B 28 -8.93 28.08 -16.98
N GLY B 29 -8.55 27.65 -18.19
CA GLY B 29 -8.09 28.54 -19.23
C GLY B 29 -6.63 28.92 -19.15
N ILE B 30 -5.85 28.29 -18.26
CA ILE B 30 -4.44 28.62 -18.08
C ILE B 30 -3.62 27.79 -19.05
N ASP B 31 -2.69 28.44 -19.75
CA ASP B 31 -1.80 27.79 -20.72
C ASP B 31 -0.54 27.30 -20.04
N PRO B 32 0.27 26.52 -20.74
CA PRO B 32 1.50 25.98 -20.11
C PRO B 32 2.46 27.05 -19.58
N THR B 33 2.30 28.31 -19.99
CA THR B 33 3.11 29.40 -19.45
C THR B 33 2.48 30.03 -18.21
N GLY B 34 1.29 29.60 -17.80
CA GLY B 34 0.61 30.19 -16.67
C GLY B 34 -0.31 31.35 -17.00
N SER B 35 -0.61 31.58 -18.29
CA SER B 35 -1.41 32.71 -18.74
C SER B 35 -2.83 32.27 -19.08
N TYR B 36 -3.81 33.06 -18.61
CA TYR B 36 -5.22 32.72 -18.76
C TYR B 36 -5.74 33.10 -20.14
N HIS B 37 -6.30 32.15 -20.87
CA HIS B 37 -6.89 32.40 -22.18
C HIS B 37 -8.20 31.63 -22.34
N GLY B 38 -9.12 31.83 -21.38
CA GLY B 38 -10.41 31.18 -21.40
C GLY B 38 -11.52 32.13 -21.84
N ASP B 39 -12.70 31.54 -22.10
CA ASP B 39 -13.85 32.33 -22.52
C ASP B 39 -14.61 32.87 -21.31
N SER B 40 -15.20 31.99 -20.51
CA SER B 40 -16.01 32.38 -19.37
C SER B 40 -15.17 33.07 -18.29
N ASP B 41 -15.87 33.51 -17.26
CA ASP B 41 -15.27 34.01 -16.04
C ASP B 41 -15.67 33.16 -14.83
N LEU B 42 -16.55 32.18 -15.03
CA LEU B 42 -16.71 31.12 -14.04
C LEU B 42 -15.44 30.28 -13.93
N GLN B 43 -14.64 30.25 -15.01
CA GLN B 43 -13.30 29.68 -14.98
C GLN B 43 -12.38 30.39 -13.98
N LEU B 44 -12.76 31.57 -13.51
CA LEU B 44 -11.88 32.39 -12.70
C LEU B 44 -12.51 32.80 -11.37
N GLU B 45 -13.69 32.29 -11.04
CA GLU B 45 -14.32 32.75 -9.82
C GLU B 45 -13.69 32.10 -8.59
N ARG B 46 -13.55 30.78 -8.61
CA ARG B 46 -12.88 30.06 -7.54
C ARG B 46 -11.40 29.78 -7.86
N ILE B 47 -10.83 30.49 -8.84
CA ILE B 47 -9.48 30.19 -9.30
C ILE B 47 -8.49 30.25 -8.14
N ASN B 48 -8.69 31.19 -7.21
CA ASN B 48 -7.67 31.36 -6.17
CA ASN B 48 -7.76 31.40 -6.11
C ASN B 48 -7.57 30.17 -5.22
N VAL B 49 -8.49 29.21 -5.30
CA VAL B 49 -8.41 28.06 -4.41
C VAL B 49 -7.21 27.20 -4.74
N TYR B 50 -6.87 27.09 -6.03
CA TYR B 50 -5.76 26.26 -6.47
C TYR B 50 -4.58 27.04 -7.02
N TYR B 51 -4.76 28.30 -7.43
CA TYR B 51 -3.70 29.09 -8.04
C TYR B 51 -3.46 30.37 -7.26
N ASN B 52 -2.18 30.70 -7.05
CA ASN B 52 -1.77 32.03 -6.63
C ASN B 52 -1.66 32.94 -7.85
N GLU B 53 -1.83 34.24 -7.64
CA GLU B 53 -1.75 35.24 -8.70
C GLU B 53 -0.32 35.76 -8.83
N ALA B 54 0.05 36.19 -10.05
CA ALA B 54 1.47 36.30 -10.36
C ALA B 54 1.91 37.60 -11.06
N THR B 55 2.90 37.45 -11.95
CA THR B 55 3.62 38.48 -12.71
C THR B 55 2.73 39.63 -13.16
N GLY B 56 2.39 39.62 -14.46
CA GLY B 56 1.26 40.36 -14.97
C GLY B 56 0.03 39.53 -14.67
N ASN B 57 -0.11 39.17 -13.39
CA ASN B 57 -1.15 38.29 -12.87
C ASN B 57 -1.38 37.09 -13.79
N LYS B 58 -0.30 36.29 -13.92
CA LYS B 58 -0.41 34.91 -14.35
C LYS B 58 -0.87 34.08 -13.15
N TYR B 59 -0.91 32.76 -13.31
CA TYR B 59 -1.33 31.91 -12.21
C TYR B 59 -0.32 30.79 -12.03
N VAL B 60 0.26 30.74 -10.84
CA VAL B 60 1.08 29.61 -10.42
C VAL B 60 0.22 28.74 -9.52
N PRO B 61 0.20 27.42 -9.74
CA PRO B 61 -0.40 26.52 -8.77
C PRO B 61 0.09 26.75 -7.34
N ARG B 62 -0.77 26.46 -6.37
CA ARG B 62 -0.35 26.43 -4.98
C ARG B 62 0.12 25.01 -4.63
N ALA B 63 1.06 24.53 -5.43
CA ALA B 63 1.53 23.16 -5.39
C ALA B 63 2.99 23.09 -4.95
N ILE B 64 3.28 22.08 -4.17
CA ILE B 64 4.63 21.80 -3.72
C ILE B 64 5.01 20.43 -4.24
N LEU B 65 6.08 20.36 -5.00
CA LEU B 65 6.54 19.11 -5.57
C LEU B 65 7.64 18.56 -4.68
N VAL B 66 7.45 17.35 -4.18
CA VAL B 66 8.34 16.74 -3.20
C VAL B 66 8.80 15.38 -3.70
N ASP B 67 10.12 15.14 -3.65
CA ASP B 67 10.62 13.80 -3.88
C ASP B 67 11.99 13.66 -3.22
N LEU B 68 12.45 12.43 -3.09
CA LEU B 68 13.75 12.15 -2.52
C LEU B 68 14.78 11.78 -3.59
N GLU B 69 14.34 11.76 -4.84
CA GLU B 69 15.17 11.72 -6.04
C GLU B 69 14.67 12.82 -6.94
N PRO B 70 15.51 13.27 -7.88
CA PRO B 70 15.05 14.32 -8.79
C PRO B 70 14.40 13.78 -10.05
N GLY B 71 14.60 12.50 -10.36
CA GLY B 71 14.16 11.93 -11.63
C GLY B 71 12.76 12.28 -12.07
N THR B 72 11.75 11.86 -11.30
CA THR B 72 10.37 12.21 -11.61
C THR B 72 10.18 13.71 -11.72
N MET B 73 10.86 14.49 -10.88
CA MET B 73 10.57 15.91 -10.86
C MET B 73 11.19 16.64 -12.04
N ASP B 74 12.41 16.29 -12.43
CA ASP B 74 12.92 16.80 -13.70
C ASP B 74 11.96 16.46 -14.82
N SER B 75 11.45 15.23 -14.81
CA SER B 75 10.49 14.81 -15.80
C SER B 75 9.23 15.68 -15.79
N VAL B 76 8.73 16.02 -14.60
CA VAL B 76 7.57 16.91 -14.53
C VAL B 76 7.88 18.24 -15.17
N ARG B 77 8.98 18.87 -14.74
CA ARG B 77 9.23 20.25 -15.13
C ARG B 77 9.69 20.35 -16.58
N SER B 78 10.19 19.28 -17.16
CA SER B 78 10.45 19.27 -18.59
C SER B 78 9.25 18.79 -19.40
N GLY B 79 8.19 18.39 -18.72
CA GLY B 79 6.95 17.98 -19.35
C GLY B 79 6.13 19.18 -19.74
N PRO B 80 4.87 18.94 -20.10
CA PRO B 80 4.01 20.03 -20.63
C PRO B 80 3.90 21.25 -19.72
N PHE B 81 2.93 21.21 -18.84
CA PHE B 81 2.73 22.34 -17.97
C PHE B 81 3.83 22.47 -16.88
N GLY B 82 4.96 21.76 -16.99
CA GLY B 82 6.01 21.83 -15.98
C GLY B 82 6.55 23.22 -15.74
N GLN B 83 6.31 24.13 -16.67
CA GLN B 83 6.76 25.50 -16.50
C GLN B 83 5.88 26.29 -15.55
N ILE B 84 4.61 25.90 -15.37
CA ILE B 84 3.74 26.71 -14.53
C ILE B 84 4.11 26.58 -13.08
N PHE B 85 4.80 25.50 -12.69
CA PHE B 85 5.08 25.27 -11.29
C PHE B 85 6.18 26.20 -10.81
N ARG B 86 5.96 26.82 -9.64
CA ARG B 86 6.94 27.72 -9.04
C ARG B 86 8.25 26.95 -8.79
N PRO B 87 9.35 27.30 -9.48
CA PRO B 87 10.58 26.51 -9.32
C PRO B 87 11.06 26.39 -7.88
N ASP B 88 10.88 27.42 -7.06
CA ASP B 88 11.19 27.28 -5.64
C ASP B 88 10.40 26.16 -4.99
N ASN B 89 9.24 25.80 -5.55
CA ASN B 89 8.37 24.79 -4.95
C ASN B 89 8.73 23.38 -5.36
N PHE B 90 9.93 23.20 -5.91
CA PHE B 90 10.49 21.90 -6.24
C PHE B 90 11.46 21.53 -5.13
N VAL B 91 11.00 20.74 -4.17
CA VAL B 91 11.81 20.31 -3.04
C VAL B 91 12.16 18.85 -3.23
N PHE B 92 13.46 18.53 -3.27
CA PHE B 92 13.91 17.18 -3.60
C PHE B 92 15.27 16.88 -2.97
N GLY B 93 15.39 15.67 -2.42
CA GLY B 93 16.68 15.11 -2.08
C GLY B 93 17.27 14.35 -3.25
N GLN B 94 18.33 13.59 -2.97
CA GLN B 94 19.06 12.91 -4.03
C GLN B 94 19.13 11.40 -3.88
N SER B 95 19.13 10.88 -2.65
CA SER B 95 19.37 9.46 -2.41
C SER B 95 18.19 8.57 -2.79
N GLY B 96 16.97 9.08 -2.80
CA GLY B 96 15.81 8.22 -2.95
C GLY B 96 15.46 7.47 -1.68
N ALA B 97 14.31 6.82 -1.67
CA ALA B 97 13.87 6.08 -0.49
C ALA B 97 13.68 4.60 -0.79
N GLY B 98 14.13 4.14 -1.95
CA GLY B 98 14.28 2.71 -2.15
C GLY B 98 13.03 1.91 -1.91
N ASN B 99 11.87 2.47 -2.23
CA ASN B 99 10.61 1.76 -2.00
C ASN B 99 10.46 1.32 -0.54
N ASN B 100 10.98 2.13 0.38
CA ASN B 100 11.14 1.73 1.78
C ASN B 100 10.50 2.77 2.65
N TRP B 101 9.36 2.41 3.28
CA TRP B 101 8.60 3.33 4.13
C TRP B 101 9.51 4.01 5.14
N ALA B 102 10.35 3.21 5.81
CA ALA B 102 11.25 3.73 6.84
C ALA B 102 12.20 4.78 6.29
N LYS B 103 12.68 4.62 5.07
CA LYS B 103 13.57 5.64 4.53
C LYS B 103 12.82 6.93 4.32
N GLY B 104 11.55 6.83 3.90
CA GLY B 104 10.73 8.01 3.68
C GLY B 104 10.34 8.67 4.99
N HIS B 105 10.04 7.87 6.02
CA HIS B 105 9.41 8.41 7.23
C HIS B 105 10.40 8.74 8.33
N TYR B 106 11.54 8.06 8.38
CA TYR B 106 12.43 8.08 9.53
C TYR B 106 13.84 8.54 9.25
N THR B 107 14.37 8.28 8.06
CA THR B 107 15.78 8.55 7.78
C THR B 107 15.91 9.54 6.63
N GLU B 108 15.76 9.07 5.39
CA GLU B 108 15.91 9.96 4.24
C GLU B 108 14.85 11.07 4.26
N GLY B 109 13.58 10.70 4.47
CA GLY B 109 12.54 11.71 4.52
C GLY B 109 12.70 12.69 5.68
N ALA B 110 13.08 12.17 6.85
CA ALA B 110 13.31 13.04 8.00
C ALA B 110 14.29 14.17 7.66
N GLU B 111 15.35 13.85 6.91
CA GLU B 111 16.32 14.87 6.49
C GLU B 111 15.68 15.95 5.63
N LEU B 112 14.72 15.57 4.77
CA LEU B 112 14.18 16.53 3.80
C LEU B 112 12.95 17.28 4.30
N VAL B 113 12.25 16.75 5.30
CA VAL B 113 10.91 17.25 5.60
C VAL B 113 10.92 18.74 5.97
N ASP B 114 11.93 19.19 6.73
CA ASP B 114 11.99 20.58 7.16
C ASP B 114 11.98 21.53 5.96
N SER B 115 12.67 21.16 4.87
CA SER B 115 12.71 22.04 3.72
C SER B 115 11.34 22.13 3.08
N VAL B 116 10.61 21.03 3.11
CA VAL B 116 9.26 21.04 2.56
C VAL B 116 8.36 21.95 3.40
N LEU B 117 8.42 21.81 4.73
CA LEU B 117 7.60 22.65 5.58
C LEU B 117 7.98 24.13 5.48
N ASP B 118 9.17 24.45 5.00
CA ASP B 118 9.45 25.85 4.72
C ASP B 118 8.63 26.34 3.53
N VAL B 119 8.47 25.48 2.49
CA VAL B 119 7.67 25.86 1.33
C VAL B 119 6.17 25.87 1.65
N VAL B 120 5.70 24.87 2.42
CA VAL B 120 4.29 24.90 2.84
C VAL B 120 4.02 26.17 3.63
N ARG B 121 4.99 26.61 4.43
CA ARG B 121 4.76 27.79 5.25
C ARG B 121 4.68 29.04 4.38
N LYS B 122 5.57 29.17 3.38
CA LYS B 122 5.51 30.36 2.55
C LYS B 122 4.31 30.31 1.61
N GLU B 123 3.94 29.11 1.14
CA GLU B 123 2.72 29.02 0.35
C GLU B 123 1.49 29.35 1.19
N SER B 124 1.48 28.92 2.45
CA SER B 124 0.30 29.10 3.28
C SER B 124 0.25 30.43 4.02
N GLU B 125 1.40 31.07 4.26
CA GLU B 125 1.40 32.43 4.82
C GLU B 125 0.74 33.41 3.84
N SER B 126 0.95 33.22 2.54
CA SER B 126 0.26 34.01 1.53
C SER B 126 -1.21 33.61 1.36
N CYS B 127 -1.94 33.39 2.45
CA CYS B 127 -3.33 32.91 2.38
C CYS B 127 -4.17 33.68 3.39
N ASP B 128 -4.85 34.73 2.92
CA ASP B 128 -5.93 35.41 3.61
C ASP B 128 -6.77 34.46 4.45
N CYS B 129 -7.22 33.34 3.87
CA CYS B 129 -7.75 32.29 4.76
C CYS B 129 -7.60 30.91 4.12
N LEU B 130 -6.54 30.22 4.52
CA LEU B 130 -6.30 28.85 4.08
C LEU B 130 -7.25 27.88 4.77
N GLN B 131 -7.78 26.94 4.00
CA GLN B 131 -8.73 25.97 4.53
C GLN B 131 -8.14 24.59 4.74
N GLY B 132 -7.25 24.11 3.89
CA GLY B 132 -6.60 22.85 4.18
C GLY B 132 -5.54 22.51 3.16
N PHE B 133 -5.10 21.24 3.22
CA PHE B 133 -4.07 20.73 2.33
C PHE B 133 -4.59 19.48 1.64
N GLN B 134 -4.16 19.28 0.40
CA GLN B 134 -4.45 18.03 -0.28
C GLN B 134 -3.13 17.44 -0.74
N LEU B 135 -2.92 16.16 -0.42
CA LEU B 135 -1.68 15.48 -0.73
C LEU B 135 -1.97 14.37 -1.72
N THR B 136 -1.14 14.26 -2.74
CA THR B 136 -1.20 13.16 -3.68
C THR B 136 0.04 12.29 -3.52
N HIS B 137 -0.18 10.98 -3.52
CA HIS B 137 0.90 10.05 -3.24
C HIS B 137 0.46 8.60 -3.38
N SER B 138 1.38 7.70 -3.68
CA SER B 138 1.05 6.30 -3.53
C SER B 138 1.43 5.87 -2.12
N LEU B 139 0.91 4.73 -1.69
CA LEU B 139 1.25 4.17 -0.40
C LEU B 139 2.13 2.93 -0.47
N GLY B 140 2.54 2.49 -1.66
CA GLY B 140 3.37 1.30 -1.76
C GLY B 140 4.85 1.58 -1.96
N GLY B 141 5.22 2.82 -2.26
CA GLY B 141 6.60 3.23 -2.42
C GLY B 141 7.24 3.67 -1.11
N GLY B 142 8.28 4.49 -1.23
CA GLY B 142 8.93 4.94 -0.03
C GLY B 142 8.69 6.42 0.19
N THR B 143 8.86 7.23 -0.85
CA THR B 143 8.80 8.68 -0.66
C THR B 143 7.38 9.13 -0.40
N GLY B 144 6.48 8.93 -1.37
CA GLY B 144 5.10 9.37 -1.20
C GLY B 144 4.43 8.72 -0.02
N SER B 145 4.75 7.45 0.23
CA SER B 145 4.17 6.69 1.32
C SER B 145 4.79 7.05 2.67
N GLY B 146 6.10 6.86 2.82
CA GLY B 146 6.75 7.11 4.12
C GLY B 146 6.96 8.57 4.40
N MET B 147 7.53 9.31 3.47
CA MET B 147 7.70 10.74 3.71
C MET B 147 6.38 11.47 3.68
N GLY B 148 5.46 11.04 2.82
CA GLY B 148 4.19 11.73 2.69
C GLY B 148 3.42 11.74 3.98
N THR B 149 3.33 10.58 4.65
CA THR B 149 2.66 10.56 5.95
C THR B 149 3.48 11.23 7.03
N LEU B 150 4.80 11.31 6.87
CA LEU B 150 5.56 12.15 7.79
C LEU B 150 5.17 13.60 7.64
N LEU B 151 5.13 14.08 6.40
CA LEU B 151 4.71 15.44 6.11
C LEU B 151 3.35 15.74 6.75
N ILE B 152 2.43 14.78 6.71
CA ILE B 152 1.11 14.98 7.30
C ILE B 152 1.20 15.05 8.81
N SER B 153 1.98 14.16 9.42
CA SER B 153 2.28 14.27 10.85
C SER B 153 2.76 15.69 11.17
N LYS B 154 3.57 16.28 10.30
CA LYS B 154 4.12 17.59 10.63
C LYS B 154 3.13 18.70 10.36
N ILE B 155 2.53 18.71 9.17
CA ILE B 155 1.51 19.71 8.84
C ILE B 155 0.40 19.74 9.89
N ARG B 156 -0.06 18.55 10.32
CA ARG B 156 -1.02 18.52 11.41
C ARG B 156 -0.50 19.25 12.64
N GLU B 157 0.80 19.11 12.93
CA GLU B 157 1.37 19.76 14.11
C GLU B 157 1.37 21.27 13.96
N GLU B 158 1.87 21.76 12.83
CA GLU B 158 1.92 23.19 12.63
C GLU B 158 0.54 23.80 12.35
N TYR B 159 -0.42 23.00 11.87
CA TYR B 159 -1.70 23.51 11.39
C TYR B 159 -2.82 22.60 11.88
N PRO B 160 -3.00 22.49 13.19
CA PRO B 160 -3.85 21.41 13.72
C PRO B 160 -5.31 21.57 13.42
N ASP B 161 -5.77 22.77 13.05
CA ASP B 161 -7.18 23.05 12.80
C ASP B 161 -7.47 23.30 11.32
N ARG B 162 -6.59 22.83 10.44
CA ARG B 162 -6.87 22.78 9.01
C ARG B 162 -7.24 21.36 8.62
N ILE B 163 -7.93 21.25 7.50
CA ILE B 163 -8.31 19.96 6.93
C ILE B 163 -7.09 19.37 6.21
N MET B 164 -6.82 18.11 6.47
CA MET B 164 -5.81 17.34 5.75
C MET B 164 -6.52 16.27 4.93
N ASN B 165 -6.22 16.23 3.64
CA ASN B 165 -7.02 15.54 2.65
C ASN B 165 -6.05 14.92 1.65
N THR B 166 -6.12 13.60 1.43
CA THR B 166 -5.17 12.99 0.52
C THR B 166 -5.88 12.18 -0.55
N PHE B 167 -5.21 12.12 -1.71
CA PHE B 167 -5.49 11.17 -2.76
C PHE B 167 -4.41 10.09 -2.66
N SER B 168 -4.80 8.87 -2.32
CA SER B 168 -3.84 7.83 -1.95
C SER B 168 -4.00 6.62 -2.86
N VAL B 169 -2.94 6.28 -3.59
CA VAL B 169 -2.95 5.14 -4.50
C VAL B 169 -2.48 3.90 -3.75
N MET B 170 -3.36 2.88 -3.66
CA MET B 170 -3.10 1.59 -3.03
C MET B 170 -2.39 0.65 -3.99
N PRO B 171 -1.36 0.00 -3.47
CA PRO B 171 -0.68 -1.05 -4.21
C PRO B 171 -1.64 -2.19 -4.54
N SER B 172 -1.36 -2.89 -5.63
CA SER B 172 -2.05 -4.12 -5.93
C SER B 172 -1.06 -5.05 -6.60
N PRO B 173 -1.10 -6.33 -6.26
CA PRO B 173 -0.19 -7.29 -6.92
C PRO B 173 -0.25 -7.23 -8.45
N LYS B 174 -1.38 -6.82 -9.02
CA LYS B 174 -1.53 -6.76 -10.48
C LYS B 174 -0.67 -5.69 -11.10
N VAL B 175 -0.28 -4.68 -10.34
CA VAL B 175 0.38 -3.50 -10.89
C VAL B 175 1.39 -3.06 -9.83
N SER B 176 2.45 -3.85 -9.64
CA SER B 176 3.30 -3.73 -8.46
C SER B 176 4.74 -3.40 -8.83
N ASP B 177 5.30 -2.41 -8.11
CA ASP B 177 6.74 -2.16 -8.20
C ASP B 177 7.53 -3.23 -7.44
N THR B 178 7.22 -3.46 -6.17
CA THR B 178 8.04 -4.36 -5.38
C THR B 178 7.17 -5.21 -4.47
N VAL B 179 7.81 -6.13 -3.77
CA VAL B 179 7.11 -7.08 -2.91
C VAL B 179 6.82 -6.49 -1.53
N VAL B 180 7.49 -5.39 -1.15
CA VAL B 180 7.28 -4.85 0.18
C VAL B 180 6.06 -3.93 0.26
N GLU B 181 5.39 -3.71 -0.86
CA GLU B 181 4.26 -2.77 -0.92
C GLU B 181 3.22 -2.95 0.16
N PRO B 182 2.76 -4.14 0.50
CA PRO B 182 1.77 -4.23 1.58
C PRO B 182 2.33 -3.74 2.91
N TYR B 183 3.63 -3.87 3.13
CA TYR B 183 4.27 -3.28 4.31
C TYR B 183 4.16 -1.77 4.27
N ASN B 184 4.73 -1.14 3.23
CA ASN B 184 4.67 0.31 3.10
C ASN B 184 3.24 0.83 3.29
N ALA B 185 2.25 0.09 2.79
CA ALA B 185 0.88 0.58 2.74
C ALA B 185 0.16 0.36 4.06
N THR B 186 0.40 -0.78 4.73
CA THR B 186 -0.15 -0.96 6.08
C THR B 186 0.36 0.13 7.03
N LEU B 187 1.62 0.53 6.88
CA LEU B 187 2.20 1.57 7.72
C LEU B 187 1.63 2.94 7.36
N SER B 188 1.33 3.16 6.09
CA SER B 188 0.74 4.45 5.74
C SER B 188 -0.69 4.56 6.23
N VAL B 189 -1.44 3.46 6.19
CA VAL B 189 -2.84 3.52 6.55
C VAL B 189 -3.00 3.81 8.03
N HIS B 190 -2.10 3.25 8.86
CA HIS B 190 -2.11 3.57 10.28
C HIS B 190 -2.00 5.08 10.48
N GLN B 191 -1.22 5.74 9.64
CA GLN B 191 -1.10 7.18 9.72
C GLN B 191 -2.34 7.89 9.21
N LEU B 192 -2.90 7.40 8.10
CA LEU B 192 -3.99 8.11 7.43
C LEU B 192 -5.23 8.12 8.31
N VAL B 193 -5.48 7.00 8.99
CA VAL B 193 -6.58 6.89 9.92
C VAL B 193 -6.53 8.00 10.97
N GLU B 194 -5.32 8.33 11.46
CA GLU B 194 -5.18 9.32 12.54
C GLU B 194 -5.13 10.75 12.01
N ASN B 195 -4.44 10.97 10.90
CA ASN B 195 -4.00 12.30 10.58
C ASN B 195 -4.62 12.89 9.32
N THR B 196 -5.60 12.22 8.71
CA THR B 196 -6.33 12.87 7.64
C THR B 196 -7.81 12.92 8.00
N ASP B 197 -8.49 13.87 7.36
CA ASP B 197 -9.93 14.02 7.49
C ASP B 197 -10.68 13.26 6.41
N GLU B 198 -10.15 13.25 5.18
CA GLU B 198 -10.69 12.49 4.06
C GLU B 198 -9.55 11.96 3.21
N THR B 199 -9.64 10.71 2.79
CA THR B 199 -8.71 10.11 1.84
C THR B 199 -9.52 9.42 0.76
N TYR B 200 -9.26 9.79 -0.50
CA TYR B 200 -9.83 9.06 -1.62
C TYR B 200 -8.92 7.87 -1.94
N CYS B 201 -9.45 6.65 -1.85
CA CYS B 201 -8.66 5.44 -2.08
C CYS B 201 -8.70 5.06 -3.54
N ILE B 202 -7.64 5.41 -4.25
CA ILE B 202 -7.46 5.06 -5.64
C ILE B 202 -6.69 3.75 -5.68
N ASP B 203 -7.35 2.67 -6.05
CA ASP B 203 -6.69 1.37 -6.08
C ASP B 203 -6.12 1.12 -7.46
N ASN B 204 -4.87 0.66 -7.50
CA ASN B 204 -4.22 0.40 -8.78
C ASN B 204 -4.74 -0.87 -9.44
N GLU B 205 -5.25 -1.81 -8.66
CA GLU B 205 -5.99 -2.93 -9.24
C GLU B 205 -7.13 -2.42 -10.13
N ALA B 206 -8.07 -1.67 -9.53
CA ALA B 206 -9.24 -1.19 -10.24
C ALA B 206 -8.89 -0.33 -11.45
N LEU B 207 -7.87 0.53 -11.35
CA LEU B 207 -7.49 1.32 -12.52
C LEU B 207 -7.02 0.43 -13.66
N TYR B 208 -6.31 -0.66 -13.32
CA TYR B 208 -5.90 -1.62 -14.34
C TYR B 208 -7.10 -2.25 -15.03
N ASP B 209 -8.04 -2.78 -14.24
CA ASP B 209 -9.21 -3.44 -14.81
C ASP B 209 -10.03 -2.49 -15.67
N ILE B 210 -10.40 -1.33 -15.13
CA ILE B 210 -11.09 -0.36 -15.98
C ILE B 210 -10.33 -0.18 -17.29
N CYS B 211 -9.00 -0.11 -17.22
CA CYS B 211 -8.21 0.09 -18.43
C CYS B 211 -8.29 -1.11 -19.36
N PHE B 212 -8.25 -2.30 -18.79
CA PHE B 212 -8.23 -3.53 -19.57
C PHE B 212 -9.63 -3.93 -20.03
N ARG B 213 -10.50 -4.25 -19.07
CA ARG B 213 -11.87 -4.67 -19.39
C ARG B 213 -12.65 -3.56 -20.06
N THR B 214 -12.72 -2.40 -19.43
CA THR B 214 -13.57 -1.36 -19.99
C THR B 214 -12.88 -0.65 -21.15
N LEU B 215 -11.85 0.16 -20.87
CA LEU B 215 -11.31 0.99 -21.94
C LEU B 215 -10.69 0.19 -23.07
N LYS B 216 -10.61 -1.13 -22.91
CA LYS B 216 -10.13 -2.06 -23.92
C LYS B 216 -8.65 -1.88 -24.24
N LEU B 217 -7.87 -1.31 -23.32
CA LEU B 217 -6.43 -1.19 -23.51
C LEU B 217 -5.79 -2.51 -23.10
N THR B 218 -5.14 -3.15 -24.07
CA THR B 218 -4.69 -4.53 -23.86
C THR B 218 -3.59 -4.57 -22.80
N THR B 219 -2.57 -3.71 -22.91
CA THR B 219 -1.59 -3.57 -21.84
C THR B 219 -1.52 -2.09 -21.43
N PRO B 220 -2.17 -1.73 -20.33
CA PRO B 220 -2.20 -0.33 -19.92
C PRO B 220 -0.85 0.14 -19.39
N THR B 221 -0.57 1.41 -19.66
CA THR B 221 0.59 2.09 -19.10
C THR B 221 0.19 2.87 -17.86
N TYR B 222 1.19 3.35 -17.11
CA TYR B 222 0.87 4.20 -15.97
C TYR B 222 0.16 5.46 -16.43
N GLY B 223 0.51 5.97 -17.61
CA GLY B 223 -0.21 7.13 -18.14
C GLY B 223 -1.69 6.85 -18.36
N ASP B 224 -2.02 5.63 -18.80
CA ASP B 224 -3.41 5.25 -18.94
C ASP B 224 -4.11 5.22 -17.59
N LEU B 225 -3.42 4.72 -16.57
CA LEU B 225 -4.01 4.73 -15.24
C LEU B 225 -4.17 6.14 -14.71
N ASN B 226 -3.18 7.00 -14.94
CA ASN B 226 -3.28 8.36 -14.43
C ASN B 226 -4.23 9.21 -15.26
N HIS B 227 -4.56 8.77 -16.46
CA HIS B 227 -5.71 9.35 -17.15
C HIS B 227 -6.99 9.19 -16.33
N LEU B 228 -7.25 7.97 -15.83
CA LEU B 228 -8.45 7.81 -15.02
C LEU B 228 -8.35 8.59 -13.70
N VAL B 229 -7.14 8.78 -13.18
CA VAL B 229 -7.04 9.45 -11.90
C VAL B 229 -7.17 10.96 -12.06
N SER B 230 -6.50 11.51 -13.07
CA SER B 230 -6.63 12.95 -13.27
C SER B 230 -8.05 13.34 -13.69
N ALA B 231 -8.85 12.40 -14.21
CA ALA B 231 -10.26 12.69 -14.49
C ALA B 231 -11.11 12.58 -13.24
N THR B 232 -10.94 11.50 -12.46
CA THR B 232 -11.58 11.43 -11.14
C THR B 232 -11.19 12.62 -10.27
N MET B 233 -9.90 12.99 -10.27
CA MET B 233 -9.49 14.06 -9.37
C MET B 233 -10.05 15.40 -9.83
N SER B 234 -10.05 15.66 -11.12
CA SER B 234 -10.76 16.81 -11.64
C SER B 234 -12.20 16.78 -11.19
N GLY B 235 -12.87 15.63 -11.40
CA GLY B 235 -14.23 15.38 -10.97
C GLY B 235 -14.48 15.65 -9.51
N VAL B 236 -13.72 14.98 -8.64
CA VAL B 236 -13.89 15.08 -7.19
C VAL B 236 -13.79 16.54 -6.72
N THR B 237 -13.00 17.36 -7.42
CA THR B 237 -12.73 18.70 -6.95
C THR B 237 -13.48 19.80 -7.70
N THR B 238 -14.39 19.46 -8.64
CA THR B 238 -15.01 20.53 -9.42
C THR B 238 -15.81 21.49 -8.54
N CYS B 239 -16.36 21.01 -7.42
CA CYS B 239 -17.08 21.91 -6.54
C CYS B 239 -16.14 22.94 -5.91
N LEU B 240 -14.91 22.55 -5.63
CA LEU B 240 -13.96 23.49 -5.04
C LEU B 240 -13.45 24.50 -6.06
N ARG B 241 -13.55 24.19 -7.36
CA ARG B 241 -12.95 25.02 -8.39
C ARG B 241 -13.98 25.85 -9.16
N PHE B 242 -15.26 25.56 -9.01
CA PHE B 242 -16.30 26.23 -9.78
C PHE B 242 -17.42 26.65 -8.83
N PRO B 243 -18.10 27.75 -9.12
CA PRO B 243 -19.15 28.22 -8.21
C PRO B 243 -20.46 27.45 -8.41
N GLY B 244 -21.21 27.37 -7.31
CA GLY B 244 -22.52 26.74 -7.38
C GLY B 244 -23.33 27.06 -6.15
N GLN B 245 -24.60 26.65 -6.20
CA GLN B 245 -25.50 26.69 -5.03
C GLN B 245 -24.74 26.07 -3.86
N LEU B 246 -23.92 25.06 -4.17
CA LEU B 246 -22.99 24.50 -3.20
C LEU B 246 -21.85 25.47 -2.94
N ASN B 247 -21.71 25.86 -1.67
CA ASN B 247 -20.53 26.57 -1.18
C ASN B 247 -19.60 25.51 -0.60
N ALA B 248 -18.86 24.84 -1.49
CA ALA B 248 -18.15 23.63 -1.10
C ALA B 248 -16.71 23.94 -0.70
N ASP B 249 -16.39 23.58 0.54
CA ASP B 249 -15.05 23.62 1.10
C ASP B 249 -14.77 22.29 1.77
N LEU B 250 -13.51 22.10 2.12
CA LEU B 250 -13.07 20.79 2.59
C LEU B 250 -13.75 20.43 3.89
N ARG B 251 -13.99 21.41 4.76
CA ARG B 251 -14.49 21.12 6.10
C ARG B 251 -15.96 20.73 6.05
N LYS B 252 -16.77 21.46 5.29
CA LYS B 252 -18.17 21.08 5.09
C LYS B 252 -18.25 19.71 4.42
N LEU B 253 -17.37 19.45 3.46
CA LEU B 253 -17.37 18.14 2.82
C LEU B 253 -17.10 17.05 3.85
N ALA B 254 -16.07 17.22 4.67
CA ALA B 254 -15.73 16.19 5.65
C ALA B 254 -16.81 16.05 6.69
N VAL B 255 -17.43 17.16 7.08
CA VAL B 255 -18.48 17.11 8.10
C VAL B 255 -19.62 16.19 7.65
N ASN B 256 -19.97 16.24 6.37
CA ASN B 256 -21.11 15.47 5.91
C ASN B 256 -20.73 14.10 5.39
N MET B 257 -19.48 13.91 4.99
CA MET B 257 -19.07 12.60 4.53
C MET B 257 -18.65 11.68 5.67
N VAL B 258 -18.09 12.21 6.75
CA VAL B 258 -17.48 11.37 7.79
C VAL B 258 -18.32 11.28 9.06
N PRO B 259 -19.15 10.25 9.24
CA PRO B 259 -19.90 10.13 10.50
C PRO B 259 -19.02 9.74 11.69
N PHE B 260 -17.99 8.94 11.49
CA PHE B 260 -17.10 8.50 12.56
C PHE B 260 -15.68 8.80 12.11
N PRO B 261 -14.88 9.45 12.97
CA PRO B 261 -13.68 10.14 12.46
C PRO B 261 -12.68 9.21 11.79
N ARG B 262 -12.62 7.95 12.22
CA ARG B 262 -11.68 7.05 11.57
C ARG B 262 -12.18 6.63 10.20
N LEU B 263 -13.50 6.54 10.01
CA LEU B 263 -14.05 5.99 8.78
C LEU B 263 -14.16 7.09 7.72
N HIS B 264 -13.00 7.46 7.16
CA HIS B 264 -12.95 8.56 6.21
C HIS B 264 -12.22 8.20 4.93
N PHE B 265 -12.29 6.94 4.50
CA PHE B 265 -11.72 6.51 3.23
C PHE B 265 -12.84 6.31 2.22
N PHE B 266 -12.78 7.06 1.13
CA PHE B 266 -13.85 7.18 0.17
C PHE B 266 -13.53 6.40 -1.09
N MET B 267 -14.57 5.79 -1.70
CA MET B 267 -14.48 5.06 -2.95
C MET B 267 -14.89 5.99 -4.08
N PRO B 268 -13.97 6.51 -4.87
CA PRO B 268 -14.37 7.35 -5.99
C PRO B 268 -14.85 6.51 -7.16
N GLY B 269 -15.75 7.11 -7.94
CA GLY B 269 -16.19 6.51 -9.19
C GLY B 269 -16.36 7.61 -10.22
N PHE B 270 -16.29 7.21 -11.48
CA PHE B 270 -16.38 8.18 -12.55
C PHE B 270 -17.20 7.59 -13.69
N ALA B 271 -17.88 8.46 -14.43
CA ALA B 271 -18.52 8.04 -15.67
C ALA B 271 -18.65 9.26 -16.55
N PRO B 272 -18.49 9.11 -17.88
CA PRO B 272 -18.13 7.86 -18.55
C PRO B 272 -16.64 7.62 -18.48
N LEU B 273 -16.24 6.35 -18.56
CA LEU B 273 -14.83 6.02 -18.63
C LEU B 273 -14.35 6.15 -20.07
N THR B 274 -13.39 7.05 -20.30
CA THR B 274 -12.90 7.41 -21.62
C THR B 274 -11.38 7.31 -21.66
N SER B 275 -10.84 7.10 -22.86
CA SER B 275 -9.39 6.96 -23.02
C SER B 275 -8.87 7.84 -24.14
N GLN B 280 -15.14 9.31 -28.32
CA GLN B 280 -16.50 9.35 -27.79
C GLN B 280 -17.30 10.58 -28.27
N TYR B 281 -18.49 10.35 -28.80
CA TYR B 281 -19.23 11.37 -29.56
C TYR B 281 -20.69 11.51 -29.13
N ARG B 282 -21.33 10.44 -28.67
CA ARG B 282 -22.64 10.55 -28.02
C ARG B 282 -22.41 10.86 -26.55
N ALA B 283 -22.84 12.04 -26.11
CA ALA B 283 -22.90 12.28 -24.68
C ALA B 283 -23.78 11.22 -24.03
N LEU B 284 -23.40 10.82 -22.83
CA LEU B 284 -24.25 9.92 -22.06
C LEU B 284 -25.49 10.69 -21.62
N THR B 285 -26.63 10.00 -21.63
CA THR B 285 -27.84 10.55 -21.01
C THR B 285 -27.78 10.35 -19.51
N VAL B 286 -28.32 11.33 -18.79
CA VAL B 286 -28.34 11.37 -17.33
C VAL B 286 -28.70 9.99 -16.74
N PRO B 287 -29.70 9.27 -17.25
CA PRO B 287 -29.96 7.95 -16.66
C PRO B 287 -28.76 7.03 -16.72
N GLU B 288 -27.84 7.24 -17.67
CA GLU B 288 -26.68 6.36 -17.81
C GLU B 288 -25.55 6.81 -16.88
N LEU B 289 -25.28 8.12 -16.89
CA LEU B 289 -24.40 8.71 -15.89
C LEU B 289 -24.60 8.10 -14.53
N THR B 290 -25.85 8.10 -14.06
CA THR B 290 -26.12 7.64 -12.70
C THR B 290 -26.12 6.13 -12.59
N GLN B 291 -26.48 5.41 -13.66
CA GLN B 291 -26.32 3.96 -13.59
C GLN B 291 -24.84 3.57 -13.62
N GLN B 292 -24.06 4.24 -14.47
CA GLN B 292 -22.64 3.91 -14.60
C GLN B 292 -21.87 4.24 -13.33
N MET B 293 -21.95 5.49 -12.88
CA MET B 293 -21.16 5.96 -11.72
C MET B 293 -21.39 5.12 -10.46
N PHE B 294 -22.58 4.52 -10.31
CA PHE B 294 -22.87 3.62 -9.19
C PHE B 294 -22.55 2.17 -9.49
N ASP B 295 -22.18 1.86 -10.73
CA ASP B 295 -21.75 0.51 -11.07
C ASP B 295 -20.38 0.26 -10.49
N SER B 296 -20.19 -0.95 -9.95
CA SER B 296 -18.88 -1.31 -9.42
C SER B 296 -17.77 -1.15 -10.47
N LYS B 297 -18.09 -1.39 -11.74
CA LYS B 297 -17.12 -1.25 -12.83
C LYS B 297 -16.62 0.18 -13.03
N ASN B 298 -17.25 1.17 -12.43
CA ASN B 298 -16.77 2.55 -12.55
C ASN B 298 -16.09 3.07 -11.29
N MET B 299 -16.06 2.26 -10.22
CA MET B 299 -15.33 2.59 -8.99
C MET B 299 -13.82 2.50 -9.20
N MET B 300 -13.08 3.40 -8.56
CA MET B 300 -11.64 3.42 -8.60
C MET B 300 -10.97 2.60 -7.48
N ALA B 301 -11.73 1.99 -6.57
CA ALA B 301 -11.12 1.38 -5.40
C ALA B 301 -11.14 -0.15 -5.37
N ALA B 302 -11.82 -0.81 -6.32
CA ALA B 302 -11.76 -2.29 -6.45
C ALA B 302 -12.40 -2.98 -5.26
N CYS B 303 -13.53 -2.44 -4.80
CA CYS B 303 -14.43 -3.09 -3.85
C CYS B 303 -15.84 -3.05 -4.42
N ASP B 304 -16.63 -4.08 -4.11
CA ASP B 304 -17.99 -4.17 -4.64
C ASP B 304 -18.91 -3.43 -3.69
N PRO B 305 -19.51 -2.31 -4.11
CA PRO B 305 -20.45 -1.60 -3.22
C PRO B 305 -21.58 -2.46 -2.75
N ARG B 306 -22.00 -3.46 -3.54
CA ARG B 306 -23.04 -4.36 -3.06
C ARG B 306 -22.54 -5.31 -1.96
N HIS B 307 -21.23 -5.36 -1.70
CA HIS B 307 -20.72 -6.14 -0.57
C HIS B 307 -20.75 -5.37 0.75
N GLY B 308 -21.09 -4.08 0.74
CA GLY B 308 -21.24 -3.30 1.97
C GLY B 308 -22.38 -2.30 1.90
N ARG B 309 -22.38 -1.27 2.75
CA ARG B 309 -23.42 -0.24 2.74
C ARG B 309 -22.80 1.16 2.70
N TYR B 310 -23.45 2.08 2.01
CA TYR B 310 -23.00 3.46 1.94
C TYR B 310 -23.36 4.21 3.22
N LEU B 311 -22.36 4.55 4.03
CA LEU B 311 -22.62 5.51 5.09
C LEU B 311 -23.08 6.84 4.52
N THR B 312 -22.38 7.33 3.50
CA THR B 312 -22.65 8.64 2.91
C THR B 312 -22.15 8.59 1.48
N VAL B 313 -22.72 9.45 0.63
CA VAL B 313 -22.41 9.53 -0.79
C VAL B 313 -22.45 11.00 -1.21
N ALA B 314 -21.53 11.39 -2.09
CA ALA B 314 -21.54 12.72 -2.73
C ALA B 314 -21.27 12.57 -4.23
N ALA B 315 -22.24 12.96 -5.06
CA ALA B 315 -22.18 12.85 -6.51
C ALA B 315 -22.17 14.24 -7.14
N ILE B 316 -21.47 14.41 -8.26
CA ILE B 316 -21.58 15.66 -9.02
C ILE B 316 -21.62 15.37 -10.51
N PHE B 317 -22.50 16.09 -11.20
CA PHE B 317 -22.71 15.98 -12.63
C PHE B 317 -22.13 17.23 -13.29
N ARG B 318 -21.40 17.04 -14.38
CA ARG B 318 -20.82 18.16 -15.11
C ARG B 318 -21.33 18.19 -16.54
N GLY B 319 -21.59 19.40 -17.01
CA GLY B 319 -22.28 19.66 -18.25
C GLY B 319 -23.54 20.48 -18.01
N ARG B 320 -24.18 20.85 -19.11
CA ARG B 320 -25.54 21.37 -19.03
C ARG B 320 -26.49 20.22 -19.32
N MET B 321 -27.38 19.96 -18.37
CA MET B 321 -28.31 18.85 -18.48
C MET B 321 -29.52 19.16 -17.61
N SER B 322 -30.50 18.25 -17.67
CA SER B 322 -31.76 18.44 -16.96
C SER B 322 -31.53 18.30 -15.47
N MET B 323 -31.46 19.44 -14.78
CA MET B 323 -31.33 19.44 -13.33
C MET B 323 -32.44 18.64 -12.67
N LYS B 324 -33.63 18.61 -13.26
CA LYS B 324 -34.69 17.76 -12.74
C LYS B 324 -34.41 16.28 -13.02
N GLU B 325 -33.79 15.97 -14.17
CA GLU B 325 -33.55 14.58 -14.50
C GLU B 325 -32.50 13.96 -13.59
N VAL B 326 -31.46 14.73 -13.21
CA VAL B 326 -30.47 14.19 -12.29
C VAL B 326 -31.10 13.99 -10.91
N ASP B 327 -31.91 14.96 -10.47
CA ASP B 327 -32.74 14.79 -9.29
C ASP B 327 -33.53 13.48 -9.36
N GLU B 328 -34.28 13.30 -10.44
CA GLU B 328 -35.13 12.12 -10.56
C GLU B 328 -34.29 10.87 -10.54
N GLN B 329 -33.26 10.82 -11.39
CA GLN B 329 -32.45 9.62 -11.52
C GLN B 329 -31.70 9.33 -10.23
N MET B 330 -31.12 10.37 -9.62
CA MET B 330 -30.45 10.20 -8.33
C MET B 330 -31.42 9.62 -7.31
N LEU B 331 -32.61 10.23 -7.18
CA LEU B 331 -33.60 9.72 -6.24
C LEU B 331 -34.03 8.30 -6.60
N ASN B 332 -33.97 7.94 -7.88
CA ASN B 332 -34.39 6.61 -8.32
C ASN B 332 -33.34 5.54 -8.03
N VAL B 333 -32.05 5.86 -8.19
CA VAL B 333 -31.04 4.88 -7.85
C VAL B 333 -31.14 4.50 -6.36
N GLN B 334 -31.55 5.44 -5.50
CA GLN B 334 -31.66 5.11 -4.08
C GLN B 334 -32.71 4.04 -3.81
N ASN B 335 -33.81 4.02 -4.57
CA ASN B 335 -34.90 3.09 -4.27
C ASN B 335 -34.81 1.78 -5.04
N LYS B 336 -34.19 1.77 -6.24
CA LYS B 336 -33.76 0.50 -6.81
C LYS B 336 -32.81 -0.25 -5.89
N ASN B 337 -32.10 0.49 -5.04
CA ASN B 337 -30.98 -0.10 -4.33
C ASN B 337 -30.91 0.37 -2.88
N SER B 338 -32.07 0.64 -2.26
CA SER B 338 -32.09 1.13 -0.88
C SER B 338 -31.52 0.12 0.12
N SER B 339 -31.40 -1.15 -0.25
CA SER B 339 -30.75 -2.13 0.60
C SER B 339 -29.30 -1.78 0.88
N TYR B 340 -28.72 -0.85 0.12
CA TYR B 340 -27.29 -0.58 0.15
C TYR B 340 -26.98 0.83 0.64
N PHE B 341 -27.90 1.45 1.37
CA PHE B 341 -27.65 2.71 2.06
C PHE B 341 -28.13 2.55 3.49
N VAL B 342 -27.48 3.26 4.42
CA VAL B 342 -27.78 2.98 5.82
C VAL B 342 -29.08 3.69 6.21
N GLU B 343 -29.96 2.96 6.88
CA GLU B 343 -31.25 3.52 7.27
C GLU B 343 -31.09 4.61 8.32
N TRP B 344 -29.99 4.59 9.06
CA TRP B 344 -29.83 5.46 10.20
C TRP B 344 -29.04 6.73 9.91
N ILE B 345 -28.79 7.03 8.64
CA ILE B 345 -28.31 8.35 8.30
C ILE B 345 -29.30 8.86 7.25
N PRO B 346 -30.32 9.59 7.66
CA PRO B 346 -31.29 10.08 6.70
C PRO B 346 -30.57 10.91 5.64
N ASN B 347 -31.03 10.78 4.41
CA ASN B 347 -30.63 11.69 3.37
C ASN B 347 -29.13 11.68 3.16
N ASN B 348 -28.56 10.48 3.18
CA ASN B 348 -27.10 10.40 3.19
C ASN B 348 -26.48 10.58 1.80
N VAL B 349 -27.27 10.80 0.76
CA VAL B 349 -26.79 11.01 -0.60
C VAL B 349 -27.04 12.45 -1.01
N LYS B 350 -25.98 13.13 -1.44
CA LYS B 350 -26.03 14.53 -1.83
C LYS B 350 -25.41 14.72 -3.21
N THR B 351 -26.03 15.58 -4.00
CA THR B 351 -25.78 15.67 -5.42
C THR B 351 -25.60 17.13 -5.80
N ALA B 352 -24.56 17.43 -6.56
CA ALA B 352 -24.32 18.76 -7.09
C ALA B 352 -24.28 18.65 -8.60
N VAL B 353 -24.38 19.79 -9.27
CA VAL B 353 -24.27 19.85 -10.72
C VAL B 353 -23.47 21.10 -11.08
N CYS B 354 -22.63 20.98 -12.10
CA CYS B 354 -21.81 22.08 -12.59
C CYS B 354 -22.07 22.21 -14.09
N ASP B 355 -22.25 23.44 -14.56
CA ASP B 355 -22.56 23.65 -15.97
C ASP B 355 -21.35 23.48 -16.88
N ILE B 356 -20.14 23.40 -16.32
CA ILE B 356 -18.91 23.31 -17.09
C ILE B 356 -18.38 21.88 -17.04
N PRO B 357 -18.29 21.17 -18.17
CA PRO B 357 -17.84 19.79 -18.14
C PRO B 357 -16.33 19.72 -18.26
N PRO B 358 -15.76 18.52 -18.16
CA PRO B 358 -14.32 18.38 -18.42
C PRO B 358 -14.04 18.48 -19.92
N ARG B 359 -12.77 18.70 -20.23
CA ARG B 359 -12.34 18.67 -21.61
C ARG B 359 -12.84 17.40 -22.29
N GLY B 360 -13.43 17.56 -23.46
CA GLY B 360 -13.76 16.46 -24.32
C GLY B 360 -15.07 15.77 -24.04
N LEU B 361 -15.54 15.82 -22.80
CA LEU B 361 -16.81 15.21 -22.44
C LEU B 361 -17.86 16.31 -22.35
N LYS B 362 -19.01 16.10 -23.01
CA LYS B 362 -20.09 17.07 -22.86
C LYS B 362 -20.87 16.84 -21.58
N MET B 363 -20.86 15.63 -21.03
CA MET B 363 -21.59 15.27 -19.84
C MET B 363 -20.78 14.25 -19.05
N SER B 364 -20.49 14.55 -17.78
CA SER B 364 -19.73 13.64 -16.94
C SER B 364 -20.30 13.66 -15.53
N ALA B 365 -20.08 12.56 -14.82
CA ALA B 365 -20.58 12.39 -13.47
C ALA B 365 -19.52 11.71 -12.63
N THR B 366 -19.10 12.36 -11.54
CA THR B 366 -18.12 11.82 -10.60
C THR B 366 -18.79 11.54 -9.25
N PHE B 367 -18.39 10.41 -8.64
CA PHE B 367 -19.02 9.81 -7.48
C PHE B 367 -17.99 9.66 -6.36
N ILE B 368 -18.40 9.94 -5.11
CA ILE B 368 -17.57 9.83 -3.91
C ILE B 368 -18.34 9.03 -2.87
N GLY B 369 -17.91 7.80 -2.59
CA GLY B 369 -18.66 6.95 -1.69
C GLY B 369 -17.94 6.54 -0.43
N ASN B 370 -18.52 6.86 0.73
CA ASN B 370 -18.02 6.35 2.01
C ASN B 370 -18.76 5.05 2.30
N SER B 371 -18.29 3.97 1.68
CA SER B 371 -18.90 2.66 1.81
C SER B 371 -18.12 1.79 2.76
N THR B 372 -18.85 0.97 3.52
CA THR B 372 -18.23 0.03 4.44
C THR B 372 -17.60 -1.14 3.71
N ALA B 373 -17.85 -1.27 2.41
CA ALA B 373 -17.14 -2.27 1.62
C ALA B 373 -15.72 -1.86 1.28
N ILE B 374 -15.31 -0.63 1.59
CA ILE B 374 -13.90 -0.26 1.42
C ILE B 374 -13.03 -1.17 2.26
N GLN B 375 -13.58 -1.73 3.32
CA GLN B 375 -13.02 -2.82 4.09
C GLN B 375 -12.33 -3.91 3.24
N GLU B 376 -12.88 -4.24 2.07
CA GLU B 376 -12.26 -5.21 1.19
C GLU B 376 -10.82 -4.83 0.84
N LEU B 377 -10.59 -3.56 0.53
CA LEU B 377 -9.25 -3.07 0.24
C LEU B 377 -8.30 -3.33 1.43
N PHE B 378 -8.70 -2.93 2.64
CA PHE B 378 -7.79 -3.12 3.77
C PHE B 378 -7.65 -4.60 4.11
N LYS B 379 -8.74 -5.36 4.04
CA LYS B 379 -8.65 -6.82 4.12
C LYS B 379 -7.64 -7.35 3.11
N ARG B 380 -7.65 -6.80 1.90
CA ARG B 380 -6.74 -7.33 0.89
C ARG B 380 -5.31 -7.05 1.29
N ILE B 381 -4.96 -5.79 1.52
CA ILE B 381 -3.63 -5.37 1.95
C ILE B 381 -3.22 -6.08 3.23
N SER B 382 -4.18 -6.41 4.10
CA SER B 382 -3.83 -7.03 5.37
C SER B 382 -3.46 -8.49 5.19
N GLU B 383 -4.19 -9.20 4.34
CA GLU B 383 -3.81 -10.56 4.01
C GLU B 383 -2.38 -10.61 3.50
N GLN B 384 -2.07 -9.78 2.49
CA GLN B 384 -0.73 -9.78 1.92
C GLN B 384 0.33 -9.52 3.00
N PHE B 385 0.14 -8.46 3.78
CA PHE B 385 1.04 -8.12 4.88
C PHE B 385 1.34 -9.31 5.78
N THR B 386 0.30 -9.83 6.44
CA THR B 386 0.45 -11.01 7.28
C THR B 386 1.16 -12.14 6.57
N ALA B 387 0.91 -12.30 5.27
CA ALA B 387 1.47 -13.44 4.56
C ALA B 387 2.98 -13.41 4.64
N MET B 388 3.55 -12.22 4.52
CA MET B 388 4.98 -12.04 4.65
C MET B 388 5.43 -11.91 6.09
N PHE B 389 4.66 -11.19 6.91
CA PHE B 389 5.16 -10.77 8.21
C PHE B 389 5.19 -11.92 9.21
N ARG B 390 4.32 -12.94 9.03
CA ARG B 390 4.39 -14.14 9.84
C ARG B 390 5.77 -14.80 9.77
N ARG B 391 6.39 -14.78 8.60
CA ARG B 391 7.76 -15.25 8.42
C ARG B 391 8.75 -14.11 8.47
N LYS B 392 8.32 -12.93 8.93
CA LYS B 392 9.19 -11.77 9.12
C LYS B 392 9.98 -11.44 7.87
N ALA B 393 9.44 -11.79 6.71
CA ALA B 393 10.18 -11.66 5.45
C ALA B 393 10.33 -10.20 5.03
N PHE B 394 11.43 -9.92 4.35
CA PHE B 394 11.79 -8.59 3.87
C PHE B 394 11.89 -7.54 4.98
N LEU B 395 11.78 -7.95 6.25
CA LEU B 395 11.80 -6.99 7.35
C LEU B 395 13.17 -6.33 7.53
N HIS B 396 14.24 -7.02 7.14
CA HIS B 396 15.57 -6.45 7.34
C HIS B 396 15.70 -5.09 6.67
N TRP B 397 15.01 -4.88 5.54
CA TRP B 397 15.08 -3.57 4.87
C TRP B 397 14.63 -2.44 5.78
N TYR B 398 13.85 -2.77 6.82
CA TYR B 398 13.24 -1.81 7.73
C TYR B 398 13.94 -1.80 9.07
N THR B 399 14.23 -2.96 9.65
CA THR B 399 15.01 -2.99 10.87
C THR B 399 16.37 -2.36 10.63
N GLY B 400 16.87 -2.41 9.40
CA GLY B 400 18.07 -1.66 9.06
C GLY B 400 17.91 -0.16 9.12
N GLU B 401 16.70 0.36 9.30
CA GLU B 401 16.57 1.80 9.36
C GLU B 401 16.05 2.25 10.71
N GLY B 402 16.09 1.37 11.72
CA GLY B 402 15.68 1.68 13.07
C GLY B 402 14.34 1.10 13.47
N MET B 403 13.54 0.69 12.51
CA MET B 403 12.22 0.23 12.90
C MET B 403 12.35 -1.09 13.63
N ASP B 404 11.38 -1.33 14.51
CA ASP B 404 11.26 -2.53 15.30
C ASP B 404 10.03 -3.30 14.86
N GLU B 405 10.05 -4.62 15.05
CA GLU B 405 8.89 -5.44 14.70
C GLU B 405 7.64 -4.90 15.36
N MET B 406 7.78 -4.31 16.56
CA MET B 406 6.62 -3.87 17.31
C MET B 406 5.82 -2.84 16.53
N GLU B 407 6.51 -1.85 15.96
CA GLU B 407 5.86 -0.85 15.15
C GLU B 407 5.03 -1.48 14.04
N PHE B 408 5.44 -2.66 13.58
CA PHE B 408 4.72 -3.31 12.51
C PHE B 408 3.43 -3.94 13.03
N THR B 409 3.50 -4.71 14.12
CA THR B 409 2.27 -5.31 14.62
C THR B 409 1.26 -4.24 15.03
N GLU B 410 1.71 -3.10 15.55
CA GLU B 410 0.79 -2.02 15.85
C GLU B 410 0.07 -1.57 14.60
N ALA B 411 0.79 -1.48 13.48
CA ALA B 411 0.17 -1.03 12.24
C ALA B 411 -0.76 -2.11 11.66
N GLU B 412 -0.33 -3.36 11.71
CA GLU B 412 -1.23 -4.47 11.44
C GLU B 412 -2.47 -4.38 12.32
N SER B 413 -2.30 -4.09 13.61
CA SER B 413 -3.44 -4.05 14.52
C SER B 413 -4.39 -2.90 14.17
N ASN B 414 -3.86 -1.68 14.04
CA ASN B 414 -4.76 -0.54 13.86
C ASN B 414 -5.60 -0.70 12.60
N MET B 415 -5.06 -1.40 11.60
CA MET B 415 -5.78 -1.58 10.35
C MET B 415 -6.78 -2.73 10.42
N ASN B 416 -6.46 -3.80 11.15
CA ASN B 416 -7.45 -4.84 11.38
C ASN B 416 -8.64 -4.29 12.18
N ASP B 417 -8.37 -3.38 13.12
CA ASP B 417 -9.45 -2.68 13.82
C ASP B 417 -10.31 -1.88 12.87
N LEU B 418 -9.69 -1.02 12.07
CA LEU B 418 -10.40 -0.22 11.09
C LEU B 418 -11.30 -1.09 10.23
N VAL B 419 -10.88 -2.33 9.97
CA VAL B 419 -11.70 -3.29 9.24
C VAL B 419 -12.89 -3.75 10.09
N SER B 420 -12.67 -3.93 11.40
CA SER B 420 -13.78 -4.27 12.30
C SER B 420 -14.76 -3.11 12.42
N GLU B 421 -14.24 -1.89 12.58
N GLU B 421 -14.24 -1.90 12.61
CA GLU B 421 -15.12 -0.74 12.69
CA GLU B 421 -15.07 -0.71 12.68
C GLU B 421 -15.95 -0.55 11.43
C GLU B 421 -15.95 -0.58 11.45
N TYR B 422 -15.47 -1.01 10.29
CA TYR B 422 -16.25 -0.92 9.07
C TYR B 422 -17.28 -2.03 8.96
N GLN B 423 -16.99 -3.22 9.52
CA GLN B 423 -17.95 -4.32 9.42
C GLN B 423 -19.12 -4.08 10.35
N GLN B 424 -18.87 -3.48 11.51
CA GLN B 424 -19.94 -3.32 12.48
C GLN B 424 -21.02 -2.37 11.97
N TYR B 425 -20.66 -1.38 11.16
CA TYR B 425 -21.69 -0.51 10.60
C TYR B 425 -22.29 -1.05 9.32
N GLN B 426 -21.73 -2.10 8.74
CA GLN B 426 -22.43 -2.81 7.68
C GLN B 426 -23.60 -3.62 8.20
N ASP B 427 -23.69 -3.80 9.53
CA ASP B 427 -24.68 -4.60 10.22
C ASP B 427 -25.42 -3.67 11.19
N ALA B 428 -26.38 -2.88 10.72
CA ALA B 428 -27.04 -1.94 11.64
C ALA B 428 -28.47 -1.54 11.23
N MET C 1 25.76 11.44 -10.27
CA MET C 1 25.23 10.81 -9.06
C MET C 1 25.04 9.29 -9.23
N ARG C 2 24.84 8.61 -8.10
CA ARG C 2 24.57 7.17 -8.08
C ARG C 2 25.73 6.36 -8.67
N GLU C 3 26.95 6.85 -8.49
CA GLU C 3 28.13 6.19 -9.03
C GLU C 3 28.36 4.84 -8.36
N CYS C 4 28.87 3.88 -9.13
CA CYS C 4 29.26 2.57 -8.63
C CYS C 4 30.72 2.33 -8.93
N ILE C 5 31.45 1.85 -7.93
CA ILE C 5 32.86 1.52 -8.07
C ILE C 5 33.02 0.01 -8.19
N SER C 6 33.55 -0.43 -9.33
CA SER C 6 33.90 -1.83 -9.50
C SER C 6 35.28 -2.10 -8.90
N ILE C 7 35.43 -3.28 -8.30
CA ILE C 7 36.70 -3.73 -7.76
C ILE C 7 36.91 -5.17 -8.21
N HIS C 8 37.91 -5.37 -9.06
CA HIS C 8 38.20 -6.68 -9.63
C HIS C 8 39.46 -7.24 -8.97
N VAL C 9 39.32 -8.40 -8.36
CA VAL C 9 40.30 -8.93 -7.42
C VAL C 9 40.79 -10.28 -7.88
N GLY C 10 42.08 -10.40 -8.03
CA GLY C 10 42.70 -11.65 -8.42
C GLY C 10 42.62 -11.86 -9.91
N GLN C 11 43.14 -13.01 -10.35
CA GLN C 11 43.16 -13.29 -11.78
C GLN C 11 41.77 -13.27 -12.38
N ALA C 12 40.84 -14.05 -11.80
CA ALA C 12 39.50 -14.17 -12.37
C ALA C 12 38.79 -12.83 -12.37
N GLY C 13 38.75 -12.18 -11.20
CA GLY C 13 38.19 -10.84 -11.12
C GLY C 13 38.73 -9.91 -12.19
N VAL C 14 40.05 -9.90 -12.38
CA VAL C 14 40.65 -8.96 -13.31
C VAL C 14 40.28 -9.31 -14.75
N GLN C 15 40.27 -10.59 -15.09
CA GLN C 15 40.01 -10.98 -16.47
C GLN C 15 38.54 -10.88 -16.81
N ILE C 16 37.65 -11.11 -15.84
CA ILE C 16 36.26 -10.71 -15.98
C ILE C 16 36.16 -9.20 -16.20
N GLY C 17 36.94 -8.44 -15.44
CA GLY C 17 36.93 -6.99 -15.60
C GLY C 17 37.35 -6.54 -16.99
N ASN C 18 38.36 -7.20 -17.57
CA ASN C 18 38.69 -6.90 -18.96
C ASN C 18 37.48 -7.13 -19.85
N ALA C 19 36.77 -8.24 -19.61
CA ALA C 19 35.63 -8.57 -20.46
C ALA C 19 34.50 -7.57 -20.26
N CYS C 20 34.17 -7.28 -19.00
CA CYS C 20 33.09 -6.35 -18.71
C CYS C 20 33.40 -4.96 -19.24
N TRP C 21 34.58 -4.44 -18.93
CA TRP C 21 34.88 -3.06 -19.33
C TRP C 21 35.06 -2.94 -20.84
N GLU C 22 35.54 -4.00 -21.49
CA GLU C 22 35.57 -3.93 -22.95
C GLU C 22 34.17 -3.87 -23.51
N LEU C 23 33.27 -4.69 -22.97
CA LEU C 23 31.88 -4.64 -23.41
C LEU C 23 31.24 -3.30 -23.08
N TYR C 24 31.53 -2.73 -21.90
CA TYR C 24 30.92 -1.46 -21.52
C TYR C 24 31.30 -0.38 -22.52
N CYS C 25 32.57 -0.30 -22.88
CA CYS C 25 32.98 0.71 -23.85
C CYS C 25 32.25 0.53 -25.17
N LEU C 26 32.15 -0.71 -25.65
CA LEU C 26 31.44 -0.93 -26.90
C LEU C 26 29.97 -0.55 -26.77
N GLU C 27 29.36 -0.78 -25.60
CA GLU C 27 27.94 -0.46 -25.46
C GLU C 27 27.72 1.04 -25.37
N HIS C 28 28.71 1.77 -24.87
CA HIS C 28 28.60 3.20 -24.69
C HIS C 28 29.29 3.99 -25.79
N GLY C 29 29.94 3.32 -26.73
CA GLY C 29 30.69 4.04 -27.74
C GLY C 29 31.95 4.70 -27.20
N ILE C 30 32.65 4.04 -26.28
CA ILE C 30 33.90 4.53 -25.73
C ILE C 30 35.03 3.81 -26.43
N GLN C 31 35.94 4.58 -26.96
CA GLN C 31 37.11 4.11 -27.69
C GLN C 31 38.23 3.78 -26.72
N PRO C 32 39.21 2.98 -27.15
CA PRO C 32 40.26 2.53 -26.22
C PRO C 32 41.14 3.64 -25.66
N ASP C 33 41.06 4.87 -26.19
CA ASP C 33 41.72 6.01 -25.57
C ASP C 33 40.78 6.80 -24.65
N GLY C 34 39.62 6.23 -24.32
CA GLY C 34 38.67 6.85 -23.42
C GLY C 34 37.77 7.88 -24.07
N GLN C 35 37.96 8.18 -25.34
CA GLN C 35 37.18 9.23 -25.97
C GLN C 35 35.82 8.67 -26.36
N MET C 36 34.79 9.47 -26.13
CA MET C 36 33.42 9.11 -26.49
C MET C 36 32.83 10.26 -27.29
N PRO C 37 33.05 10.26 -28.62
CA PRO C 37 32.39 11.24 -29.50
C PRO C 37 30.96 11.63 -29.14
N SER C 38 30.18 10.69 -28.62
CA SER C 38 28.81 11.01 -28.22
C SER C 38 28.79 12.07 -27.13
N ASP C 39 29.62 11.92 -26.11
CA ASP C 39 29.45 12.79 -24.93
C ASP C 39 29.92 14.19 -25.27
N LYS C 40 28.98 15.12 -25.37
CA LYS C 40 29.32 16.54 -25.42
C LYS C 40 29.51 17.15 -24.03
N THR C 41 29.37 16.35 -22.96
CA THR C 41 29.68 16.81 -21.60
C THR C 41 31.17 16.56 -21.35
N ILE C 42 32.00 17.51 -21.79
CA ILE C 42 33.43 17.33 -21.67
C ILE C 42 33.85 17.58 -20.22
N GLY C 43 34.71 16.71 -19.70
CA GLY C 43 35.21 16.81 -18.34
C GLY C 43 34.24 16.48 -17.23
N GLY C 44 33.02 16.04 -17.55
CA GLY C 44 32.08 15.65 -16.52
C GLY C 44 30.74 15.32 -17.12
N GLY C 45 29.74 15.26 -16.27
CA GLY C 45 28.39 14.96 -16.71
C GLY C 45 27.66 14.08 -15.72
N ASP C 46 26.36 13.98 -15.92
CA ASP C 46 25.53 13.10 -15.09
C ASP C 46 24.68 12.16 -15.96
N ASP C 47 25.17 11.82 -17.16
CA ASP C 47 24.48 10.84 -17.96
C ASP C 47 24.48 9.48 -17.25
N SER C 48 23.67 8.57 -17.78
CA SER C 48 23.51 7.28 -17.14
C SER C 48 24.83 6.53 -17.09
N PHE C 49 25.63 6.62 -18.17
CA PHE C 49 26.89 5.90 -18.15
C PHE C 49 27.85 6.43 -17.08
N ASN C 50 27.70 7.69 -16.66
CA ASN C 50 28.66 8.24 -15.69
C ASN C 50 28.62 7.54 -14.35
N THR C 51 27.63 6.66 -14.12
CA THR C 51 27.64 5.82 -12.92
C THR C 51 28.89 4.95 -12.89
N PHE C 52 29.42 4.62 -14.07
CA PHE C 52 30.55 3.71 -14.24
C PHE C 52 31.78 4.34 -14.85
N PHE C 53 31.70 5.56 -15.35
CA PHE C 53 32.84 6.19 -16.01
C PHE C 53 32.93 7.63 -15.52
N SER C 54 34.05 7.98 -14.89
CA SER C 54 34.33 9.38 -14.69
C SER C 54 34.82 10.00 -16.00
N GLU C 55 34.99 11.32 -15.99
CA GLU C 55 35.41 12.07 -17.17
C GLU C 55 36.52 13.03 -16.79
N THR C 56 37.45 13.22 -17.73
CA THR C 56 38.54 14.19 -17.64
C THR C 56 38.31 15.32 -18.63
N GLY C 57 38.92 16.48 -18.34
CA GLY C 57 38.87 17.59 -19.30
C GLY C 57 39.34 17.23 -20.68
N ALA C 58 40.23 16.24 -20.81
CA ALA C 58 40.68 15.77 -22.11
C ALA C 58 39.63 14.94 -22.87
N GLY C 59 38.42 14.81 -22.32
CA GLY C 59 37.38 13.97 -22.88
C GLY C 59 37.55 12.47 -22.67
N LYS C 60 38.55 12.04 -21.90
CA LYS C 60 38.75 10.62 -21.66
C LYS C 60 37.77 10.13 -20.60
N HIS C 61 37.08 9.04 -20.89
CA HIS C 61 36.12 8.42 -19.98
C HIS C 61 36.79 7.26 -19.27
N VAL C 62 36.86 7.34 -17.95
CA VAL C 62 37.72 6.48 -17.15
C VAL C 62 36.85 5.59 -16.27
N PRO C 63 36.96 4.26 -16.42
CA PRO C 63 36.32 3.35 -15.47
C PRO C 63 36.42 3.77 -14.01
N ARG C 64 35.30 3.76 -13.30
CA ARG C 64 35.29 3.83 -11.85
C ARG C 64 35.62 2.45 -11.27
N ALA C 65 36.79 1.94 -11.61
CA ALA C 65 37.17 0.59 -11.25
C ALA C 65 38.59 0.58 -10.71
N VAL C 66 38.94 -0.57 -10.16
CA VAL C 66 40.23 -0.84 -9.54
C VAL C 66 40.51 -2.30 -9.77
N PHE C 67 41.67 -2.60 -10.34
CA PHE C 67 42.12 -3.96 -10.47
C PHE C 67 43.20 -4.14 -9.42
N VAL C 68 43.15 -5.22 -8.67
CA VAL C 68 44.17 -5.49 -7.69
C VAL C 68 44.45 -6.99 -7.77
N ASP C 69 45.71 -7.34 -7.95
CA ASP C 69 46.18 -8.71 -7.80
C ASP C 69 47.48 -8.68 -6.99
N LEU C 70 47.75 -9.77 -6.26
CA LEU C 70 48.98 -9.89 -5.50
C LEU C 70 50.18 -10.22 -6.38
N GLU C 71 49.96 -10.37 -7.67
CA GLU C 71 50.95 -10.76 -8.61
C GLU C 71 50.75 -9.88 -9.84
N PRO C 72 51.83 -9.50 -10.51
CA PRO C 72 51.71 -8.56 -11.62
C PRO C 72 51.30 -9.17 -12.94
N THR C 73 51.40 -10.49 -13.10
CA THR C 73 51.27 -11.10 -14.44
C THR C 73 50.04 -10.62 -15.18
N VAL C 74 48.88 -10.75 -14.56
CA VAL C 74 47.65 -10.61 -15.32
C VAL C 74 47.25 -9.14 -15.46
N ILE C 75 47.49 -8.31 -14.43
CA ILE C 75 47.24 -6.88 -14.60
C ILE C 75 48.23 -6.26 -15.58
N ASP C 76 49.48 -6.75 -15.63
CA ASP C 76 50.42 -6.27 -16.64
C ASP C 76 49.82 -6.33 -18.06
N GLU C 77 48.93 -7.30 -18.32
CA GLU C 77 48.29 -7.36 -19.63
C GLU C 77 47.35 -6.19 -19.82
N VAL C 78 46.58 -5.85 -18.80
CA VAL C 78 45.83 -4.61 -18.82
C VAL C 78 46.77 -3.44 -19.09
N ARG C 79 47.91 -3.41 -18.39
CA ARG C 79 48.83 -2.28 -18.49
C ARG C 79 49.35 -2.08 -19.90
N THR C 80 49.56 -3.17 -20.64
CA THR C 80 50.08 -3.10 -22.01
C THR C 80 49.04 -3.50 -23.06
N GLY C 81 47.80 -3.74 -22.65
CA GLY C 81 46.80 -4.18 -23.57
C GLY C 81 46.21 -3.04 -24.36
N THR C 82 45.21 -3.40 -25.16
CA THR C 82 44.55 -2.42 -26.00
C THR C 82 43.94 -1.30 -25.18
N TYR C 83 43.25 -1.64 -24.09
CA TYR C 83 42.44 -0.68 -23.36
C TYR C 83 43.25 0.05 -22.29
N ARG C 84 44.57 -0.02 -22.41
CA ARG C 84 45.48 0.47 -21.38
C ARG C 84 45.43 1.97 -21.17
N GLN C 85 44.87 2.74 -22.11
CA GLN C 85 44.74 4.16 -21.84
C GLN C 85 43.49 4.50 -21.04
N LEU C 86 42.56 3.55 -20.90
CA LEU C 86 41.36 3.82 -20.13
C LEU C 86 41.70 4.24 -18.72
N PHE C 87 42.69 3.58 -18.13
CA PHE C 87 42.93 3.64 -16.71
C PHE C 87 44.08 4.57 -16.36
N HIS C 88 43.95 5.25 -15.26
CA HIS C 88 45.08 5.82 -14.60
C HIS C 88 45.92 4.69 -14.02
N PRO C 89 47.24 4.70 -14.22
CA PRO C 89 48.09 3.64 -13.65
C PRO C 89 47.73 3.23 -12.24
N GLU C 90 47.32 4.19 -11.42
CA GLU C 90 47.10 3.90 -10.01
C GLU C 90 45.84 3.09 -9.75
N GLN C 91 44.98 2.91 -10.74
CA GLN C 91 43.83 2.00 -10.62
C GLN C 91 44.24 0.54 -10.76
N LEU C 92 45.43 0.28 -11.33
CA LEU C 92 45.93 -1.07 -11.57
C LEU C 92 47.02 -1.35 -10.55
N ILE C 93 46.69 -2.17 -9.56
CA ILE C 93 47.50 -2.39 -8.37
C ILE C 93 47.96 -3.83 -8.34
N THR C 94 49.27 -4.04 -8.27
CA THR C 94 49.83 -5.37 -8.16
C THR C 94 50.86 -5.44 -7.04
N GLY C 95 50.96 -6.60 -6.41
CA GLY C 95 52.09 -6.95 -5.57
C GLY C 95 53.13 -7.68 -6.40
N LYS C 96 53.89 -8.52 -5.73
CA LYS C 96 54.90 -9.33 -6.38
C LYS C 96 54.70 -10.82 -6.18
N GLU C 97 54.41 -11.25 -4.96
CA GLU C 97 54.14 -12.64 -4.63
C GLU C 97 52.63 -12.84 -4.57
N ASP C 98 52.11 -13.92 -5.17
CA ASP C 98 50.68 -14.15 -5.03
C ASP C 98 50.40 -15.02 -3.79
N ALA C 99 49.12 -15.35 -3.61
CA ALA C 99 48.69 -16.06 -2.42
C ALA C 99 48.75 -17.57 -2.58
N ALA C 100 49.26 -18.06 -3.71
CA ALA C 100 49.55 -19.49 -3.88
C ALA C 100 48.35 -20.35 -3.58
N ASN C 101 47.19 -19.94 -4.10
CA ASN C 101 45.95 -20.67 -3.87
C ASN C 101 45.66 -20.86 -2.40
N ASN C 102 46.17 -19.95 -1.55
CA ASN C 102 46.00 -20.06 -0.09
C ASN C 102 45.19 -18.87 0.43
N TYR C 103 44.10 -19.18 1.13
CA TYR C 103 43.23 -18.14 1.69
C TYR C 103 44.00 -17.29 2.68
N ALA C 104 44.75 -17.96 3.57
CA ALA C 104 45.50 -17.27 4.61
C ALA C 104 46.48 -16.28 4.02
N ARG C 105 47.24 -16.69 3.01
CA ARG C 105 48.18 -15.76 2.38
C ARG C 105 47.44 -14.56 1.82
N GLY C 106 46.27 -14.79 1.20
CA GLY C 106 45.55 -13.71 0.56
C GLY C 106 44.89 -12.77 1.55
N HIS C 107 44.41 -13.29 2.68
CA HIS C 107 43.73 -12.50 3.71
C HIS C 107 44.70 -11.91 4.75
N TYR C 108 45.72 -12.67 5.16
CA TYR C 108 46.67 -12.21 6.17
C TYR C 108 48.04 -11.93 5.56
N THR C 109 48.87 -12.97 5.39
CA THR C 109 50.29 -12.82 5.06
C THR C 109 50.58 -11.84 3.95
N ILE C 110 50.20 -12.18 2.73
CA ILE C 110 50.55 -11.28 1.62
C ILE C 110 49.61 -10.10 1.58
N GLY C 111 48.31 -10.36 1.76
CA GLY C 111 47.32 -9.34 1.52
C GLY C 111 47.38 -8.18 2.48
N LYS C 112 47.72 -8.44 3.74
CA LYS C 112 47.85 -7.35 4.69
C LYS C 112 48.93 -6.36 4.29
N GLU C 113 49.83 -6.79 3.41
CA GLU C 113 50.91 -5.92 2.96
C GLU C 113 50.45 -4.89 1.95
N ILE C 114 49.29 -5.09 1.34
CA ILE C 114 48.83 -4.22 0.27
C ILE C 114 47.39 -3.73 0.49
N ILE C 115 46.72 -4.18 1.55
CA ILE C 115 45.33 -3.79 1.80
C ILE C 115 45.21 -2.28 1.96
N ASP C 116 46.17 -1.65 2.65
CA ASP C 116 46.04 -0.21 2.94
C ASP C 116 46.19 0.63 1.69
N LEU C 117 47.05 0.24 0.77
CA LEU C 117 47.15 0.97 -0.48
C LEU C 117 45.90 0.78 -1.33
N VAL C 118 45.36 -0.44 -1.36
CA VAL C 118 44.13 -0.68 -2.12
C VAL C 118 43.01 0.21 -1.60
N LEU C 119 42.83 0.26 -0.28
CA LEU C 119 41.82 1.16 0.26
C LEU C 119 42.15 2.59 -0.09
N ASP C 120 43.40 3.00 0.09
CA ASP C 120 43.83 4.34 -0.25
C ASP C 120 43.54 4.67 -1.70
N ARG C 121 43.47 3.68 -2.57
CA ARG C 121 43.10 3.96 -3.95
C ARG C 121 41.60 3.87 -4.18
N ILE C 122 40.91 2.96 -3.51
CA ILE C 122 39.45 2.99 -3.56
C ILE C 122 38.95 4.34 -3.07
N ARG C 123 39.55 4.85 -1.99
CA ARG C 123 39.14 6.16 -1.48
C ARG C 123 39.28 7.24 -2.56
N LYS C 124 40.34 7.19 -3.35
CA LYS C 124 40.51 8.17 -4.42
C LYS C 124 39.38 8.11 -5.43
N LEU C 125 38.83 6.92 -5.67
CA LEU C 125 37.66 6.83 -6.54
C LEU C 125 36.42 7.40 -5.84
N ALA C 126 36.22 7.02 -4.57
CA ALA C 126 35.05 7.50 -3.83
C ALA C 126 34.99 9.02 -3.83
N ASP C 127 36.13 9.69 -3.76
CA ASP C 127 36.15 11.14 -3.62
C ASP C 127 35.95 11.87 -4.93
N GLN C 128 35.85 11.19 -6.07
CA GLN C 128 35.32 11.81 -7.27
C GLN C 128 33.84 11.54 -7.47
N CYS C 129 33.18 10.91 -6.51
CA CYS C 129 31.77 10.60 -6.60
C CYS C 129 30.96 11.59 -5.79
N THR C 130 29.87 12.08 -6.38
CA THR C 130 28.94 12.93 -5.65
C THR C 130 27.86 12.15 -4.92
N GLY C 131 27.57 10.93 -5.33
CA GLY C 131 26.58 10.15 -4.63
C GLY C 131 26.91 8.68 -4.71
N LEU C 132 28.09 8.31 -4.26
CA LEU C 132 28.51 6.92 -4.41
C LEU C 132 27.46 6.01 -3.81
N GLN C 133 26.96 5.08 -4.64
CA GLN C 133 25.93 4.09 -4.30
C GLN C 133 26.49 2.82 -3.67
N GLY C 134 27.59 2.28 -4.17
CA GLY C 134 28.15 1.06 -3.62
C GLY C 134 29.26 0.51 -4.48
N PHE C 135 29.68 -0.71 -4.14
CA PHE C 135 30.77 -1.41 -4.80
C PHE C 135 30.30 -2.68 -5.51
N LEU C 136 31.03 -3.04 -6.56
CA LEU C 136 30.85 -4.27 -7.30
C LEU C 136 32.18 -5.00 -7.23
N VAL C 137 32.20 -6.13 -6.57
CA VAL C 137 33.43 -6.81 -6.28
C VAL C 137 33.44 -8.11 -7.06
N PHE C 138 34.33 -8.21 -8.04
CA PHE C 138 34.48 -9.38 -8.88
C PHE C 138 35.68 -10.18 -8.38
N HIS C 139 35.46 -11.45 -8.05
CA HIS C 139 36.54 -12.26 -7.52
C HIS C 139 36.16 -13.72 -7.73
N SER C 140 37.14 -14.60 -7.59
CA SER C 140 36.84 -16.01 -7.65
C SER C 140 36.71 -16.54 -6.21
N PHE C 141 35.96 -17.64 -6.07
CA PHE C 141 35.91 -18.38 -4.81
C PHE C 141 37.22 -19.08 -4.52
N GLY C 142 37.95 -19.49 -5.56
CA GLY C 142 38.88 -20.60 -5.46
C GLY C 142 40.33 -20.22 -5.23
N GLY C 143 40.76 -19.08 -5.80
CA GLY C 143 42.14 -18.61 -5.61
C GLY C 143 42.39 -18.02 -4.23
N GLY C 144 43.68 -17.88 -3.90
CA GLY C 144 44.04 -17.35 -2.61
C GLY C 144 43.87 -15.85 -2.51
N THR C 145 43.97 -15.14 -3.63
CA THR C 145 43.61 -13.73 -3.66
C THR C 145 42.10 -13.53 -3.81
N GLY C 146 41.48 -14.22 -4.78
CA GLY C 146 40.03 -14.12 -4.96
C GLY C 146 39.23 -14.42 -3.71
N SER C 147 39.70 -15.38 -2.91
CA SER C 147 39.03 -15.70 -1.65
C SER C 147 39.60 -14.87 -0.50
N GLY C 148 40.87 -15.07 -0.19
CA GLY C 148 41.47 -14.44 0.98
C GLY C 148 41.49 -12.92 0.91
N PHE C 149 41.85 -12.34 -0.23
CA PHE C 149 42.01 -10.89 -0.21
C PHE C 149 40.67 -10.18 -0.29
N THR C 150 39.74 -10.74 -1.08
CA THR C 150 38.41 -10.14 -1.19
C THR C 150 37.73 -10.05 0.18
N SER C 151 37.77 -11.13 0.96
CA SER C 151 37.06 -11.07 2.22
C SER C 151 37.77 -10.13 3.16
N LEU C 152 39.10 -10.01 3.05
CA LEU C 152 39.82 -8.95 3.75
C LEU C 152 39.34 -7.58 3.30
N LEU C 153 39.38 -7.33 1.99
CA LEU C 153 38.89 -6.06 1.47
C LEU C 153 37.46 -5.78 1.92
N MET C 154 36.60 -6.80 1.92
CA MET C 154 35.19 -6.58 2.25
C MET C 154 35.04 -6.13 3.71
N GLU C 155 35.68 -6.83 4.64
CA GLU C 155 35.76 -6.37 6.03
C GLU C 155 36.22 -4.91 6.11
N ARG C 156 37.34 -4.60 5.47
CA ARG C 156 37.84 -3.24 5.50
C ARG C 156 36.85 -2.25 4.88
N LEU C 157 36.10 -2.69 3.86
CA LEU C 157 35.15 -1.80 3.22
C LEU C 157 33.90 -1.57 4.08
N SER C 158 33.45 -2.58 4.83
CA SER C 158 32.40 -2.33 5.80
C SER C 158 32.82 -1.27 6.80
N VAL C 159 34.04 -1.37 7.33
CA VAL C 159 34.51 -0.43 8.34
C VAL C 159 34.58 0.98 7.77
N ASP C 160 35.12 1.11 6.56
CA ASP C 160 35.37 2.43 5.98
C ASP C 160 34.15 3.01 5.28
N TYR C 161 33.12 2.22 4.97
CA TYR C 161 32.00 2.75 4.21
C TYR C 161 30.67 2.37 4.82
N GLY C 162 30.68 1.84 6.04
CA GLY C 162 29.44 1.61 6.74
C GLY C 162 28.64 0.53 6.05
N LYS C 163 27.35 0.79 5.85
CA LYS C 163 26.47 -0.14 5.17
C LYS C 163 26.22 0.24 3.71
N LYS C 164 27.07 1.12 3.16
CA LYS C 164 27.13 1.29 1.72
C LYS C 164 27.21 -0.06 1.04
N SER C 165 26.38 -0.23 0.01
CA SER C 165 26.11 -1.55 -0.54
C SER C 165 27.33 -2.14 -1.25
N LYS C 166 27.47 -3.46 -1.11
CA LYS C 166 28.53 -4.23 -1.75
C LYS C 166 27.90 -5.46 -2.40
N LEU C 167 27.95 -5.50 -3.72
CA LEU C 167 27.48 -6.64 -4.52
C LEU C 167 28.69 -7.43 -5.00
N GLU C 168 28.57 -8.75 -5.00
CA GLU C 168 29.64 -9.61 -5.51
C GLU C 168 29.23 -10.33 -6.78
N PHE C 169 30.18 -10.43 -7.71
CA PHE C 169 30.17 -11.44 -8.75
C PHE C 169 31.27 -12.43 -8.41
N SER C 170 30.87 -13.59 -7.90
CA SER C 170 31.80 -14.60 -7.40
C SER C 170 31.88 -15.77 -8.36
N ILE C 171 33.10 -16.20 -8.65
CA ILE C 171 33.35 -17.28 -9.59
C ILE C 171 33.60 -18.55 -8.78
N TYR C 172 32.63 -19.45 -8.83
CA TYR C 172 32.38 -20.75 -8.21
C TYR C 172 33.14 -21.83 -8.98
N PRO C 173 33.89 -22.68 -8.27
CA PRO C 173 34.83 -23.55 -8.96
C PRO C 173 34.12 -24.61 -9.77
N ALA C 174 34.71 -24.91 -10.92
CA ALA C 174 34.41 -26.08 -11.72
C ALA C 174 35.66 -26.92 -11.83
N PRO C 175 35.56 -28.24 -11.66
CA PRO C 175 36.76 -29.09 -11.77
C PRO C 175 37.38 -29.12 -13.15
N GLN C 176 36.63 -28.75 -14.21
CA GLN C 176 37.18 -28.63 -15.56
C GLN C 176 38.25 -27.56 -15.65
N VAL C 177 38.16 -26.52 -14.82
CA VAL C 177 39.11 -25.43 -14.89
C VAL C 177 39.74 -25.21 -13.51
N SER C 178 39.40 -26.05 -12.52
CA SER C 178 39.88 -25.82 -11.15
C SER C 178 41.38 -26.00 -11.08
N THR C 179 42.07 -24.95 -10.66
CA THR C 179 43.53 -24.85 -10.64
C THR C 179 44.16 -25.31 -9.32
N ALA C 180 43.38 -25.65 -8.29
CA ALA C 180 43.93 -25.99 -6.98
C ALA C 180 43.01 -26.99 -6.31
N VAL C 181 43.60 -27.99 -5.64
CA VAL C 181 42.75 -28.93 -4.94
C VAL C 181 42.14 -28.34 -3.68
N VAL C 182 42.63 -27.20 -3.21
CA VAL C 182 42.14 -26.60 -1.97
C VAL C 182 41.04 -25.59 -2.26
N GLU C 183 40.57 -25.50 -3.51
CA GLU C 183 39.53 -24.54 -3.81
C GLU C 183 38.34 -24.66 -2.90
N PRO C 184 37.90 -25.86 -2.49
CA PRO C 184 36.77 -25.94 -1.55
C PRO C 184 37.08 -25.26 -0.22
N TYR C 185 38.29 -25.47 0.31
CA TYR C 185 38.72 -24.76 1.52
C TYR C 185 38.60 -23.26 1.35
N ASN C 186 39.29 -22.72 0.36
CA ASN C 186 39.19 -21.29 0.14
C ASN C 186 37.73 -20.88 -0.01
N SER C 187 36.95 -21.67 -0.76
CA SER C 187 35.56 -21.29 -1.01
C SER C 187 34.78 -21.16 0.29
N ILE C 188 34.94 -22.13 1.20
CA ILE C 188 34.18 -22.06 2.44
C ILE C 188 34.61 -20.86 3.28
N LEU C 189 35.92 -20.63 3.41
CA LEU C 189 36.39 -19.56 4.30
C LEU C 189 35.96 -18.19 3.79
N THR C 190 36.10 -17.93 2.49
CA THR C 190 35.72 -16.62 1.97
C THR C 190 34.23 -16.40 2.09
N THR C 191 33.42 -17.44 1.87
CA THR C 191 31.98 -17.25 1.96
C THR C 191 31.59 -16.95 3.40
N HIS C 192 32.17 -17.68 4.35
CA HIS C 192 31.88 -17.39 5.75
C HIS C 192 32.25 -15.97 6.12
N THR C 193 33.40 -15.49 5.66
CA THR C 193 33.88 -14.21 6.12
C THR C 193 33.19 -13.03 5.46
N THR C 194 32.81 -13.10 4.18
CA THR C 194 32.14 -11.94 3.60
C THR C 194 30.64 -12.00 3.77
N LEU C 195 30.10 -13.10 4.28
CA LEU C 195 28.65 -13.27 4.33
C LEU C 195 27.95 -12.08 4.96
N GLU C 196 28.36 -11.70 6.16
CA GLU C 196 27.71 -10.57 6.79
C GLU C 196 28.15 -9.23 6.22
N HIS C 197 29.05 -9.21 5.23
CA HIS C 197 29.49 -7.97 4.60
C HIS C 197 28.96 -7.76 3.19
N SER C 198 28.35 -8.78 2.58
CA SER C 198 27.81 -8.66 1.24
C SER C 198 26.32 -8.50 1.31
N ASP C 199 25.78 -7.57 0.52
CA ASP C 199 24.35 -7.39 0.40
C ASP C 199 23.72 -8.28 -0.67
N CYS C 200 24.52 -8.72 -1.63
CA CYS C 200 24.01 -9.44 -2.79
C CYS C 200 25.17 -10.04 -3.56
N ALA C 201 25.21 -11.36 -3.73
CA ALA C 201 26.30 -12.01 -4.45
C ALA C 201 25.71 -12.84 -5.57
N PHE C 202 26.12 -12.53 -6.81
CA PHE C 202 25.76 -13.33 -7.99
C PHE C 202 26.86 -14.37 -8.24
N MET C 203 26.63 -15.63 -7.84
CA MET C 203 27.57 -16.70 -8.11
C MET C 203 27.57 -17.10 -9.58
N VAL C 204 28.77 -17.23 -10.16
CA VAL C 204 28.92 -17.68 -11.55
C VAL C 204 29.66 -19.01 -11.53
N ASP C 205 28.94 -20.08 -11.85
CA ASP C 205 29.49 -21.44 -11.86
C ASP C 205 30.30 -21.63 -13.13
N ASN C 206 31.61 -21.83 -12.99
CA ASN C 206 32.42 -22.07 -14.17
C ASN C 206 31.93 -23.28 -14.94
N GLU C 207 31.41 -24.31 -14.25
CA GLU C 207 30.95 -25.51 -14.95
C GLU C 207 29.66 -25.22 -15.71
N ALA C 208 28.77 -24.43 -15.11
CA ALA C 208 27.59 -23.99 -15.83
C ALA C 208 28.00 -23.23 -17.08
N ILE C 209 28.83 -22.21 -16.91
CA ILE C 209 29.28 -21.40 -18.03
C ILE C 209 30.03 -22.25 -19.04
N TYR C 210 30.86 -23.15 -18.54
CA TYR C 210 31.60 -24.06 -19.40
C TYR C 210 30.65 -24.96 -20.18
N ASP C 211 29.67 -25.53 -19.49
CA ASP C 211 28.72 -26.36 -20.19
C ASP C 211 27.98 -25.57 -21.26
N ILE C 212 27.59 -24.34 -20.96
CA ILE C 212 26.84 -23.55 -21.93
C ILE C 212 27.69 -23.25 -23.14
N CYS C 213 28.99 -23.03 -22.95
CA CYS C 213 29.83 -22.75 -24.10
C CYS C 213 29.97 -23.96 -25.00
N ARG C 214 30.26 -25.13 -24.41
CA ARG C 214 30.32 -26.35 -25.19
C ARG C 214 29.03 -26.58 -25.96
N ARG C 215 27.89 -26.40 -25.28
CA ARG C 215 26.61 -26.83 -25.81
C ARG C 215 26.01 -25.80 -26.75
N ASN C 216 25.87 -24.56 -26.32
CA ASN C 216 25.19 -23.56 -27.13
C ASN C 216 26.08 -22.92 -28.19
N LEU C 217 27.38 -23.13 -28.13
CA LEU C 217 28.29 -22.46 -29.04
C LEU C 217 29.25 -23.42 -29.75
N ASP C 218 29.03 -24.73 -29.63
CA ASP C 218 29.89 -25.79 -30.14
C ASP C 218 31.36 -25.40 -30.01
N ILE C 219 31.78 -25.08 -28.80
CA ILE C 219 33.16 -24.78 -28.48
C ILE C 219 33.75 -26.02 -27.84
N GLU C 220 34.60 -26.72 -28.59
CA GLU C 220 35.12 -28.02 -28.19
C GLU C 220 35.70 -28.00 -26.79
N ARG C 221 36.46 -26.98 -26.47
CA ARG C 221 37.11 -26.88 -25.16
C ARG C 221 37.20 -25.39 -24.80
N PRO C 222 36.25 -24.89 -24.04
CA PRO C 222 36.23 -23.44 -23.80
C PRO C 222 37.40 -22.97 -22.96
N THR C 223 37.82 -21.75 -23.23
CA THR C 223 38.87 -21.04 -22.51
C THR C 223 38.26 -19.97 -21.61
N TYR C 224 39.08 -19.46 -20.68
CA TYR C 224 38.65 -18.33 -19.86
C TYR C 224 38.18 -17.19 -20.73
N THR C 225 38.84 -16.97 -21.86
CA THR C 225 38.35 -16.00 -22.83
C THR C 225 36.94 -16.35 -23.28
N ASN C 226 36.66 -17.63 -23.55
CA ASN C 226 35.31 -18.02 -23.91
C ASN C 226 34.34 -17.71 -22.78
N LEU C 227 34.65 -18.20 -21.57
CA LEU C 227 33.78 -18.00 -20.41
C LEU C 227 33.54 -16.53 -20.12
N ASN C 228 34.63 -15.76 -19.98
CA ASN C 228 34.52 -14.36 -19.54
C ASN C 228 33.66 -13.54 -20.48
N ARG C 229 33.71 -13.83 -21.79
CA ARG C 229 32.91 -13.06 -22.73
C ARG C 229 31.42 -13.32 -22.53
N LEU C 230 31.07 -14.57 -22.22
CA LEU C 230 29.68 -14.86 -21.93
C LEU C 230 29.30 -14.28 -20.57
N ILE C 231 30.15 -14.52 -19.56
CA ILE C 231 29.98 -13.93 -18.24
C ILE C 231 29.72 -12.44 -18.34
N SER C 232 30.51 -11.75 -19.14
CA SER C 232 30.38 -10.30 -19.19
C SER C 232 29.03 -9.89 -19.72
N GLN C 233 28.42 -10.72 -20.57
CA GLN C 233 27.12 -10.37 -21.14
C GLN C 233 26.05 -10.43 -20.09
N ILE C 234 26.16 -11.40 -19.19
CA ILE C 234 25.28 -11.49 -18.03
C ILE C 234 25.50 -10.30 -17.10
N VAL C 235 26.75 -9.97 -16.82
CA VAL C 235 27.06 -8.81 -15.98
C VAL C 235 26.57 -7.53 -16.64
N SER C 236 26.73 -7.42 -17.96
CA SER C 236 26.19 -6.25 -18.64
C SER C 236 24.69 -6.10 -18.38
N SER C 237 23.94 -7.22 -18.44
CA SER C 237 22.48 -7.14 -18.23
C SER C 237 22.14 -6.72 -16.81
N ILE C 238 22.83 -7.28 -15.82
CA ILE C 238 22.56 -6.91 -14.43
C ILE C 238 22.94 -5.44 -14.18
N THR C 239 23.99 -4.93 -14.81
CA THR C 239 24.35 -3.53 -14.57
C THR C 239 23.73 -2.58 -15.57
N ALA C 240 23.08 -3.08 -16.63
CA ALA C 240 22.47 -2.18 -17.60
C ALA C 240 21.52 -1.22 -16.92
N SER C 241 20.66 -1.73 -16.03
CA SER C 241 19.78 -0.89 -15.21
C SER C 241 20.51 0.33 -14.63
N LEU C 242 21.79 0.17 -14.27
CA LEU C 242 22.56 1.28 -13.72
C LEU C 242 23.19 2.17 -14.78
N ARG C 243 23.56 1.62 -15.93
CA ARG C 243 24.35 2.38 -16.89
C ARG C 243 23.52 3.06 -17.97
N PHE C 244 22.31 2.61 -18.24
CA PHE C 244 21.41 3.25 -19.19
C PHE C 244 20.11 3.56 -18.50
N ASP C 245 19.38 4.53 -19.03
CA ASP C 245 18.04 4.75 -18.51
C ASP C 245 17.05 4.92 -19.64
N GLY C 246 15.80 4.61 -19.33
CA GLY C 246 14.67 4.85 -20.18
C GLY C 246 13.43 4.54 -19.37
N ALA C 247 12.27 4.76 -19.98
CA ALA C 247 11.01 4.67 -19.27
C ALA C 247 10.85 3.32 -18.57
N LEU C 248 11.07 2.23 -19.30
CA LEU C 248 10.81 0.90 -18.76
C LEU C 248 11.96 0.37 -17.93
N ASN C 249 13.08 1.08 -17.86
CA ASN C 249 14.20 0.68 -17.03
C ASN C 249 13.73 0.53 -15.58
N VAL C 250 14.36 -0.39 -14.85
CA VAL C 250 14.06 -0.61 -13.45
C VAL C 250 15.39 -0.79 -12.73
N ASP C 251 15.70 0.14 -11.82
CA ASP C 251 17.01 0.12 -11.18
C ASP C 251 17.25 -1.20 -10.45
N LEU C 252 18.46 -1.75 -10.66
CA LEU C 252 18.86 -3.00 -10.04
C LEU C 252 18.57 -3.05 -8.53
N THR C 253 18.62 -1.90 -7.84
CA THR C 253 18.29 -1.93 -6.41
C THR C 253 16.82 -2.26 -6.18
N GLU C 254 15.95 -1.90 -7.13
CA GLU C 254 14.56 -2.28 -7.00
C GLU C 254 14.40 -3.79 -7.05
N PHE C 255 15.19 -4.45 -7.91
CA PHE C 255 15.21 -5.91 -7.91
C PHE C 255 15.79 -6.46 -6.62
N GLN C 256 16.83 -5.82 -6.09
CA GLN C 256 17.46 -6.25 -4.84
C GLN C 256 16.46 -6.32 -3.69
N THR C 257 15.49 -5.39 -3.67
CA THR C 257 14.43 -5.41 -2.66
C THR C 257 13.67 -6.73 -2.69
N ASN C 258 13.28 -7.17 -3.88
CA ASN C 258 12.62 -8.46 -4.03
C ASN C 258 13.59 -9.62 -3.82
N LEU C 259 14.87 -9.44 -4.20
CA LEU C 259 15.75 -10.59 -4.27
C LEU C 259 16.23 -11.04 -2.91
N VAL C 260 16.20 -10.17 -1.91
CA VAL C 260 16.80 -10.53 -0.63
C VAL C 260 15.74 -10.52 0.46
N PRO C 261 15.12 -11.66 0.76
CA PRO C 261 14.12 -11.70 1.84
C PRO C 261 14.73 -11.64 3.24
N TYR C 262 15.96 -12.10 3.41
CA TYR C 262 16.65 -12.04 4.69
C TYR C 262 18.12 -11.82 4.36
N PRO C 263 18.86 -11.14 5.23
CA PRO C 263 20.23 -10.74 4.84
C PRO C 263 21.09 -11.89 4.35
N ARG C 264 21.06 -13.06 5.00
CA ARG C 264 21.90 -14.15 4.49
C ARG C 264 21.35 -14.76 3.20
N ILE C 265 20.06 -14.59 2.92
CA ILE C 265 19.51 -15.14 1.68
C ILE C 265 19.69 -14.11 0.58
N HIS C 266 20.92 -13.86 0.18
CA HIS C 266 21.21 -12.82 -0.79
C HIS C 266 21.96 -13.35 -2.00
N PHE C 267 21.79 -14.63 -2.33
CA PHE C 267 22.41 -15.27 -3.49
C PHE C 267 21.40 -15.52 -4.60
N PRO C 268 21.20 -14.60 -5.52
CA PRO C 268 20.28 -14.86 -6.62
C PRO C 268 20.90 -15.81 -7.64
N LEU C 269 20.02 -16.51 -8.36
CA LEU C 269 20.39 -17.37 -9.48
C LEU C 269 20.08 -16.64 -10.79
N ALA C 270 21.06 -16.59 -11.69
CA ALA C 270 20.90 -15.91 -12.95
C ALA C 270 20.79 -16.92 -14.08
N THR C 271 20.00 -16.53 -15.07
CA THR C 271 19.75 -17.32 -16.26
C THR C 271 19.72 -16.32 -17.41
N TYR C 272 20.42 -16.63 -18.50
CA TYR C 272 20.58 -15.70 -19.61
C TYR C 272 20.12 -16.35 -20.91
N ALA C 273 19.70 -15.51 -21.87
CA ALA C 273 19.30 -16.00 -23.19
C ALA C 273 19.08 -14.82 -24.13
N PRO C 274 19.42 -14.93 -25.41
CA PRO C 274 19.89 -16.16 -26.02
C PRO C 274 21.40 -16.23 -26.07
N VAL C 275 21.92 -17.42 -25.81
CA VAL C 275 23.32 -17.70 -26.06
C VAL C 275 23.37 -18.51 -27.34
N ILE C 276 23.94 -17.94 -28.38
CA ILE C 276 23.75 -18.51 -29.69
C ILE C 276 24.82 -17.93 -30.61
N SER C 277 25.38 -18.81 -31.43
CA SER C 277 26.44 -18.41 -32.35
C SER C 277 25.86 -17.78 -33.61
N ALA C 278 26.69 -16.95 -34.27
CA ALA C 278 26.22 -16.24 -35.47
C ALA C 278 25.69 -17.22 -36.52
N GLU C 279 26.40 -18.33 -36.72
CA GLU C 279 25.98 -19.34 -37.69
C GLU C 279 24.56 -19.80 -37.41
N LYS C 280 24.21 -19.98 -36.14
CA LYS C 280 22.89 -20.47 -35.78
C LYS C 280 21.85 -19.35 -35.70
N ALA C 281 22.27 -18.13 -35.36
CA ALA C 281 21.30 -17.03 -35.25
C ALA C 281 20.91 -16.46 -36.61
N TYR C 282 21.82 -16.53 -37.59
CA TYR C 282 21.48 -16.16 -38.96
C TYR C 282 20.17 -16.85 -39.36
N HIS C 283 19.20 -16.04 -39.80
CA HIS C 283 17.88 -16.49 -40.26
C HIS C 283 17.03 -17.09 -39.16
N GLU C 284 17.31 -16.77 -37.91
CA GLU C 284 16.49 -17.23 -36.79
C GLU C 284 16.39 -16.04 -35.85
N GLN C 285 15.42 -15.16 -36.11
CA GLN C 285 15.20 -14.02 -35.21
C GLN C 285 14.35 -14.48 -34.04
N LEU C 286 14.83 -14.19 -32.83
CA LEU C 286 14.34 -14.83 -31.61
C LEU C 286 13.35 -13.91 -30.88
N SER C 287 12.10 -14.36 -30.80
CA SER C 287 11.04 -13.60 -30.19
C SER C 287 11.30 -13.42 -28.70
N VAL C 288 10.62 -12.44 -28.11
CA VAL C 288 10.73 -12.35 -26.66
C VAL C 288 10.10 -13.57 -26.02
N ALA C 289 9.20 -14.27 -26.72
CA ALA C 289 8.70 -15.53 -26.16
C ALA C 289 9.79 -16.60 -26.09
N GLU C 290 10.63 -16.69 -27.11
CA GLU C 290 11.63 -17.76 -27.10
C GLU C 290 12.70 -17.53 -26.04
N ILE C 291 13.21 -16.30 -25.92
CA ILE C 291 14.23 -16.06 -24.92
C ILE C 291 13.66 -16.17 -23.51
N THR C 292 12.38 -15.80 -23.32
CA THR C 292 11.79 -15.94 -21.98
C THR C 292 11.65 -17.40 -21.61
N ASN C 293 11.15 -18.22 -22.54
CA ASN C 293 11.13 -19.65 -22.31
C ASN C 293 12.50 -20.14 -21.90
N ALA C 294 13.51 -19.75 -22.66
CA ALA C 294 14.87 -20.22 -22.44
C ALA C 294 15.36 -19.87 -21.05
N CYS C 295 14.78 -18.83 -20.42
CA CYS C 295 15.11 -18.53 -19.04
C CYS C 295 14.79 -19.68 -18.12
N PHE C 296 13.78 -20.44 -18.44
CA PHE C 296 13.33 -21.44 -17.50
C PHE C 296 13.85 -22.82 -17.85
N GLU C 297 14.62 -22.93 -18.94
CA GLU C 297 15.42 -24.13 -19.14
C GLU C 297 16.65 -24.07 -18.23
N PRO C 298 16.88 -25.09 -17.39
CA PRO C 298 18.05 -25.04 -16.50
C PRO C 298 19.38 -25.11 -17.22
N ALA C 299 19.39 -25.42 -18.51
CA ALA C 299 20.65 -25.40 -19.24
C ALA C 299 21.25 -24.01 -19.33
N ASN C 300 20.45 -22.97 -19.09
CA ASN C 300 20.94 -21.62 -19.25
C ASN C 300 21.15 -20.91 -17.93
N GLN C 301 21.25 -21.66 -16.82
CA GLN C 301 21.55 -21.05 -15.53
C GLN C 301 23.04 -20.81 -15.36
N MET C 302 23.38 -19.85 -14.52
CA MET C 302 24.77 -19.58 -14.22
C MET C 302 25.29 -20.43 -13.09
N VAL C 303 24.40 -21.07 -12.34
CA VAL C 303 24.77 -22.06 -11.35
C VAL C 303 24.07 -23.34 -11.73
N LYS C 304 24.78 -24.46 -11.64
CA LYS C 304 24.14 -25.74 -11.85
C LYS C 304 23.43 -26.15 -10.57
N CYS C 305 22.09 -26.26 -10.66
CA CYS C 305 21.20 -26.65 -9.57
C CYS C 305 19.82 -26.83 -10.17
N ASP C 306 18.90 -27.42 -9.40
CA ASP C 306 17.58 -27.66 -9.98
C ASP C 306 16.50 -26.80 -9.31
N PRO C 307 16.13 -25.65 -9.89
CA PRO C 307 15.03 -24.86 -9.30
C PRO C 307 13.75 -25.67 -9.22
N ARG C 308 13.55 -26.59 -10.16
CA ARG C 308 12.43 -27.53 -10.14
C ARG C 308 12.33 -28.31 -8.84
N HIS C 309 13.42 -28.49 -8.09
CA HIS C 309 13.36 -29.23 -6.82
C HIS C 309 13.54 -28.32 -5.62
N GLY C 310 13.45 -27.00 -5.83
CA GLY C 310 13.37 -26.03 -4.74
C GLY C 310 12.16 -25.12 -4.91
N LYS C 311 12.08 -24.05 -4.12
CA LYS C 311 10.97 -23.11 -4.23
C LYS C 311 11.50 -21.74 -4.58
N TYR C 312 10.68 -20.99 -5.28
CA TYR C 312 11.05 -19.61 -5.60
C TYR C 312 10.70 -18.67 -4.46
N MET C 313 11.56 -17.67 -4.26
CA MET C 313 11.20 -16.54 -3.43
C MET C 313 11.22 -15.24 -4.20
N ALA C 314 11.43 -15.32 -5.52
CA ALA C 314 11.53 -14.14 -6.37
C ALA C 314 11.83 -14.57 -7.80
N CYS C 315 11.21 -13.94 -8.78
CA CYS C 315 11.55 -14.12 -10.18
CA CYS C 315 11.55 -14.12 -10.18
C CYS C 315 11.55 -12.76 -10.84
N CYS C 316 12.69 -12.34 -11.37
CA CYS C 316 12.83 -11.10 -12.11
C CYS C 316 13.29 -11.37 -13.53
N LEU C 317 12.84 -10.55 -14.47
CA LEU C 317 13.32 -10.62 -15.83
C LEU C 317 13.88 -9.27 -16.24
N LEU C 318 15.12 -9.29 -16.68
CA LEU C 318 15.86 -8.10 -17.06
C LEU C 318 16.05 -8.18 -18.59
N TYR C 319 15.20 -7.44 -19.32
CA TYR C 319 15.22 -7.44 -20.77
C TYR C 319 16.01 -6.24 -21.29
N ARG C 320 16.83 -6.49 -22.30
CA ARG C 320 17.48 -5.44 -23.05
C ARG C 320 17.18 -5.65 -24.52
N GLY C 321 16.96 -4.54 -25.22
CA GLY C 321 16.87 -4.54 -26.65
C GLY C 321 15.47 -4.22 -27.13
N ASP C 322 15.15 -4.75 -28.31
CA ASP C 322 13.84 -4.57 -28.92
C ASP C 322 12.88 -5.52 -28.22
N VAL C 323 12.18 -4.99 -27.22
CA VAL C 323 11.32 -5.77 -26.34
C VAL C 323 10.27 -4.82 -25.81
N VAL C 324 8.99 -5.19 -25.95
CA VAL C 324 7.93 -4.29 -25.48
C VAL C 324 7.15 -5.00 -24.38
N PRO C 325 6.59 -4.24 -23.43
CA PRO C 325 5.71 -4.84 -22.42
C PRO C 325 4.71 -5.87 -22.93
N LYS C 326 3.92 -5.49 -23.94
CA LYS C 326 2.88 -6.38 -24.46
C LYS C 326 3.43 -7.77 -24.75
N ASP C 327 4.53 -7.82 -25.50
CA ASP C 327 5.18 -9.08 -25.85
C ASP C 327 5.69 -9.81 -24.62
N VAL C 328 6.32 -9.08 -23.70
CA VAL C 328 6.73 -9.68 -22.42
C VAL C 328 5.52 -10.26 -21.71
N ASN C 329 4.50 -9.44 -21.48
CA ASN C 329 3.31 -9.94 -20.81
C ASN C 329 2.80 -11.21 -21.46
N ALA C 330 2.75 -11.25 -22.80
CA ALA C 330 2.25 -12.43 -23.48
C ALA C 330 3.13 -13.64 -23.16
N ALA C 331 4.44 -13.45 -23.26
CA ALA C 331 5.38 -14.55 -23.06
C ALA C 331 5.31 -15.07 -21.64
N ILE C 332 5.26 -14.17 -20.66
CA ILE C 332 5.17 -14.60 -19.27
C ILE C 332 3.93 -15.43 -19.07
N ALA C 333 2.80 -14.99 -19.62
CA ALA C 333 1.52 -15.65 -19.41
C ALA C 333 1.55 -17.09 -19.90
N THR C 334 2.02 -17.32 -21.12
CA THR C 334 2.10 -18.71 -21.56
C THR C 334 3.08 -19.50 -20.67
N ILE C 335 4.16 -18.87 -20.20
CA ILE C 335 5.04 -19.54 -19.23
C ILE C 335 4.24 -19.97 -18.00
N LYS C 336 3.29 -19.14 -17.55
CA LYS C 336 2.53 -19.51 -16.36
C LYS C 336 1.55 -20.64 -16.66
N THR C 337 0.91 -20.62 -17.84
CA THR C 337 0.10 -21.77 -18.24
C THR C 337 0.98 -23.01 -18.35
N LYS C 338 2.11 -22.90 -19.04
CA LYS C 338 2.91 -24.06 -19.41
C LYS C 338 4.01 -24.40 -18.39
N ARG C 339 3.95 -23.83 -17.18
CA ARG C 339 4.99 -24.09 -16.19
C ARG C 339 4.49 -23.82 -14.78
N SER C 340 4.79 -24.73 -13.87
CA SER C 340 4.50 -24.57 -12.45
C SER C 340 5.78 -24.09 -11.79
N ILE C 341 5.93 -22.77 -11.75
CA ILE C 341 7.00 -22.09 -11.03
C ILE C 341 6.48 -21.79 -9.62
N GLN C 342 6.67 -22.74 -8.72
CA GLN C 342 6.06 -22.63 -7.40
C GLN C 342 6.88 -21.72 -6.48
N PHE C 343 6.19 -20.87 -5.70
CA PHE C 343 6.79 -19.98 -4.73
C PHE C 343 6.56 -20.45 -3.30
N VAL C 344 7.40 -19.95 -2.38
CA VAL C 344 7.14 -20.11 -0.95
C VAL C 344 5.87 -19.35 -0.58
N ASP C 345 5.15 -19.87 0.43
CA ASP C 345 3.82 -19.33 0.69
C ASP C 345 3.86 -17.94 1.30
N TRP C 346 4.99 -17.50 1.84
CA TRP C 346 5.07 -16.14 2.32
C TRP C 346 5.39 -15.15 1.19
N CYS C 347 5.25 -15.54 -0.06
CA CYS C 347 5.80 -14.73 -1.11
C CYS C 347 4.86 -14.53 -2.29
N PRO C 348 4.58 -13.29 -2.67
CA PRO C 348 3.82 -13.05 -3.90
C PRO C 348 4.50 -13.66 -5.09
N THR C 349 3.71 -14.05 -6.08
CA THR C 349 4.19 -14.83 -7.19
C THR C 349 4.36 -14.01 -8.46
N GLY C 350 4.34 -12.69 -8.35
CA GLY C 350 4.59 -11.86 -9.51
C GLY C 350 5.99 -12.09 -10.06
N PHE C 351 6.12 -11.82 -11.35
CA PHE C 351 7.43 -11.71 -11.98
C PHE C 351 7.67 -10.22 -12.17
N LYS C 352 8.83 -9.75 -11.73
CA LYS C 352 9.16 -8.34 -11.83
C LYS C 352 9.99 -8.13 -13.08
N VAL C 353 9.56 -7.19 -13.92
CA VAL C 353 10.08 -7.02 -15.27
C VAL C 353 10.79 -5.69 -15.42
N GLY C 354 11.90 -5.67 -16.12
CA GLY C 354 12.51 -4.43 -16.55
C GLY C 354 12.94 -4.54 -17.98
N ILE C 355 12.94 -3.39 -18.65
CA ILE C 355 13.32 -3.33 -20.06
C ILE C 355 14.29 -2.18 -20.25
N ASN C 356 15.51 -2.51 -20.61
CA ASN C 356 16.50 -1.54 -21.05
CA ASN C 356 16.50 -1.54 -21.05
C ASN C 356 16.49 -1.52 -22.57
N TYR C 357 16.09 -0.41 -23.16
CA TYR C 357 15.88 -0.50 -24.60
C TYR C 357 17.16 -0.51 -25.42
N GLN C 358 18.32 -0.31 -24.82
CA GLN C 358 19.57 -0.32 -25.57
CA GLN C 358 19.56 -0.33 -25.57
C GLN C 358 19.94 -1.80 -25.92
N PRO C 359 20.08 -2.12 -27.17
CA PRO C 359 20.24 -3.55 -27.56
C PRO C 359 21.63 -4.04 -27.20
N PRO C 360 21.78 -5.32 -26.90
CA PRO C 360 23.11 -5.82 -26.52
C PRO C 360 24.05 -5.67 -27.69
N THR C 361 25.32 -5.72 -27.39
CA THR C 361 26.29 -5.75 -28.46
C THR C 361 27.28 -6.86 -28.18
N VAL C 362 28.19 -7.10 -29.13
CA VAL C 362 29.18 -8.14 -28.90
C VAL C 362 30.54 -7.53 -29.06
N VAL C 363 31.51 -8.18 -28.43
CA VAL C 363 32.92 -7.88 -28.61
C VAL C 363 33.37 -8.61 -29.88
N PRO C 364 33.94 -7.91 -30.86
CA PRO C 364 34.30 -8.55 -32.14
C PRO C 364 35.21 -9.75 -31.97
N GLY C 365 35.10 -10.69 -32.91
CA GLY C 365 35.83 -11.92 -32.74
C GLY C 365 35.23 -12.85 -31.72
N GLY C 366 34.09 -12.49 -31.18
CA GLY C 366 33.36 -13.40 -30.34
C GLY C 366 32.59 -14.44 -31.15
N ASP C 367 32.17 -15.47 -30.46
CA ASP C 367 31.33 -16.47 -31.07
C ASP C 367 29.85 -16.24 -30.79
N LEU C 368 29.52 -15.41 -29.80
CA LEU C 368 28.14 -15.05 -29.55
C LEU C 368 27.60 -14.19 -30.68
N ALA C 369 26.45 -14.58 -31.21
CA ALA C 369 25.79 -13.77 -32.22
C ALA C 369 25.36 -12.45 -31.60
N LYS C 370 25.32 -11.41 -32.42
CA LYS C 370 24.73 -10.15 -31.99
C LYS C 370 23.23 -10.27 -32.19
N VAL C 371 22.49 -10.27 -31.09
CA VAL C 371 21.05 -10.43 -31.10
C VAL C 371 20.37 -9.08 -30.95
N GLN C 372 19.10 -9.04 -31.33
CA GLN C 372 18.33 -7.80 -31.19
C GLN C 372 17.86 -7.61 -29.76
N ARG C 373 17.43 -8.70 -29.12
CA ARG C 373 16.95 -8.67 -27.75
C ARG C 373 17.62 -9.74 -26.92
N ALA C 374 17.67 -9.51 -25.62
CA ALA C 374 18.21 -10.48 -24.67
C ALA C 374 17.45 -10.37 -23.35
N VAL C 375 17.54 -11.42 -22.54
CA VAL C 375 16.96 -11.39 -21.20
C VAL C 375 17.90 -12.08 -20.22
N CYS C 376 17.98 -11.52 -19.02
CA CYS C 376 18.58 -12.19 -17.89
C CYS C 376 17.53 -12.30 -16.81
N MET C 377 17.24 -13.52 -16.38
CA MET C 377 16.35 -13.72 -15.25
C MET C 377 17.15 -13.88 -13.97
N LEU C 378 16.76 -13.14 -12.95
CA LEU C 378 17.34 -13.23 -11.62
C LEU C 378 16.24 -13.74 -10.70
N SER C 379 16.41 -14.96 -10.18
CA SER C 379 15.48 -15.54 -9.22
C SER C 379 16.19 -15.92 -7.93
N ASN C 380 15.49 -15.79 -6.82
CA ASN C 380 15.96 -16.33 -5.55
C ASN C 380 15.25 -17.66 -5.37
N THR C 381 16.02 -18.73 -5.30
CA THR C 381 15.42 -20.05 -5.12
C THR C 381 16.26 -20.84 -4.13
N THR C 382 15.57 -21.64 -3.32
CA THR C 382 16.29 -22.48 -2.38
C THR C 382 17.20 -23.47 -3.07
N ALA C 383 17.01 -23.67 -4.38
CA ALA C 383 17.79 -24.66 -5.10
C ALA C 383 19.25 -24.27 -5.20
N ILE C 384 19.53 -22.97 -5.10
CA ILE C 384 20.91 -22.52 -5.17
C ILE C 384 21.72 -23.12 -4.03
N ALA C 385 21.08 -23.55 -2.95
CA ALA C 385 21.80 -24.17 -1.85
C ALA C 385 22.53 -25.43 -2.29
N GLU C 386 22.07 -26.10 -3.37
CA GLU C 386 22.81 -27.24 -3.90
C GLU C 386 24.27 -26.88 -4.17
N ALA C 387 24.53 -25.63 -4.54
CA ALA C 387 25.90 -25.20 -4.80
C ALA C 387 26.69 -25.09 -3.50
N TRP C 388 26.03 -24.78 -2.39
CA TRP C 388 26.71 -24.86 -1.10
C TRP C 388 26.95 -26.32 -0.73
N ALA C 389 25.94 -27.18 -0.93
CA ALA C 389 26.08 -28.59 -0.59
C ALA C 389 27.22 -29.26 -1.36
N ARG C 390 27.34 -29.00 -2.67
CA ARG C 390 28.44 -29.58 -3.43
C ARG C 390 29.80 -29.18 -2.85
N LEU C 391 29.99 -27.88 -2.60
CA LEU C 391 31.24 -27.41 -1.99
C LEU C 391 31.42 -27.93 -0.57
N ASP C 392 30.36 -27.85 0.25
CA ASP C 392 30.44 -28.31 1.63
C ASP C 392 30.84 -29.77 1.70
N HIS C 393 30.39 -30.58 0.75
CA HIS C 393 30.78 -31.99 0.76
C HIS C 393 32.27 -32.16 0.45
N LYS C 394 32.81 -31.35 -0.48
CA LYS C 394 34.21 -31.49 -0.86
C LYS C 394 35.12 -31.03 0.26
N PHE C 395 34.77 -29.91 0.88
CA PHE C 395 35.41 -29.50 2.12
C PHE C 395 35.43 -30.63 3.14
N ASP C 396 34.31 -31.32 3.27
CA ASP C 396 34.16 -32.30 4.33
C ASP C 396 35.09 -33.49 4.11
N LEU C 397 35.12 -33.99 2.88
CA LEU C 397 35.95 -35.15 2.57
C LEU C 397 37.40 -34.89 2.97
N MET C 398 37.92 -33.70 2.61
CA MET C 398 39.30 -33.34 2.94
C MET C 398 39.44 -33.01 4.42
N TYR C 399 38.59 -32.11 4.93
CA TYR C 399 38.78 -31.66 6.31
C TYR C 399 38.70 -32.77 7.32
N ALA C 400 38.00 -33.86 7.01
CA ALA C 400 37.92 -34.98 7.94
C ALA C 400 39.26 -35.65 8.14
N LYS C 401 40.09 -35.69 7.09
CA LYS C 401 41.47 -36.15 7.20
C LYS C 401 42.47 -35.02 7.39
N ARG C 402 41.99 -33.77 7.53
CA ARG C 402 42.82 -32.58 7.65
C ARG C 402 43.79 -32.38 6.47
N ALA C 403 43.53 -33.03 5.32
CA ALA C 403 44.35 -32.82 4.14
C ALA C 403 44.56 -31.34 3.86
N PHE C 404 45.81 -30.96 3.59
CA PHE C 404 46.22 -29.61 3.19
C PHE C 404 46.04 -28.54 4.26
N VAL C 405 45.42 -28.88 5.39
CA VAL C 405 45.18 -27.86 6.42
C VAL C 405 46.49 -27.26 6.92
N HIS C 406 47.56 -28.04 6.91
CA HIS C 406 48.84 -27.56 7.42
C HIS C 406 49.36 -26.35 6.65
N TRP C 407 49.06 -26.24 5.34
CA TRP C 407 49.45 -25.06 4.57
C TRP C 407 48.81 -23.79 5.08
N TYR C 408 47.67 -23.92 5.77
CA TYR C 408 46.93 -22.79 6.29
C TYR C 408 47.37 -22.46 7.71
N VAL C 409 47.50 -23.49 8.55
CA VAL C 409 48.05 -23.27 9.89
C VAL C 409 49.41 -22.62 9.80
N GLY C 410 50.23 -23.07 8.83
CA GLY C 410 51.56 -22.50 8.61
C GLY C 410 51.56 -21.01 8.40
N GLU C 411 50.44 -20.42 7.98
CA GLU C 411 50.36 -18.99 7.74
C GLU C 411 49.65 -18.25 8.87
N GLY C 412 49.30 -18.94 9.95
CA GLY C 412 48.71 -18.32 11.13
C GLY C 412 47.27 -18.69 11.41
N MET C 413 46.61 -19.42 10.52
CA MET C 413 45.21 -19.77 10.76
C MET C 413 45.12 -20.91 11.76
N GLU C 414 43.96 -21.02 12.40
CA GLU C 414 43.68 -22.12 13.31
C GLU C 414 42.58 -23.01 12.75
N GLU C 415 42.64 -24.30 13.12
CA GLU C 415 41.55 -25.21 12.78
C GLU C 415 40.18 -24.63 13.13
N GLY C 416 40.09 -23.90 14.25
CA GLY C 416 38.82 -23.36 14.66
C GLY C 416 38.17 -22.48 13.61
N GLU C 417 38.99 -21.75 12.85
CA GLU C 417 38.43 -20.95 11.76
C GLU C 417 37.78 -21.83 10.71
N PHE C 418 38.33 -23.02 10.49
CA PHE C 418 37.74 -23.95 9.53
C PHE C 418 36.41 -24.46 10.04
N SER C 419 36.39 -24.93 11.28
CA SER C 419 35.15 -25.46 11.85
C SER C 419 34.09 -24.38 11.91
N GLU C 420 34.48 -23.15 12.28
CA GLU C 420 33.49 -22.10 12.40
C GLU C 420 32.97 -21.68 11.04
N ALA C 421 33.84 -21.66 10.03
CA ALA C 421 33.35 -21.39 8.67
C ALA C 421 32.43 -22.50 8.21
N ARG C 422 32.86 -23.76 8.36
CA ARG C 422 32.05 -24.88 7.93
C ARG C 422 30.69 -24.90 8.61
N GLU C 423 30.62 -24.45 9.88
CA GLU C 423 29.33 -24.43 10.57
C GLU C 423 28.43 -23.30 10.08
N ASP C 424 28.98 -22.13 9.82
CA ASP C 424 28.19 -21.07 9.18
C ASP C 424 27.49 -21.61 7.94
N MET C 425 28.23 -22.37 7.12
CA MET C 425 27.70 -22.93 5.88
C MET C 425 26.70 -24.04 6.16
N ALA C 426 26.98 -24.88 7.14
CA ALA C 426 25.95 -25.74 7.69
C ALA C 426 24.68 -24.95 8.00
N ALA C 427 24.81 -23.84 8.71
CA ALA C 427 23.65 -23.03 9.08
C ALA C 427 23.02 -22.36 7.87
N LEU C 428 23.84 -21.82 6.97
CA LEU C 428 23.32 -21.27 5.72
C LEU C 428 22.47 -22.29 5.00
N GLU C 429 22.94 -23.55 4.95
CA GLU C 429 22.23 -24.60 4.24
C GLU C 429 20.87 -24.86 4.88
N LYS C 430 20.78 -24.75 6.22
CA LYS C 430 19.49 -24.95 6.86
C LYS C 430 18.62 -23.69 6.80
N ASP C 431 19.23 -22.50 6.80
CA ASP C 431 18.52 -21.30 6.39
C ASP C 431 17.78 -21.55 5.09
N TYR C 432 18.49 -22.10 4.11
CA TYR C 432 17.87 -22.31 2.82
C TYR C 432 16.77 -23.35 2.90
N GLU C 433 16.90 -24.33 3.78
CA GLU C 433 15.81 -25.27 3.99
C GLU C 433 14.64 -24.61 4.69
N GLU C 434 14.93 -23.84 5.75
CA GLU C 434 13.87 -23.26 6.56
C GLU C 434 12.99 -22.34 5.73
N VAL C 435 13.59 -21.46 4.93
CA VAL C 435 12.77 -20.49 4.22
C VAL C 435 11.85 -21.19 3.24
N GLY C 436 12.12 -22.46 2.92
CA GLY C 436 11.29 -23.16 1.97
C GLY C 436 10.12 -23.93 2.56
N VAL C 437 10.17 -24.18 3.87
CA VAL C 437 9.07 -24.84 4.56
C VAL C 437 7.85 -23.91 4.60
N ASP C 438 6.67 -24.52 4.55
CA ASP C 438 5.44 -23.75 4.59
C ASP C 438 5.16 -23.20 5.98
N SER C 439 4.50 -22.04 6.00
CA SER C 439 4.17 -21.40 7.26
C SER C 439 3.09 -22.20 7.97
N VAL C 440 2.89 -21.87 9.24
CA VAL C 440 2.02 -22.65 10.11
C VAL C 440 0.81 -21.84 10.57
N MET D 1 60.94 -12.36 -12.69
CA MET D 1 60.01 -11.89 -11.66
C MET D 1 59.94 -12.86 -10.46
N ARG D 2 59.90 -14.17 -10.69
CA ARG D 2 59.81 -15.17 -9.62
C ARG D 2 60.92 -16.19 -9.82
N GLU D 3 61.99 -16.07 -9.03
CA GLU D 3 63.25 -16.72 -9.33
C GLU D 3 63.50 -17.96 -8.47
N ILE D 4 64.08 -18.99 -9.08
CA ILE D 4 64.52 -20.19 -8.38
C ILE D 4 66.04 -20.20 -8.39
N VAL D 5 66.62 -20.60 -7.27
CA VAL D 5 68.05 -20.76 -7.13
C VAL D 5 68.34 -22.25 -7.21
N HIS D 6 69.28 -22.62 -8.06
CA HIS D 6 69.59 -24.02 -8.33
C HIS D 6 70.93 -24.37 -7.71
N ILE D 7 71.06 -25.61 -7.24
CA ILE D 7 72.25 -26.06 -6.52
C ILE D 7 72.53 -27.50 -6.90
N GLN D 8 73.63 -27.74 -7.61
CA GLN D 8 74.12 -29.10 -7.79
C GLN D 8 75.13 -29.38 -6.70
N ALA D 9 75.18 -30.62 -6.25
CA ALA D 9 76.11 -30.94 -5.17
C ALA D 9 76.52 -32.40 -5.26
N GLY D 10 77.84 -32.61 -5.30
CA GLY D 10 78.39 -33.93 -5.45
C GLY D 10 78.40 -34.38 -6.90
N GLN D 11 78.87 -35.62 -7.06
CA GLN D 11 79.12 -36.21 -8.37
C GLN D 11 77.86 -36.20 -9.21
N CYS D 12 76.95 -37.12 -8.87
CA CYS D 12 75.66 -37.24 -9.54
C CYS D 12 74.93 -35.91 -9.64
N GLY D 13 74.90 -35.16 -8.53
CA GLY D 13 74.23 -33.87 -8.55
C GLY D 13 74.73 -32.98 -9.68
N ASN D 14 76.06 -32.86 -9.81
CA ASN D 14 76.61 -31.94 -10.80
C ASN D 14 76.44 -32.47 -12.22
N GLN D 15 76.45 -33.78 -12.41
CA GLN D 15 76.30 -34.27 -13.77
C GLN D 15 74.84 -34.17 -14.25
N ILE D 16 73.88 -34.60 -13.41
CA ILE D 16 72.48 -34.41 -13.78
C ILE D 16 72.12 -32.92 -13.74
N GLY D 17 72.76 -32.15 -12.87
CA GLY D 17 72.66 -30.70 -12.97
C GLY D 17 73.05 -30.19 -14.35
N ALA D 18 74.15 -30.72 -14.89
CA ALA D 18 74.65 -30.23 -16.18
C ALA D 18 73.67 -30.53 -17.31
N LYS D 19 73.24 -31.79 -17.42
CA LYS D 19 72.27 -32.15 -18.46
C LYS D 19 71.00 -31.32 -18.34
N PHE D 20 70.52 -31.12 -17.12
CA PHE D 20 69.36 -30.24 -16.93
C PHE D 20 69.60 -28.92 -17.64
N TRP D 21 70.72 -28.27 -17.34
CA TRP D 21 70.98 -26.96 -17.93
C TRP D 21 71.16 -27.06 -19.44
N GLU D 22 71.89 -28.08 -19.92
CA GLU D 22 71.99 -28.29 -21.36
C GLU D 22 70.62 -28.43 -22.00
N VAL D 23 69.71 -29.19 -21.36
CA VAL D 23 68.41 -29.48 -21.95
C VAL D 23 67.54 -28.24 -21.96
N ILE D 24 67.53 -27.48 -20.87
CA ILE D 24 66.57 -26.39 -20.76
C ILE D 24 67.09 -25.13 -21.43
N SER D 25 68.41 -24.91 -21.40
CA SER D 25 68.98 -23.78 -22.13
C SER D 25 68.82 -23.96 -23.64
N ASP D 26 68.88 -25.22 -24.10
CA ASP D 26 68.52 -25.48 -25.48
C ASP D 26 67.07 -25.09 -25.75
N GLU D 27 66.16 -25.45 -24.83
CA GLU D 27 64.75 -25.20 -25.06
C GLU D 27 64.40 -23.71 -25.02
N HIS D 28 65.19 -22.93 -24.30
CA HIS D 28 64.98 -21.49 -24.24
C HIS D 28 65.81 -20.73 -25.26
N GLY D 29 66.55 -21.43 -26.11
CA GLY D 29 67.35 -20.77 -27.13
C GLY D 29 68.55 -20.06 -26.56
N ILE D 30 69.26 -20.68 -25.61
CA ILE D 30 70.42 -20.10 -24.98
C ILE D 30 71.62 -20.95 -25.38
N ASP D 31 72.56 -20.35 -26.11
CA ASP D 31 73.75 -21.07 -26.57
C ASP D 31 74.78 -21.07 -25.46
N PRO D 32 75.81 -21.90 -25.58
CA PRO D 32 76.77 -21.98 -24.47
C PRO D 32 77.42 -20.64 -24.14
N THR D 33 77.29 -19.65 -25.02
CA THR D 33 77.78 -18.31 -24.73
C THR D 33 76.69 -17.41 -24.15
N GLY D 34 75.58 -17.98 -23.68
CA GLY D 34 74.59 -17.23 -22.95
C GLY D 34 73.84 -16.20 -23.75
N SER D 35 73.85 -16.32 -25.08
CA SER D 35 73.15 -15.38 -25.93
C SER D 35 71.82 -15.99 -26.35
N TYR D 36 70.77 -15.18 -26.30
CA TYR D 36 69.49 -15.66 -26.79
C TYR D 36 69.58 -15.91 -28.28
N HIS D 37 68.90 -16.94 -28.71
CA HIS D 37 69.05 -17.43 -30.07
C HIS D 37 67.77 -18.06 -30.60
N GLY D 38 66.68 -17.99 -29.85
CA GLY D 38 65.48 -18.73 -30.17
C GLY D 38 64.54 -18.04 -31.15
N ASP D 39 63.51 -18.80 -31.53
CA ASP D 39 62.55 -18.47 -32.58
C ASP D 39 61.25 -17.87 -32.08
N SER D 40 60.95 -17.95 -30.77
CA SER D 40 59.71 -17.46 -30.21
C SER D 40 59.98 -16.72 -28.91
N ASP D 41 59.13 -15.72 -28.61
CA ASP D 41 59.27 -14.96 -27.37
C ASP D 41 58.75 -15.72 -26.16
N LEU D 42 57.92 -16.74 -26.39
CA LEU D 42 57.56 -17.66 -25.33
C LEU D 42 58.78 -18.29 -24.66
N GLN D 43 59.91 -18.35 -25.37
CA GLN D 43 61.12 -18.93 -24.77
C GLN D 43 61.67 -18.06 -23.66
N LEU D 44 61.41 -16.75 -23.72
CA LEU D 44 61.97 -15.76 -22.83
C LEU D 44 60.95 -15.16 -21.88
N GLU D 45 59.67 -15.53 -22.00
CA GLU D 45 58.67 -14.93 -21.15
C GLU D 45 58.97 -15.18 -19.68
N ARG D 46 59.42 -16.37 -19.35
CA ARG D 46 59.74 -16.72 -17.99
C ARG D 46 61.16 -17.28 -17.91
N ILE D 47 62.06 -16.73 -18.74
CA ILE D 47 63.46 -17.14 -18.67
C ILE D 47 64.08 -16.74 -17.32
N ASN D 48 63.54 -15.69 -16.69
CA ASN D 48 64.11 -15.15 -15.46
C ASN D 48 64.01 -16.10 -14.28
N VAL D 49 63.10 -17.08 -14.32
CA VAL D 49 62.98 -17.99 -13.19
C VAL D 49 64.26 -18.80 -13.04
N TYR D 50 64.96 -19.04 -14.14
CA TYR D 50 66.17 -19.84 -14.10
C TYR D 50 67.44 -19.12 -14.53
N TYR D 51 67.35 -17.93 -15.12
CA TYR D 51 68.53 -17.27 -15.66
C TYR D 51 68.58 -15.82 -15.20
N ASN D 52 69.80 -15.29 -15.13
CA ASN D 52 70.02 -13.89 -14.82
C ASN D 52 70.27 -13.08 -16.08
N GLU D 53 69.74 -11.86 -16.12
CA GLU D 53 70.07 -10.95 -17.21
C GLU D 53 71.49 -10.45 -17.01
N ALA D 54 72.32 -10.54 -18.03
CA ALA D 54 73.73 -10.29 -17.85
C ALA D 54 74.20 -9.16 -18.76
N THR D 55 75.50 -8.87 -18.63
CA THR D 55 76.18 -7.91 -19.47
C THR D 55 75.89 -8.19 -20.94
N GLY D 56 75.47 -7.16 -21.66
CA GLY D 56 75.10 -7.33 -23.06
C GLY D 56 73.95 -8.28 -23.26
N ASN D 57 73.01 -8.31 -22.31
CA ASN D 57 71.86 -9.22 -22.35
C ASN D 57 72.28 -10.66 -22.60
N LYS D 58 73.29 -11.12 -21.85
CA LYS D 58 73.51 -12.55 -21.74
C LYS D 58 72.59 -13.14 -20.67
N TYR D 59 72.39 -14.45 -20.73
CA TYR D 59 71.59 -15.17 -19.75
C TYR D 59 72.47 -16.18 -19.03
N VAL D 60 72.54 -16.08 -17.70
CA VAL D 60 73.47 -16.89 -16.92
C VAL D 60 72.65 -17.77 -15.99
N PRO D 61 72.84 -19.09 -16.05
CA PRO D 61 72.16 -19.96 -15.08
C PRO D 61 72.37 -19.49 -13.65
N ARG D 62 71.25 -19.29 -12.94
CA ARG D 62 71.26 -19.03 -11.51
C ARG D 62 71.58 -20.32 -10.78
N ALA D 63 72.70 -20.94 -11.16
CA ALA D 63 73.07 -22.26 -10.70
C ALA D 63 74.30 -22.16 -9.80
N ILE D 64 74.40 -23.11 -8.86
CA ILE D 64 75.49 -23.15 -7.90
C ILE D 64 76.06 -24.58 -7.90
N LEU D 65 77.34 -24.69 -8.25
CA LEU D 65 77.99 -25.97 -8.44
C LEU D 65 78.86 -26.25 -7.22
N VAL D 66 78.69 -27.44 -6.64
CA VAL D 66 79.20 -27.73 -5.31
C VAL D 66 79.78 -29.13 -5.32
N ASP D 67 80.96 -29.29 -4.70
CA ASP D 67 81.56 -30.61 -4.56
C ASP D 67 82.78 -30.55 -3.68
N LEU D 68 83.04 -31.66 -2.98
CA LEU D 68 84.22 -31.80 -2.15
C LEU D 68 85.38 -32.50 -2.86
N GLU D 69 85.38 -32.51 -4.19
CA GLU D 69 86.25 -33.35 -4.97
C GLU D 69 86.50 -32.61 -6.27
N PRO D 70 87.74 -32.46 -6.69
CA PRO D 70 88.02 -32.03 -8.06
C PRO D 70 87.66 -33.10 -9.09
N GLY D 71 87.67 -32.67 -10.35
CA GLY D 71 87.28 -33.49 -11.48
C GLY D 71 85.94 -33.02 -12.00
N THR D 72 85.03 -32.78 -11.07
CA THR D 72 83.66 -32.44 -11.40
C THR D 72 83.53 -31.02 -11.97
N MET D 73 84.53 -30.17 -11.74
CA MET D 73 84.51 -28.78 -12.21
C MET D 73 85.09 -28.68 -13.61
N ASP D 74 86.24 -29.31 -13.83
CA ASP D 74 86.81 -29.24 -15.15
C ASP D 74 85.91 -29.96 -16.13
N SER D 75 85.21 -31.00 -15.66
CA SER D 75 84.23 -31.68 -16.51
C SER D 75 83.01 -30.80 -16.78
N VAL D 76 82.60 -29.94 -15.85
CA VAL D 76 81.45 -29.12 -16.21
C VAL D 76 81.85 -28.05 -17.22
N ARG D 77 83.03 -27.42 -17.02
CA ARG D 77 83.46 -26.42 -17.99
C ARG D 77 83.86 -27.06 -19.32
N SER D 78 84.59 -28.18 -19.28
CA SER D 78 84.94 -28.89 -20.51
C SER D 78 83.71 -29.43 -21.21
N GLY D 79 82.68 -29.79 -20.45
CA GLY D 79 81.40 -30.16 -21.01
C GLY D 79 80.77 -28.99 -21.73
N PRO D 80 79.80 -29.26 -22.59
CA PRO D 80 79.07 -28.17 -23.23
C PRO D 80 78.39 -27.30 -22.18
N PHE D 81 78.18 -26.04 -22.53
CA PHE D 81 77.53 -25.06 -21.65
C PHE D 81 78.31 -24.77 -20.37
N GLY D 82 79.45 -25.44 -20.17
CA GLY D 82 80.26 -25.15 -18.98
C GLY D 82 80.72 -23.72 -18.86
N GLN D 83 80.79 -22.97 -19.95
CA GLN D 83 81.18 -21.58 -19.79
C GLN D 83 80.01 -20.68 -19.44
N ILE D 84 78.76 -21.13 -19.68
CA ILE D 84 77.60 -20.32 -19.35
C ILE D 84 77.43 -20.21 -17.84
N PHE D 85 77.87 -21.20 -17.09
CA PHE D 85 77.88 -21.06 -15.64
C PHE D 85 78.89 -20.00 -15.25
N ARG D 86 78.45 -19.03 -14.47
CA ARG D 86 79.37 -18.05 -13.95
C ARG D 86 80.43 -18.75 -13.09
N PRO D 87 81.67 -18.27 -13.12
CA PRO D 87 82.78 -18.99 -12.47
C PRO D 87 82.82 -18.84 -10.96
N ASP D 88 82.23 -17.78 -10.40
CA ASP D 88 82.25 -17.64 -8.96
C ASP D 88 81.39 -18.70 -8.28
N ASN D 89 80.36 -19.18 -8.96
CA ASN D 89 79.45 -20.15 -8.35
C ASN D 89 80.02 -21.56 -8.28
N PHE D 90 81.28 -21.76 -8.61
CA PHE D 90 81.91 -23.06 -8.40
C PHE D 90 82.48 -23.03 -7.00
N VAL D 91 81.80 -23.68 -6.07
CA VAL D 91 82.21 -23.68 -4.67
C VAL D 91 82.50 -25.12 -4.29
N PHE D 92 83.58 -25.32 -3.55
CA PHE D 92 84.39 -26.48 -3.93
C PHE D 92 85.66 -26.62 -3.12
N GLY D 93 85.81 -27.75 -2.46
CA GLY D 93 86.87 -27.94 -1.49
C GLY D 93 87.22 -29.40 -1.37
N GLN D 94 88.51 -29.66 -1.37
CA GLN D 94 89.07 -30.78 -2.09
C GLN D 94 89.25 -32.09 -1.31
N SER D 95 89.12 -32.11 0.02
CA SER D 95 89.55 -33.30 0.77
C SER D 95 88.67 -34.55 0.53
N GLY D 96 87.77 -34.53 -0.45
CA GLY D 96 87.15 -35.75 -0.97
C GLY D 96 85.87 -36.13 -0.25
N ALA D 97 84.96 -36.74 -1.01
CA ALA D 97 83.73 -37.29 -0.43
C ALA D 97 84.04 -38.47 0.47
N GLY D 98 84.76 -39.47 -0.07
CA GLY D 98 84.94 -40.69 0.66
C GLY D 98 83.68 -41.49 0.77
N ASN D 99 82.70 -41.21 -0.11
CA ASN D 99 81.34 -41.72 -0.03
C ASN D 99 80.85 -41.85 1.41
N ASN D 100 81.09 -40.81 2.21
CA ASN D 100 80.82 -40.86 3.65
C ASN D 100 79.85 -39.74 4.01
N TRP D 101 78.62 -40.12 4.34
CA TRP D 101 77.62 -39.13 4.74
C TRP D 101 78.07 -38.33 5.96
N ALA D 102 78.84 -38.97 6.85
CA ALA D 102 79.40 -38.27 8.01
C ALA D 102 80.27 -37.09 7.59
N LYS D 103 81.14 -37.32 6.60
CA LYS D 103 82.01 -36.26 6.13
C LYS D 103 81.19 -35.19 5.42
N GLY D 104 80.14 -35.59 4.70
CA GLY D 104 79.34 -34.63 3.96
C GLY D 104 78.55 -33.72 4.88
N HIS D 105 77.85 -34.30 5.86
CA HIS D 105 77.02 -33.51 6.75
C HIS D 105 77.88 -32.76 7.76
N TYR D 106 78.51 -33.49 8.68
CA TYR D 106 79.10 -32.89 9.88
C TYR D 106 80.53 -32.39 9.64
N THR D 107 81.46 -33.32 9.41
CA THR D 107 82.86 -32.91 9.42
C THR D 107 83.23 -32.19 8.13
N GLU D 108 83.78 -32.92 7.16
CA GLU D 108 84.39 -32.28 5.99
C GLU D 108 83.41 -31.44 5.19
N GLY D 109 82.10 -31.66 5.33
CA GLY D 109 81.12 -30.86 4.62
C GLY D 109 80.92 -29.48 5.22
N ALA D 110 80.96 -29.39 6.55
CA ALA D 110 80.69 -28.15 7.28
C ALA D 110 81.74 -27.07 7.04
N GLU D 111 82.91 -27.41 6.47
CA GLU D 111 83.94 -26.40 6.25
C GLU D 111 83.49 -25.38 5.23
N LEU D 112 83.11 -25.84 4.05
CA LEU D 112 82.77 -24.90 2.99
C LEU D 112 81.28 -24.69 2.86
N VAL D 113 80.46 -25.23 3.76
CA VAL D 113 79.05 -24.89 3.75
C VAL D 113 78.89 -23.38 3.91
N ASP D 114 79.59 -22.79 4.90
CA ASP D 114 79.58 -21.34 5.04
C ASP D 114 80.05 -20.68 3.76
N SER D 115 80.87 -21.37 2.99
CA SER D 115 81.30 -20.85 1.71
C SER D 115 80.25 -21.07 0.61
N VAL D 116 79.42 -22.09 0.72
CA VAL D 116 78.32 -22.22 -0.23
C VAL D 116 77.18 -21.29 0.18
N LEU D 117 76.82 -21.29 1.47
CA LEU D 117 75.84 -20.32 1.95
C LEU D 117 76.20 -18.90 1.52
N ASP D 118 77.50 -18.58 1.47
CA ASP D 118 77.91 -17.27 0.98
C ASP D 118 77.38 -17.01 -0.42
N VAL D 119 77.66 -17.93 -1.35
CA VAL D 119 77.34 -17.66 -2.74
C VAL D 119 75.82 -17.74 -2.97
N VAL D 120 75.11 -18.60 -2.23
CA VAL D 120 73.65 -18.61 -2.32
C VAL D 120 73.08 -17.23 -2.04
N ARG D 121 73.54 -16.59 -0.94
CA ARG D 121 73.09 -15.24 -0.62
C ARG D 121 73.25 -14.29 -1.79
N LYS D 122 74.46 -14.23 -2.36
CA LYS D 122 74.69 -13.34 -3.48
C LYS D 122 73.68 -13.56 -4.59
N GLU D 123 73.16 -14.78 -4.72
CA GLU D 123 72.19 -15.04 -5.78
C GLU D 123 70.75 -14.71 -5.34
N SER D 124 70.42 -14.96 -4.06
CA SER D 124 69.10 -14.58 -3.56
C SER D 124 68.92 -13.06 -3.55
N GLU D 125 70.00 -12.30 -3.26
CA GLU D 125 69.87 -10.85 -3.13
C GLU D 125 69.48 -10.20 -4.45
N SER D 126 69.87 -10.81 -5.56
CA SER D 126 69.48 -10.28 -6.85
C SER D 126 68.10 -10.75 -7.29
N CYS D 127 67.51 -11.70 -6.56
CA CYS D 127 66.19 -12.20 -6.90
C CYS D 127 65.16 -11.11 -6.65
N ASP D 128 64.49 -10.70 -7.73
CA ASP D 128 63.35 -9.80 -7.60
C ASP D 128 62.37 -10.35 -6.56
N CYS D 129 62.19 -11.67 -6.53
CA CYS D 129 61.27 -12.31 -5.60
C CYS D 129 61.52 -13.81 -5.56
N LEU D 130 62.36 -14.26 -4.63
CA LEU D 130 62.89 -15.62 -4.67
C LEU D 130 61.81 -16.64 -4.31
N GLN D 131 61.31 -17.37 -5.31
CA GLN D 131 60.50 -18.55 -5.04
C GLN D 131 61.14 -19.44 -3.99
N GLY D 132 62.36 -19.87 -4.25
CA GLY D 132 62.97 -20.87 -3.42
C GLY D 132 64.03 -21.62 -4.19
N PHE D 133 64.32 -22.83 -3.73
CA PHE D 133 65.55 -23.51 -4.11
C PHE D 133 65.28 -24.89 -4.69
N GLN D 134 66.26 -25.32 -5.48
CA GLN D 134 66.22 -26.56 -6.25
C GLN D 134 67.58 -27.25 -6.12
N LEU D 135 67.60 -28.44 -5.52
CA LEU D 135 68.82 -29.21 -5.28
C LEU D 135 68.86 -30.51 -6.05
N THR D 136 69.88 -30.70 -6.89
CA THR D 136 70.18 -32.00 -7.49
C THR D 136 71.32 -32.65 -6.74
N HIS D 137 71.19 -33.95 -6.46
CA HIS D 137 72.14 -34.59 -5.56
C HIS D 137 71.82 -36.07 -5.40
N SER D 138 72.83 -36.81 -4.94
CA SER D 138 72.70 -38.22 -4.63
C SER D 138 72.29 -38.41 -3.19
N LEU D 139 71.78 -39.61 -2.91
CA LEU D 139 71.58 -40.04 -1.55
C LEU D 139 72.53 -41.16 -1.16
N GLY D 140 73.20 -41.76 -2.15
CA GLY D 140 74.18 -42.82 -1.94
C GLY D 140 75.60 -42.34 -1.66
N GLY D 141 76.02 -41.27 -2.32
CA GLY D 141 77.32 -40.69 -2.03
C GLY D 141 77.51 -40.13 -0.62
N GLY D 142 78.31 -39.07 -0.53
CA GLY D 142 78.61 -38.46 0.75
C GLY D 142 78.59 -36.95 0.68
N THR D 143 79.09 -36.39 -0.42
CA THR D 143 78.96 -34.96 -0.65
C THR D 143 77.51 -34.61 -0.96
N GLY D 144 76.98 -35.15 -2.06
CA GLY D 144 75.64 -34.81 -2.48
C GLY D 144 74.59 -35.10 -1.43
N SER D 145 74.71 -36.24 -0.75
CA SER D 145 73.72 -36.56 0.27
C SER D 145 74.02 -35.81 1.58
N GLY D 146 75.23 -36.01 2.13
CA GLY D 146 75.51 -35.51 3.46
C GLY D 146 75.67 -34.00 3.51
N MET D 147 76.45 -33.44 2.58
CA MET D 147 76.55 -31.99 2.58
C MET D 147 75.31 -31.37 1.97
N GLY D 148 74.78 -32.01 0.92
CA GLY D 148 73.51 -31.62 0.33
C GLY D 148 72.42 -31.40 1.36
N THR D 149 72.17 -32.39 2.23
CA THR D 149 71.16 -32.17 3.26
C THR D 149 71.62 -31.16 4.30
N LEU D 150 72.91 -30.90 4.42
CA LEU D 150 73.33 -29.89 5.39
C LEU D 150 73.04 -28.50 4.87
N LEU D 151 73.24 -28.31 3.56
CA LEU D 151 72.85 -27.06 2.94
C LEU D 151 71.39 -26.73 3.22
N ILE D 152 70.50 -27.67 2.87
CA ILE D 152 69.06 -27.53 3.06
C ILE D 152 68.78 -26.99 4.45
N SER D 153 69.26 -27.70 5.47
CA SER D 153 69.07 -27.25 6.85
C SER D 153 69.58 -25.81 7.01
N LYS D 154 70.79 -25.53 6.51
CA LYS D 154 71.33 -24.18 6.63
C LYS D 154 70.53 -23.20 5.78
N ILE D 155 70.16 -23.60 4.56
CA ILE D 155 69.42 -22.70 3.67
C ILE D 155 68.04 -22.41 4.23
N ARG D 156 67.34 -23.46 4.68
CA ARG D 156 66.06 -23.29 5.36
C ARG D 156 66.18 -22.32 6.53
N GLU D 157 67.31 -22.34 7.24
CA GLU D 157 67.49 -21.44 8.37
C GLU D 157 67.50 -20.00 7.94
N GLU D 158 68.10 -19.70 6.81
CA GLU D 158 68.16 -18.34 6.34
C GLU D 158 66.95 -17.93 5.54
N TYR D 159 66.28 -18.88 4.90
CA TYR D 159 65.14 -18.61 4.04
C TYR D 159 64.02 -19.55 4.45
N PRO D 160 63.47 -19.38 5.66
CA PRO D 160 62.54 -20.38 6.20
C PRO D 160 61.20 -20.41 5.48
N ASP D 161 60.81 -19.29 4.87
CA ASP D 161 59.56 -19.15 4.15
C ASP D 161 59.77 -19.22 2.64
N ARG D 162 60.75 -20.02 2.22
CA ARG D 162 61.01 -20.28 0.82
C ARG D 162 60.77 -21.76 0.55
N ILE D 163 60.45 -22.09 -0.69
CA ILE D 163 60.19 -23.49 -0.99
C ILE D 163 61.51 -24.18 -1.32
N MET D 164 61.73 -25.32 -0.69
CA MET D 164 62.93 -26.12 -0.81
C MET D 164 62.56 -27.37 -1.58
N ASN D 165 63.05 -27.47 -2.82
CA ASN D 165 62.67 -28.54 -3.73
C ASN D 165 63.93 -29.30 -4.15
N THR D 166 63.92 -30.63 -4.02
CA THR D 166 65.09 -31.42 -4.36
C THR D 166 64.74 -32.49 -5.39
N PHE D 167 65.74 -32.86 -6.20
CA PHE D 167 65.70 -34.07 -7.03
C PHE D 167 66.73 -35.03 -6.44
N SER D 168 66.29 -35.98 -5.63
CA SER D 168 67.21 -36.89 -4.98
C SER D 168 67.25 -38.20 -5.76
N VAL D 169 68.44 -38.74 -5.97
CA VAL D 169 68.61 -39.98 -6.72
C VAL D 169 68.88 -41.11 -5.74
N MET D 170 68.01 -42.13 -5.77
CA MET D 170 68.14 -43.12 -4.70
C MET D 170 69.08 -44.23 -5.13
N PRO D 171 69.83 -44.76 -4.17
CA PRO D 171 70.78 -45.84 -4.48
C PRO D 171 70.08 -47.17 -4.75
N SER D 172 70.58 -47.86 -5.78
CA SER D 172 70.23 -49.21 -6.18
C SER D 172 71.47 -50.09 -6.08
N PRO D 173 71.31 -51.38 -5.72
CA PRO D 173 72.47 -52.29 -5.77
C PRO D 173 72.95 -52.61 -7.18
N LYS D 174 72.08 -52.62 -8.19
CA LYS D 174 72.63 -52.40 -9.52
C LYS D 174 73.06 -50.94 -9.62
N VAL D 175 73.99 -50.65 -10.54
CA VAL D 175 74.52 -49.30 -10.72
C VAL D 175 75.43 -48.89 -9.55
N SER D 176 75.38 -49.64 -8.44
CA SER D 176 76.01 -49.21 -7.17
C SER D 176 77.53 -49.24 -7.25
N ASP D 177 78.14 -48.05 -7.11
CA ASP D 177 79.60 -48.00 -7.04
C ASP D 177 80.14 -48.21 -5.63
N THR D 178 79.26 -48.33 -4.63
CA THR D 178 79.67 -48.55 -3.25
C THR D 178 78.76 -49.63 -2.64
N VAL D 179 78.65 -49.64 -1.32
CA VAL D 179 77.93 -50.68 -0.60
C VAL D 179 77.33 -50.11 0.68
N VAL D 180 77.81 -48.94 1.10
CA VAL D 180 77.31 -48.31 2.32
C VAL D 180 76.18 -47.32 2.02
N GLU D 181 75.81 -47.17 0.74
CA GLU D 181 74.77 -46.22 0.35
C GLU D 181 73.43 -46.41 1.06
N PRO D 182 72.98 -47.62 1.45
CA PRO D 182 71.75 -47.70 2.26
C PRO D 182 71.82 -46.86 3.53
N TYR D 183 72.92 -46.91 4.27
CA TYR D 183 73.15 -45.97 5.36
C TYR D 183 72.96 -44.53 4.89
N ASN D 184 73.74 -44.12 3.90
CA ASN D 184 73.70 -42.74 3.41
C ASN D 184 72.29 -42.32 3.02
N ALA D 185 71.56 -43.21 2.34
CA ALA D 185 70.24 -42.86 1.84
C ALA D 185 69.27 -42.59 2.98
N THR D 186 69.16 -43.50 3.95
CA THR D 186 68.23 -43.22 5.03
C THR D 186 68.74 -42.13 5.97
N LEU D 187 70.03 -41.82 5.97
CA LEU D 187 70.43 -40.65 6.75
C LEU D 187 70.00 -39.37 6.04
N SER D 188 70.05 -39.36 4.70
CA SER D 188 69.55 -38.22 3.94
C SER D 188 68.03 -38.10 4.07
N VAL D 189 67.29 -39.20 3.89
CA VAL D 189 65.85 -39.06 3.91
C VAL D 189 65.36 -38.67 5.29
N HIS D 190 66.03 -39.12 6.36
CA HIS D 190 65.70 -38.63 7.69
C HIS D 190 65.80 -37.11 7.72
N GLN D 191 66.66 -36.55 6.87
CA GLN D 191 66.77 -35.11 6.73
C GLN D 191 65.68 -34.55 5.81
N LEU D 192 65.40 -35.27 4.72
CA LEU D 192 64.48 -34.74 3.71
C LEU D 192 63.05 -34.66 4.23
N VAL D 193 62.64 -35.65 5.03
CA VAL D 193 61.28 -35.63 5.56
C VAL D 193 61.04 -34.37 6.37
N GLU D 194 62.12 -33.74 6.87
CA GLU D 194 62.01 -32.64 7.82
C GLU D 194 62.21 -31.28 7.19
N ASN D 195 62.97 -31.17 6.10
CA ASN D 195 63.39 -29.84 5.69
C ASN D 195 63.25 -29.56 4.21
N THR D 196 62.64 -30.44 3.45
CA THR D 196 62.30 -30.12 2.07
C THR D 196 60.79 -30.13 1.89
N ASP D 197 60.31 -29.26 1.00
CA ASP D 197 58.90 -29.19 0.68
C ASP D 197 58.50 -30.12 -0.45
N GLU D 198 59.39 -30.38 -1.39
CA GLU D 198 59.05 -31.29 -2.49
C GLU D 198 60.31 -32.05 -2.89
N THR D 199 60.23 -33.37 -2.87
CA THR D 199 61.34 -34.20 -3.28
C THR D 199 60.90 -35.11 -4.42
N TYR D 200 61.41 -34.84 -5.61
CA TYR D 200 61.25 -35.77 -6.71
C TYR D 200 62.17 -36.98 -6.49
N CYS D 201 61.57 -38.17 -6.37
CA CYS D 201 62.29 -39.40 -6.02
C CYS D 201 62.78 -40.07 -7.29
N ILE D 202 64.07 -39.95 -7.56
CA ILE D 202 64.67 -40.49 -8.77
C ILE D 202 65.45 -41.75 -8.37
N ASP D 203 64.95 -42.91 -8.79
CA ASP D 203 65.50 -44.20 -8.37
C ASP D 203 66.41 -44.75 -9.47
N ASN D 204 67.68 -44.97 -9.13
CA ASN D 204 68.57 -45.59 -10.10
C ASN D 204 68.06 -46.97 -10.50
N GLU D 205 67.47 -47.70 -9.54
CA GLU D 205 66.89 -49.00 -9.90
C GLU D 205 65.85 -48.84 -10.99
N ALA D 206 64.89 -47.95 -10.76
CA ALA D 206 63.88 -47.65 -11.77
C ALA D 206 64.54 -47.22 -13.09
N LEU D 207 65.48 -46.26 -13.03
CA LEU D 207 66.14 -45.80 -14.25
C LEU D 207 66.86 -46.93 -14.96
N TYR D 208 67.71 -47.66 -14.23
CA TYR D 208 68.43 -48.78 -14.82
C TYR D 208 67.45 -49.75 -15.47
N ASP D 209 66.37 -50.09 -14.75
CA ASP D 209 65.41 -51.05 -15.26
C ASP D 209 64.74 -50.58 -16.54
N ILE D 210 64.62 -49.27 -16.73
CA ILE D 210 64.00 -48.77 -17.96
C ILE D 210 64.91 -49.03 -19.16
N CYS D 211 66.18 -48.61 -19.05
CA CYS D 211 67.12 -48.80 -20.15
C CYS D 211 67.34 -50.27 -20.43
N PHE D 212 67.52 -51.09 -19.40
CA PHE D 212 67.63 -52.53 -19.58
C PHE D 212 66.31 -53.17 -20.03
N ARG D 213 65.37 -53.36 -19.11
CA ARG D 213 64.16 -54.13 -19.41
C ARG D 213 63.37 -53.51 -20.57
N THR D 214 63.18 -52.18 -20.55
CA THR D 214 62.33 -51.57 -21.56
C THR D 214 63.11 -51.17 -22.81
N LEU D 215 64.07 -50.26 -22.66
CA LEU D 215 64.81 -49.69 -23.78
C LEU D 215 65.82 -50.65 -24.38
N LYS D 216 66.09 -51.78 -23.72
CA LYS D 216 66.99 -52.85 -24.16
C LYS D 216 68.43 -52.33 -24.25
N LEU D 217 69.09 -52.22 -23.08
CA LEU D 217 70.48 -51.76 -22.99
C LEU D 217 71.16 -52.61 -21.91
N THR D 218 71.72 -53.75 -22.33
CA THR D 218 72.30 -54.69 -21.38
C THR D 218 73.35 -54.03 -20.50
N THR D 219 74.04 -53.03 -21.02
CA THR D 219 74.97 -52.22 -20.23
C THR D 219 74.57 -50.76 -20.39
N PRO D 220 73.88 -50.18 -19.41
CA PRO D 220 73.41 -48.79 -19.55
C PRO D 220 74.40 -47.78 -19.00
N THR D 221 74.74 -46.79 -19.83
CA THR D 221 75.60 -45.70 -19.41
C THR D 221 74.94 -44.92 -18.28
N TYR D 222 75.77 -44.27 -17.44
CA TYR D 222 75.24 -43.16 -16.65
C TYR D 222 74.63 -42.11 -17.56
N GLY D 223 75.15 -41.97 -18.78
CA GLY D 223 74.54 -41.07 -19.73
C GLY D 223 73.19 -41.55 -20.21
N ASP D 224 72.97 -42.87 -20.22
CA ASP D 224 71.64 -43.40 -20.49
C ASP D 224 70.68 -43.06 -19.36
N LEU D 225 71.07 -43.35 -18.11
CA LEU D 225 70.24 -42.99 -16.95
C LEU D 225 69.91 -41.51 -16.96
N ASN D 226 70.93 -40.66 -17.11
CA ASN D 226 70.70 -39.23 -17.07
C ASN D 226 69.91 -38.74 -18.27
N HIS D 227 69.91 -39.47 -19.40
CA HIS D 227 69.00 -39.10 -20.48
C HIS D 227 67.54 -39.23 -20.03
N LEU D 228 67.27 -40.19 -19.15
CA LEU D 228 65.98 -40.27 -18.47
C LEU D 228 65.76 -39.07 -17.57
N VAL D 229 66.71 -38.84 -16.64
CA VAL D 229 66.56 -37.77 -15.67
C VAL D 229 66.47 -36.41 -16.35
N SER D 230 67.12 -36.24 -17.49
CA SER D 230 67.05 -34.94 -18.17
C SER D 230 65.65 -34.68 -18.73
N ALA D 231 65.11 -35.65 -19.49
CA ALA D 231 63.77 -35.46 -20.03
C ALA D 231 62.72 -35.42 -18.92
N THR D 232 62.93 -36.15 -17.83
CA THR D 232 62.06 -36.02 -16.66
C THR D 232 62.11 -34.61 -16.10
N MET D 233 63.30 -34.17 -15.71
CA MET D 233 63.45 -32.87 -15.07
C MET D 233 62.98 -31.73 -15.97
N SER D 234 63.11 -31.87 -17.29
CA SER D 234 62.51 -30.88 -18.17
C SER D 234 60.99 -30.92 -18.11
N GLY D 235 60.42 -32.12 -17.94
CA GLY D 235 58.99 -32.27 -17.82
C GLY D 235 58.43 -31.54 -16.63
N VAL D 236 58.91 -31.90 -15.42
CA VAL D 236 58.33 -31.42 -14.17
C VAL D 236 58.67 -29.97 -13.90
N THR D 237 59.42 -29.33 -14.81
CA THR D 237 59.65 -27.90 -14.68
C THR D 237 59.06 -27.12 -15.85
N THR D 238 58.41 -27.80 -16.81
CA THR D 238 57.75 -27.11 -17.90
C THR D 238 56.71 -26.13 -17.38
N CYS D 239 56.11 -26.44 -16.22
CA CYS D 239 55.12 -25.55 -15.62
C CYS D 239 55.79 -24.30 -15.05
N LEU D 240 57.03 -24.44 -14.57
CA LEU D 240 57.76 -23.31 -14.03
C LEU D 240 58.34 -22.40 -15.13
N ARG D 241 58.78 -22.99 -16.24
CA ARG D 241 59.58 -22.25 -17.21
C ARG D 241 58.77 -21.58 -18.31
N PHE D 242 57.62 -22.12 -18.68
CA PHE D 242 56.86 -21.50 -19.75
C PHE D 242 55.56 -20.86 -19.25
N PRO D 243 54.99 -19.93 -20.01
CA PRO D 243 53.69 -19.37 -19.62
C PRO D 243 52.60 -20.41 -19.77
N GLY D 244 51.81 -20.55 -18.70
CA GLY D 244 50.69 -21.49 -18.67
C GLY D 244 49.60 -20.93 -17.78
N GLN D 245 48.37 -21.45 -17.99
CA GLN D 245 47.20 -20.83 -17.36
C GLN D 245 47.15 -21.06 -15.85
N LEU D 246 47.86 -22.07 -15.35
CA LEU D 246 48.45 -21.97 -14.02
C LEU D 246 49.81 -21.31 -14.20
N ASN D 247 49.99 -20.15 -13.54
CA ASN D 247 51.26 -19.42 -13.43
C ASN D 247 52.16 -20.17 -12.45
N ALA D 248 52.65 -21.35 -12.84
CA ALA D 248 53.08 -22.32 -11.83
C ALA D 248 54.36 -21.85 -11.19
N ASP D 249 54.43 -22.04 -9.88
CA ASP D 249 55.58 -21.73 -9.06
C ASP D 249 55.74 -22.87 -8.05
N LEU D 250 56.87 -22.88 -7.37
CA LEU D 250 57.12 -23.94 -6.42
C LEU D 250 56.05 -24.01 -5.35
N ARG D 251 55.51 -22.87 -4.93
CA ARG D 251 54.58 -22.93 -3.81
C ARG D 251 53.21 -23.47 -4.25
N LYS D 252 52.67 -22.95 -5.36
CA LYS D 252 51.39 -23.45 -5.83
C LYS D 252 51.47 -24.93 -6.15
N LEU D 253 52.61 -25.42 -6.61
CA LEU D 253 52.71 -26.85 -6.85
C LEU D 253 52.73 -27.61 -5.54
N ALA D 254 53.53 -27.15 -4.58
CA ALA D 254 53.57 -27.81 -3.27
C ALA D 254 52.19 -27.85 -2.62
N VAL D 255 51.42 -26.76 -2.72
CA VAL D 255 50.10 -26.74 -2.12
C VAL D 255 49.20 -27.80 -2.73
N ASN D 256 49.21 -27.90 -4.05
CA ASN D 256 48.36 -28.87 -4.71
C ASN D 256 48.82 -30.30 -4.49
N MET D 257 50.09 -30.52 -4.16
CA MET D 257 50.63 -31.87 -4.15
C MET D 257 50.85 -32.46 -2.76
N VAL D 258 50.94 -31.66 -1.72
CA VAL D 258 51.39 -32.14 -0.42
C VAL D 258 50.27 -31.97 0.59
N PRO D 259 49.51 -33.02 0.84
CA PRO D 259 48.37 -32.92 1.76
C PRO D 259 48.78 -32.94 3.21
N PHE D 260 49.91 -33.58 3.48
CA PHE D 260 50.49 -33.58 4.81
C PHE D 260 51.98 -33.35 4.62
N PRO D 261 52.60 -32.58 5.51
CA PRO D 261 53.94 -32.05 5.17
C PRO D 261 54.99 -33.14 4.97
N ARG D 262 54.97 -34.23 5.74
CA ARG D 262 56.00 -35.26 5.61
C ARG D 262 55.83 -36.13 4.37
N LEU D 263 54.69 -36.10 3.72
CA LEU D 263 54.47 -36.92 2.53
C LEU D 263 54.68 -36.07 1.27
N HIS D 264 55.95 -35.73 1.04
CA HIS D 264 56.31 -34.87 -0.08
C HIS D 264 57.28 -35.54 -1.04
N PHE D 265 57.18 -36.87 -1.17
CA PHE D 265 58.05 -37.66 -2.04
C PHE D 265 57.30 -38.12 -3.28
N PHE D 266 57.68 -37.61 -4.42
CA PHE D 266 56.92 -37.82 -5.64
C PHE D 266 57.51 -38.92 -6.50
N MET D 267 56.64 -39.68 -7.14
CA MET D 267 56.98 -40.75 -8.05
C MET D 267 56.87 -40.18 -9.44
N PRO D 268 57.97 -39.79 -10.08
CA PRO D 268 57.89 -39.15 -11.40
C PRO D 268 57.68 -40.18 -12.50
N GLY D 269 57.29 -39.69 -13.68
CA GLY D 269 57.01 -40.56 -14.80
C GLY D 269 57.12 -39.80 -16.09
N PHE D 270 57.45 -40.51 -17.16
CA PHE D 270 57.60 -39.87 -18.46
C PHE D 270 57.14 -40.85 -19.54
N ALA D 271 56.50 -40.31 -20.57
CA ALA D 271 56.18 -40.98 -21.81
C ALA D 271 56.39 -39.99 -22.94
N PRO D 272 56.84 -40.45 -24.12
CA PRO D 272 57.24 -41.84 -24.37
C PRO D 272 58.68 -42.08 -23.92
N LEU D 273 59.09 -43.33 -23.79
CA LEU D 273 60.44 -43.67 -23.32
C LEU D 273 61.43 -43.93 -24.47
N LEU D 284 52.40 -40.70 -32.20
CA LEU D 284 51.89 -41.11 -30.89
C LEU D 284 50.63 -40.34 -30.46
N THR D 285 49.63 -41.06 -29.96
CA THR D 285 48.32 -40.48 -29.68
C THR D 285 48.15 -40.18 -28.19
N VAL D 286 47.27 -39.21 -27.89
CA VAL D 286 47.02 -38.85 -26.49
C VAL D 286 46.52 -40.03 -25.69
N PRO D 287 45.61 -40.89 -26.17
CA PRO D 287 45.28 -42.08 -25.38
C PRO D 287 46.50 -42.92 -25.06
N GLU D 288 47.38 -43.13 -26.05
CA GLU D 288 48.59 -43.90 -25.82
C GLU D 288 49.52 -43.18 -24.85
N LEU D 289 49.72 -41.89 -25.08
CA LEU D 289 50.60 -41.10 -24.21
C LEU D 289 50.09 -41.15 -22.77
N THR D 290 48.78 -40.99 -22.58
CA THR D 290 48.18 -41.01 -21.26
C THR D 290 48.37 -42.36 -20.59
N GLN D 291 48.06 -43.44 -21.30
CA GLN D 291 48.14 -44.76 -20.69
C GLN D 291 49.57 -45.08 -20.26
N GLN D 292 50.52 -44.81 -21.16
CA GLN D 292 51.94 -45.02 -20.88
C GLN D 292 52.39 -44.22 -19.66
N MET D 293 52.02 -42.93 -19.62
CA MET D 293 52.41 -42.04 -18.52
C MET D 293 51.97 -42.57 -17.14
N PHE D 294 50.88 -43.34 -17.07
CA PHE D 294 50.40 -43.91 -15.82
C PHE D 294 50.86 -45.35 -15.61
N ASP D 295 51.55 -45.94 -16.59
CA ASP D 295 52.00 -47.32 -16.47
C ASP D 295 53.12 -47.40 -15.47
N SER D 296 53.14 -48.50 -14.69
CA SER D 296 54.22 -48.76 -13.76
C SER D 296 55.60 -48.73 -14.44
N LYS D 297 55.67 -49.19 -15.69
CA LYS D 297 56.94 -49.29 -16.40
C LYS D 297 57.53 -47.91 -16.74
N ASN D 298 56.71 -46.87 -16.84
CA ASN D 298 57.23 -45.54 -17.14
C ASN D 298 57.53 -44.72 -15.89
N MET D 299 57.51 -45.34 -14.71
CA MET D 299 57.80 -44.66 -13.44
C MET D 299 59.30 -44.54 -13.22
N MET D 300 59.73 -43.36 -12.76
CA MET D 300 61.12 -43.10 -12.39
C MET D 300 61.42 -43.48 -10.94
N ALA D 301 60.41 -43.82 -10.15
CA ALA D 301 60.65 -44.51 -8.90
C ALA D 301 60.29 -45.96 -9.11
N ALA D 302 61.07 -46.85 -8.50
CA ALA D 302 60.88 -48.28 -8.73
C ALA D 302 59.75 -48.78 -7.82
N CYS D 303 58.55 -48.29 -8.09
CA CYS D 303 57.34 -48.64 -7.34
C CYS D 303 56.20 -48.89 -8.31
N ASP D 304 55.32 -49.82 -7.93
CA ASP D 304 54.13 -50.12 -8.71
C ASP D 304 52.96 -49.29 -8.20
N PRO D 305 52.42 -48.36 -8.99
CA PRO D 305 51.32 -47.53 -8.48
C PRO D 305 50.05 -48.32 -8.23
N ARG D 306 49.87 -49.46 -8.87
CA ARG D 306 48.73 -50.29 -8.51
C ARG D 306 48.97 -51.06 -7.20
N HIS D 307 50.06 -50.77 -6.49
CA HIS D 307 50.33 -51.31 -5.16
C HIS D 307 50.13 -50.25 -4.08
N GLY D 308 49.41 -49.21 -4.40
CA GLY D 308 49.04 -48.20 -3.42
C GLY D 308 48.06 -47.28 -4.09
N ARG D 309 48.02 -46.02 -3.66
CA ARG D 309 46.95 -45.13 -4.08
C ARG D 309 47.50 -43.73 -4.22
N TYR D 310 47.05 -43.04 -5.26
CA TYR D 310 47.47 -41.65 -5.48
C TYR D 310 46.80 -40.75 -4.47
N LEU D 311 47.60 -39.98 -3.73
CA LEU D 311 47.04 -38.85 -3.00
C LEU D 311 46.71 -37.72 -3.96
N THR D 312 47.73 -37.28 -4.70
CA THR D 312 47.62 -36.23 -5.70
C THR D 312 48.46 -36.63 -6.90
N VAL D 313 48.19 -36.01 -8.05
CA VAL D 313 48.97 -36.26 -9.24
C VAL D 313 48.99 -34.97 -10.07
N ALA D 314 50.18 -34.59 -10.52
CA ALA D 314 50.33 -33.58 -11.54
C ALA D 314 50.76 -34.26 -12.83
N ALA D 315 50.30 -33.74 -13.96
CA ALA D 315 50.56 -34.39 -15.24
C ALA D 315 50.67 -33.28 -16.27
N ILE D 316 51.81 -33.18 -16.94
CA ILE D 316 52.02 -32.15 -17.96
C ILE D 316 52.21 -32.82 -19.31
N PHE D 317 51.41 -32.39 -20.29
CA PHE D 317 51.48 -32.83 -21.67
C PHE D 317 52.21 -31.78 -22.49
N ARG D 318 53.11 -32.24 -23.36
CA ARG D 318 53.91 -31.37 -24.21
C ARG D 318 53.71 -31.76 -25.66
N GLY D 319 53.37 -30.77 -26.49
CA GLY D 319 53.28 -30.92 -27.92
C GLY D 319 52.00 -30.37 -28.48
N ARG D 320 51.82 -30.57 -29.79
CA ARG D 320 50.59 -30.23 -30.50
C ARG D 320 49.58 -31.35 -30.32
N MET D 321 48.54 -31.10 -29.54
CA MET D 321 47.47 -32.06 -29.28
C MET D 321 46.14 -31.33 -29.23
N SER D 322 45.06 -32.09 -29.21
CA SER D 322 43.75 -31.53 -28.91
C SER D 322 43.56 -31.57 -27.40
N MET D 323 43.38 -30.39 -26.81
CA MET D 323 43.13 -30.30 -25.38
C MET D 323 41.81 -30.99 -24.99
N LYS D 324 40.86 -31.11 -25.91
CA LYS D 324 39.66 -31.91 -25.59
C LYS D 324 40.01 -33.38 -25.40
N GLU D 325 40.86 -33.93 -26.26
CA GLU D 325 41.27 -35.33 -26.09
C GLU D 325 41.96 -35.53 -24.75
N VAL D 326 42.87 -34.62 -24.38
CA VAL D 326 43.60 -34.78 -23.13
C VAL D 326 42.64 -34.75 -21.96
N ASP D 327 41.63 -33.87 -22.00
CA ASP D 327 40.64 -33.84 -20.92
C ASP D 327 39.78 -35.09 -20.93
N GLU D 328 39.48 -35.62 -22.11
CA GLU D 328 38.76 -36.88 -22.19
C GLU D 328 39.63 -38.03 -21.69
N GLN D 329 40.91 -38.00 -22.03
CA GLN D 329 41.79 -39.09 -21.63
C GLN D 329 42.13 -39.03 -20.14
N MET D 330 42.36 -37.83 -19.62
CA MET D 330 42.69 -37.72 -18.20
C MET D 330 41.51 -38.10 -17.32
N LEU D 331 40.30 -37.72 -17.75
CA LEU D 331 39.09 -38.20 -17.10
C LEU D 331 38.96 -39.71 -17.19
N ASN D 332 39.22 -40.27 -18.38
CA ASN D 332 39.14 -41.71 -18.57
C ASN D 332 39.96 -42.46 -17.53
N VAL D 333 41.24 -42.09 -17.38
CA VAL D 333 42.13 -42.88 -16.52
C VAL D 333 41.63 -42.86 -15.09
N GLN D 334 41.09 -41.72 -14.63
CA GLN D 334 40.65 -41.67 -13.23
C GLN D 334 39.36 -42.44 -13.04
N ASN D 335 38.41 -42.27 -13.97
CA ASN D 335 37.16 -43.00 -13.87
C ASN D 335 37.38 -44.51 -13.90
N LYS D 336 38.14 -44.99 -14.90
CA LYS D 336 38.41 -46.41 -15.05
C LYS D 336 39.31 -46.98 -13.95
N ASN D 337 39.99 -46.12 -13.18
CA ASN D 337 40.92 -46.52 -12.13
C ASN D 337 40.56 -45.85 -10.82
N SER D 338 39.26 -45.78 -10.50
CA SER D 338 38.79 -44.96 -9.40
C SER D 338 39.32 -45.44 -8.05
N SER D 339 39.54 -46.74 -7.89
CA SER D 339 39.95 -47.22 -6.57
C SER D 339 41.40 -46.89 -6.26
N TYR D 340 42.16 -46.39 -7.23
CA TYR D 340 43.56 -46.07 -7.01
C TYR D 340 43.79 -44.60 -6.69
N PHE D 341 42.74 -43.77 -6.62
CA PHE D 341 42.83 -42.38 -6.20
C PHE D 341 41.97 -42.20 -4.96
N VAL D 342 42.55 -41.65 -3.88
CA VAL D 342 41.81 -41.48 -2.63
C VAL D 342 40.55 -40.65 -2.86
N GLU D 343 39.42 -41.18 -2.40
CA GLU D 343 38.14 -40.51 -2.59
C GLU D 343 38.02 -39.23 -1.76
N TRP D 344 38.90 -39.01 -0.76
CA TRP D 344 38.74 -37.90 0.16
C TRP D 344 39.62 -36.71 -0.18
N ILE D 345 40.33 -36.75 -1.30
CA ILE D 345 40.86 -35.53 -1.90
C ILE D 345 40.19 -35.43 -3.27
N PRO D 346 39.08 -34.70 -3.35
CA PRO D 346 38.38 -34.53 -4.63
C PRO D 346 39.28 -33.84 -5.63
N ASN D 347 39.10 -34.17 -6.90
CA ASN D 347 39.75 -33.43 -7.97
C ASN D 347 41.25 -33.31 -7.73
N ASN D 348 41.88 -34.46 -7.50
CA ASN D 348 43.27 -34.49 -7.08
C ASN D 348 44.22 -34.72 -8.22
N VAL D 349 43.73 -34.81 -9.46
CA VAL D 349 44.59 -35.00 -10.63
C VAL D 349 44.53 -33.73 -11.48
N LYS D 350 45.57 -32.91 -11.41
CA LYS D 350 45.64 -31.69 -12.21
C LYS D 350 46.53 -31.95 -13.42
N THR D 351 46.15 -31.40 -14.58
CA THR D 351 46.94 -31.61 -15.80
C THR D 351 47.11 -30.30 -16.57
N ALA D 352 48.32 -30.06 -17.07
CA ALA D 352 48.62 -28.90 -17.90
C ALA D 352 49.07 -29.34 -19.29
N VAL D 353 49.04 -28.39 -20.23
CA VAL D 353 49.43 -28.65 -21.62
C VAL D 353 50.37 -27.53 -22.05
N CYS D 354 51.57 -27.89 -22.50
CA CYS D 354 52.47 -26.95 -23.18
C CYS D 354 52.60 -27.38 -24.63
N ASP D 355 52.25 -26.47 -25.56
CA ASP D 355 52.27 -26.81 -26.97
C ASP D 355 53.66 -26.73 -27.59
N ILE D 356 54.70 -26.67 -26.77
CA ILE D 356 56.08 -26.66 -27.22
C ILE D 356 56.76 -27.93 -26.72
N PRO D 357 56.99 -28.91 -27.57
CA PRO D 357 57.52 -30.19 -27.11
C PRO D 357 58.99 -30.06 -26.73
N PRO D 358 59.51 -31.00 -25.93
CA PRO D 358 60.96 -31.15 -25.85
C PRO D 358 61.47 -31.65 -27.20
N ARG D 359 62.75 -31.42 -27.45
CA ARG D 359 63.18 -31.74 -28.80
C ARG D 359 63.49 -33.23 -28.91
N GLY D 360 63.35 -33.73 -30.14
CA GLY D 360 63.37 -35.15 -30.39
C GLY D 360 62.00 -35.79 -30.33
N LEU D 361 61.08 -35.19 -29.58
CA LEU D 361 59.72 -35.70 -29.41
C LEU D 361 58.75 -34.71 -30.02
N LYS D 362 57.75 -35.25 -30.73
CA LYS D 362 56.61 -34.42 -31.12
C LYS D 362 55.63 -34.27 -29.98
N MET D 363 55.50 -35.32 -29.15
CA MET D 363 54.54 -35.35 -28.07
C MET D 363 55.09 -36.13 -26.90
N SER D 364 55.16 -35.49 -25.73
CA SER D 364 55.60 -36.15 -24.52
C SER D 364 54.61 -35.87 -23.40
N ALA D 365 54.74 -36.65 -22.33
CA ALA D 365 53.91 -36.55 -21.13
C ALA D 365 54.79 -36.74 -19.91
N THR D 366 54.65 -35.87 -18.93
CA THR D 366 55.35 -36.05 -17.67
C THR D 366 54.34 -36.17 -16.54
N PHE D 367 54.63 -37.10 -15.62
CA PHE D 367 53.75 -37.50 -14.54
C PHE D 367 54.48 -37.23 -13.24
N ILE D 368 53.81 -36.57 -12.30
CA ILE D 368 54.31 -36.37 -10.95
C ILE D 368 53.27 -36.90 -9.99
N GLY D 369 53.62 -37.95 -9.24
CA GLY D 369 52.62 -38.57 -8.40
C GLY D 369 52.99 -38.65 -6.94
N ASN D 370 52.08 -38.22 -6.07
CA ASN D 370 52.20 -38.47 -4.64
C ASN D 370 51.41 -39.75 -4.38
N SER D 371 52.07 -40.90 -4.54
CA SER D 371 51.46 -42.19 -4.33
C SER D 371 52.00 -42.83 -3.06
N THR D 372 51.12 -43.51 -2.33
CA THR D 372 51.52 -44.30 -1.18
C THR D 372 52.26 -45.58 -1.58
N ALA D 373 52.36 -45.87 -2.88
CA ALA D 373 53.20 -46.97 -3.34
C ALA D 373 54.67 -46.61 -3.32
N ILE D 374 55.01 -45.32 -3.19
CA ILE D 374 56.38 -44.85 -2.99
C ILE D 374 56.96 -45.50 -1.73
N GLN D 375 56.11 -46.04 -0.87
CA GLN D 375 56.62 -46.72 0.31
C GLN D 375 57.43 -47.95 -0.08
N GLU D 376 57.11 -48.58 -1.23
CA GLU D 376 57.93 -49.67 -1.75
C GLU D 376 59.38 -49.24 -1.87
N LEU D 377 59.61 -47.98 -2.27
CA LEU D 377 60.99 -47.50 -2.44
C LEU D 377 61.71 -47.36 -1.12
N PHE D 378 61.03 -46.84 -0.10
CA PHE D 378 61.65 -46.76 1.23
C PHE D 378 61.76 -48.13 1.86
N LYS D 379 60.87 -49.06 1.51
CA LYS D 379 61.00 -50.39 2.07
C LYS D 379 62.28 -51.07 1.57
N ARG D 380 62.56 -50.94 0.26
CA ARG D 380 63.77 -51.51 -0.31
C ARG D 380 65.00 -50.98 0.38
N ILE D 381 65.04 -49.67 0.60
CA ILE D 381 66.20 -49.06 1.26
C ILE D 381 66.25 -49.47 2.73
N SER D 382 65.11 -49.45 3.42
CA SER D 382 65.13 -49.91 4.81
C SER D 382 65.50 -51.39 4.89
N GLU D 383 65.19 -52.17 3.85
CA GLU D 383 65.57 -53.58 3.85
C GLU D 383 67.09 -53.73 3.76
N GLN D 384 67.76 -52.78 3.11
CA GLN D 384 69.22 -52.83 3.03
C GLN D 384 69.92 -51.85 3.95
N PHE D 385 69.26 -50.80 4.46
CA PHE D 385 69.90 -50.03 5.52
C PHE D 385 70.07 -50.90 6.75
N THR D 386 69.03 -51.66 7.09
CA THR D 386 69.18 -52.58 8.20
C THR D 386 70.24 -53.63 7.88
N ALA D 387 70.37 -54.01 6.60
CA ALA D 387 71.24 -55.12 6.19
C ALA D 387 72.73 -54.86 6.40
N MET D 388 73.07 -53.84 7.17
CA MET D 388 74.37 -53.78 7.81
C MET D 388 74.25 -53.53 9.30
N PHE D 389 73.04 -53.33 9.82
CA PHE D 389 72.82 -52.75 11.12
C PHE D 389 72.34 -53.73 12.20
N ARG D 390 71.82 -54.91 11.85
CA ARG D 390 71.72 -55.97 12.86
C ARG D 390 73.09 -56.20 13.46
N ARG D 391 74.04 -56.53 12.58
CA ARG D 391 75.41 -56.88 12.92
C ARG D 391 76.25 -55.67 13.28
N LYS D 392 75.73 -54.46 13.10
CA LYS D 392 76.47 -53.22 13.30
C LYS D 392 77.76 -53.21 12.47
N ALA D 393 77.59 -52.98 11.17
CA ALA D 393 78.68 -52.95 10.22
C ALA D 393 79.02 -51.51 9.82
N PHE D 394 80.30 -51.25 9.65
CA PHE D 394 80.85 -49.98 9.14
C PHE D 394 80.44 -48.76 9.95
N LEU D 395 79.94 -48.93 11.17
CA LEU D 395 79.66 -47.78 12.04
C LEU D 395 80.90 -46.96 12.35
N HIS D 396 82.10 -47.51 12.13
CA HIS D 396 83.32 -46.75 12.39
C HIS D 396 83.47 -45.61 11.39
N TRP D 397 83.10 -45.85 10.12
CA TRP D 397 83.11 -44.79 9.12
C TRP D 397 82.36 -43.55 9.60
N TYR D 398 81.41 -43.72 10.52
CA TYR D 398 80.49 -42.68 10.98
C TYR D 398 80.79 -42.19 12.39
N THR D 399 80.87 -43.12 13.36
CA THR D 399 81.32 -42.73 14.70
C THR D 399 82.72 -42.13 14.66
N GLY D 400 83.50 -42.49 13.64
CA GLY D 400 84.80 -41.87 13.46
C GLY D 400 84.72 -40.39 13.18
N GLU D 401 83.73 -39.99 12.39
CA GLU D 401 83.53 -38.56 12.20
C GLU D 401 82.72 -37.93 13.32
N GLY D 402 82.42 -38.68 14.38
CA GLY D 402 81.86 -38.15 15.62
C GLY D 402 80.47 -38.64 15.95
N MET D 403 79.83 -39.39 15.06
CA MET D 403 78.40 -39.65 15.14
C MET D 403 78.06 -40.61 16.27
N ASP D 404 76.78 -40.66 16.62
CA ASP D 404 76.26 -41.55 17.64
C ASP D 404 75.41 -42.65 17.01
N GLU D 405 75.18 -43.71 17.80
CA GLU D 405 74.43 -44.85 17.31
C GLU D 405 72.96 -44.51 17.13
N MET D 406 72.37 -43.79 18.09
CA MET D 406 70.93 -43.52 18.03
C MET D 406 70.58 -42.73 16.79
N GLU D 407 71.39 -41.72 16.45
CA GLU D 407 71.19 -40.98 15.21
C GLU D 407 71.04 -41.90 14.01
N PHE D 408 71.66 -43.08 14.06
CA PHE D 408 71.40 -44.09 13.04
C PHE D 408 70.05 -44.75 13.26
N THR D 409 69.67 -44.99 14.52
CA THR D 409 68.40 -45.65 14.78
C THR D 409 67.23 -44.68 14.62
N GLU D 410 67.44 -43.42 14.97
CA GLU D 410 66.40 -42.40 14.79
C GLU D 410 66.05 -42.28 13.32
N ALA D 411 67.04 -42.03 12.46
CA ALA D 411 66.84 -42.07 11.03
C ALA D 411 66.06 -43.30 10.60
N GLU D 412 66.43 -44.47 11.14
CA GLU D 412 65.69 -45.69 10.85
C GLU D 412 64.21 -45.54 11.19
N SER D 413 63.91 -45.22 12.46
CA SER D 413 62.51 -45.08 12.86
C SER D 413 61.81 -43.99 12.07
N ASN D 414 62.44 -42.82 11.96
CA ASN D 414 61.85 -41.73 11.18
C ASN D 414 61.41 -42.21 9.80
N MET D 415 62.26 -43.00 9.13
CA MET D 415 61.91 -43.47 7.79
C MET D 415 60.87 -44.57 7.84
N ASN D 416 60.81 -45.33 8.93
CA ASN D 416 59.73 -46.30 9.08
C ASN D 416 58.43 -45.62 9.51
N ASP D 417 58.54 -44.60 10.38
CA ASP D 417 57.38 -43.75 10.69
C ASP D 417 56.76 -43.20 9.42
N LEU D 418 57.58 -42.88 8.41
CA LEU D 418 57.06 -42.34 7.16
C LEU D 418 56.39 -43.41 6.29
N VAL D 419 56.95 -44.63 6.21
CA VAL D 419 56.28 -45.65 5.40
C VAL D 419 54.92 -45.97 5.97
N SER D 420 54.82 -46.11 7.29
CA SER D 420 53.55 -46.42 7.90
C SER D 420 52.58 -45.26 7.74
N GLU D 421 53.09 -44.02 7.84
CA GLU D 421 52.26 -42.85 7.56
C GLU D 421 51.71 -42.89 6.14
N TYR D 422 52.53 -43.32 5.17
CA TYR D 422 52.02 -43.50 3.82
C TYR D 422 50.97 -44.61 3.78
N GLN D 423 51.17 -45.65 4.58
CA GLN D 423 50.21 -46.76 4.61
C GLN D 423 48.90 -46.32 5.24
N GLN D 424 48.99 -45.58 6.35
CA GLN D 424 47.82 -45.11 7.08
C GLN D 424 46.87 -44.36 6.16
N TYR D 425 47.41 -43.47 5.33
CA TYR D 425 46.57 -42.72 4.40
C TYR D 425 46.19 -43.52 3.17
N GLN D 426 46.85 -44.64 2.91
CA GLN D 426 46.40 -45.53 1.86
C GLN D 426 45.14 -46.30 2.30
N ASP D 427 45.05 -46.63 3.58
CA ASP D 427 43.92 -47.36 4.10
C ASP D 427 42.77 -46.46 4.52
N ALA D 428 43.00 -45.16 4.70
CA ALA D 428 41.93 -44.24 5.05
C ALA D 428 40.85 -44.25 3.96
N THR D 429 39.59 -44.17 4.37
CA THR D 429 38.47 -44.06 3.45
C THR D 429 37.66 -42.81 3.75
N ALA D 430 36.82 -42.44 2.77
CA ALA D 430 35.84 -41.39 3.02
C ALA D 430 34.72 -41.85 3.96
N ASP D 431 34.63 -43.14 4.27
CA ASP D 431 33.66 -43.63 5.26
C ASP D 431 33.99 -45.04 5.77
N MET E 50 -72.82 33.64 15.04
CA MET E 50 -71.51 34.14 14.65
C MET E 50 -71.41 35.66 14.93
N GLU E 51 -70.70 36.04 16.00
CA GLU E 51 -70.65 37.40 16.51
C GLU E 51 -69.37 38.12 16.06
N VAL E 52 -69.51 39.42 15.66
CA VAL E 52 -68.38 40.27 15.29
C VAL E 52 -68.05 41.23 16.44
N ILE E 53 -66.76 41.47 16.66
CA ILE E 53 -66.28 42.33 17.73
C ILE E 53 -65.46 43.45 17.12
N GLU E 54 -65.13 44.42 17.98
CA GLU E 54 -64.01 45.35 17.85
C GLU E 54 -63.58 45.65 16.43
N LEU E 55 -64.50 46.12 15.60
CA LEU E 55 -64.13 46.54 14.24
C LEU E 55 -63.49 47.92 14.29
N ASN E 56 -62.28 48.04 13.72
CA ASN E 56 -61.56 49.30 13.54
C ASN E 56 -61.34 49.56 12.05
N LYS E 57 -61.82 50.69 11.56
CA LYS E 57 -61.56 51.09 10.19
C LYS E 57 -60.45 52.13 10.17
N CYS E 58 -59.93 52.37 8.98
CA CYS E 58 -59.04 53.50 8.77
C CYS E 58 -58.87 53.66 7.27
N THR E 59 -57.87 54.45 6.88
CA THR E 59 -57.62 54.64 5.45
C THR E 59 -57.04 53.37 4.83
N SER E 60 -56.12 52.69 5.54
CA SER E 60 -55.44 51.51 5.00
C SER E 60 -56.40 50.34 4.81
N GLY E 61 -57.40 50.21 5.67
CA GLY E 61 -58.32 49.09 5.61
C GLY E 61 -59.07 48.90 6.91
N GLN E 62 -59.25 47.64 7.31
CA GLN E 62 -60.06 47.32 8.48
C GLN E 62 -59.45 46.14 9.22
N SER E 63 -59.86 45.97 10.48
CA SER E 63 -59.56 44.81 11.29
C SER E 63 -60.74 44.54 12.22
N PHE E 64 -60.91 43.29 12.63
CA PHE E 64 -62.05 42.90 13.48
C PHE E 64 -61.84 41.48 13.98
N GLU E 65 -62.78 41.01 14.80
CA GLU E 65 -62.74 39.65 15.36
C GLU E 65 -64.13 39.03 15.25
N VAL E 66 -64.25 37.91 14.49
CA VAL E 66 -65.47 37.10 14.49
C VAL E 66 -65.30 35.95 15.47
N ILE E 67 -66.39 35.58 16.14
CA ILE E 67 -66.37 34.51 17.14
C ILE E 67 -67.50 33.55 16.77
N LEU E 68 -67.20 32.25 16.80
CA LEU E 68 -68.17 31.24 16.42
C LEU E 68 -68.66 30.41 17.60
N LYS E 69 -67.96 30.48 18.76
CA LYS E 69 -68.31 29.85 20.04
C LYS E 69 -67.20 30.14 21.05
N PRO E 70 -67.53 30.36 22.34
CA PRO E 70 -66.48 30.70 23.34
C PRO E 70 -66.06 29.46 24.12
N PRO E 71 -65.13 29.60 25.07
CA PRO E 71 -64.58 28.41 25.76
C PRO E 71 -65.60 27.68 26.64
N SER E 72 -65.27 26.43 26.96
CA SER E 72 -66.04 25.59 27.87
C SER E 72 -65.12 24.82 28.82
N ASP E 88 -34.55 33.67 33.70
CA ASP E 88 -33.80 33.66 32.43
C ASP E 88 -32.28 33.66 32.71
N PRO E 89 -31.52 32.85 31.97
CA PRO E 89 -30.10 32.64 32.28
C PRO E 89 -29.28 33.93 32.25
N SER E 90 -28.47 34.14 33.28
CA SER E 90 -27.63 35.33 33.36
C SER E 90 -26.41 35.17 32.47
N LEU E 91 -25.67 36.27 32.33
CA LEU E 91 -24.57 36.22 31.37
C LEU E 91 -23.40 35.43 31.94
N GLU E 92 -23.08 35.64 33.21
CA GLU E 92 -21.95 34.94 33.80
C GLU E 92 -22.18 33.43 33.82
N GLU E 93 -23.43 32.97 33.80
CA GLU E 93 -23.67 31.54 33.73
C GLU E 93 -23.48 31.00 32.32
N ILE E 94 -23.75 31.82 31.30
CA ILE E 94 -23.36 31.43 29.94
C ILE E 94 -21.89 31.75 29.69
N GLN E 95 -21.30 32.69 30.43
CA GLN E 95 -19.85 32.86 30.41
C GLN E 95 -19.13 31.57 30.81
N LYS E 96 -19.56 30.96 31.92
CA LYS E 96 -19.04 29.69 32.37
C LYS E 96 -19.19 28.65 31.25
N LYS E 97 -20.43 28.26 30.93
CA LYS E 97 -20.68 27.25 29.90
C LYS E 97 -19.84 27.50 28.63
N LEU E 98 -19.72 28.76 28.22
CA LEU E 98 -19.06 29.04 26.95
C LEU E 98 -17.55 28.93 27.08
N GLU E 99 -16.98 29.35 28.21
CA GLU E 99 -15.55 29.14 28.43
C GLU E 99 -15.27 27.69 28.83
N ALA E 100 -16.23 27.01 29.46
CA ALA E 100 -16.04 25.59 29.72
C ALA E 100 -16.02 24.79 28.42
N ALA E 101 -16.50 25.38 27.33
CA ALA E 101 -16.35 24.75 26.03
C ALA E 101 -14.97 25.03 25.44
N GLU E 102 -14.42 26.23 25.68
CA GLU E 102 -13.09 26.53 25.19
C GLU E 102 -12.01 25.73 25.89
N GLU E 103 -12.28 25.25 27.11
CA GLU E 103 -11.23 24.51 27.79
C GLU E 103 -11.18 23.06 27.35
N ARG E 104 -12.34 22.39 27.22
CA ARG E 104 -12.26 21.04 26.65
C ARG E 104 -11.79 21.05 25.20
N ARG E 105 -11.95 22.16 24.50
CA ARG E 105 -11.31 22.25 23.19
C ARG E 105 -9.80 22.23 23.33
N LYS E 106 -9.28 23.02 24.27
CA LYS E 106 -7.84 23.13 24.41
C LYS E 106 -7.22 21.99 25.20
N TYR E 107 -8.01 21.31 26.02
CA TYR E 107 -7.55 20.02 26.50
C TYR E 107 -7.33 19.07 25.33
N GLN E 108 -8.29 19.03 24.41
CA GLN E 108 -8.17 18.16 23.26
C GLN E 108 -7.00 18.57 22.39
N GLU E 109 -6.74 19.87 22.29
CA GLU E 109 -5.61 20.28 21.48
C GLU E 109 -4.29 19.96 22.19
N ALA E 110 -4.27 20.08 23.52
CA ALA E 110 -3.08 19.69 24.27
C ALA E 110 -2.80 18.21 24.10
N GLU E 111 -3.77 17.36 24.45
CA GLU E 111 -3.55 15.93 24.32
C GLU E 111 -3.15 15.55 22.90
N LEU E 112 -3.45 16.39 21.90
CA LEU E 112 -2.98 16.13 20.55
C LEU E 112 -1.51 16.47 20.41
N LEU E 113 -1.12 17.68 20.82
CA LEU E 113 0.27 18.06 20.78
C LEU E 113 1.11 17.12 21.64
N LYS E 114 0.52 16.56 22.70
CA LYS E 114 1.23 15.58 23.49
C LYS E 114 1.56 14.34 22.66
N HIS E 115 0.57 13.80 21.91
CA HIS E 115 0.84 12.62 21.09
C HIS E 115 1.79 12.95 19.93
N LEU E 116 1.64 14.12 19.32
CA LEU E 116 2.62 14.52 18.31
C LEU E 116 4.02 14.56 18.88
N ALA E 117 4.16 15.08 20.10
CA ALA E 117 5.47 15.16 20.71
C ALA E 117 6.02 13.78 21.01
N GLU E 118 5.16 12.85 21.40
CA GLU E 118 5.62 11.48 21.57
C GLU E 118 6.09 10.89 20.26
N LYS E 119 5.39 11.24 19.17
CA LYS E 119 5.77 10.75 17.86
C LYS E 119 7.15 11.30 17.44
N ARG E 120 7.44 12.58 17.71
CA ARG E 120 8.81 13.08 17.49
C ARG E 120 9.83 12.27 18.28
N GLU E 121 9.50 11.89 19.52
CA GLU E 121 10.44 11.11 20.30
C GLU E 121 10.74 9.79 19.62
N HIS E 122 9.69 9.12 19.16
CA HIS E 122 9.90 7.87 18.43
C HIS E 122 10.67 8.11 17.14
N GLU E 123 10.22 9.09 16.33
CA GLU E 123 10.96 9.47 15.12
C GLU E 123 12.46 9.62 15.42
N ARG E 124 12.77 10.34 16.49
CA ARG E 124 14.16 10.57 16.87
C ARG E 124 14.82 9.29 17.39
N GLU E 125 14.05 8.43 18.06
CA GLU E 125 14.61 7.18 18.56
C GLU E 125 15.00 6.25 17.41
N VAL E 126 14.19 6.23 16.35
CA VAL E 126 14.44 5.31 15.24
C VAL E 126 15.71 5.71 14.48
N ILE E 127 15.85 6.99 14.15
CA ILE E 127 17.02 7.36 13.37
C ILE E 127 18.29 7.24 14.21
N GLN E 128 18.23 7.48 15.52
CA GLN E 128 19.41 7.29 16.36
CA GLN E 128 19.43 7.29 16.31
C GLN E 128 19.68 5.81 16.60
N LYS E 129 18.72 4.94 16.31
CA LYS E 129 19.00 3.51 16.35
C LYS E 129 19.63 3.03 15.05
N ALA E 130 19.09 3.43 13.91
CA ALA E 130 19.76 3.14 12.65
C ALA E 130 21.23 3.57 12.69
N ILE E 131 21.50 4.75 13.25
CA ILE E 131 22.89 5.18 13.44
C ILE E 131 23.62 4.24 14.39
N GLU E 132 23.02 3.96 15.55
CA GLU E 132 23.72 3.13 16.53
C GLU E 132 24.08 1.76 15.97
N GLU E 133 23.18 1.14 15.21
CA GLU E 133 23.46 -0.21 14.74
C GLU E 133 24.45 -0.21 13.58
N ASN E 134 24.39 0.78 12.69
CA ASN E 134 25.45 0.92 11.69
C ASN E 134 26.81 1.06 12.37
N ASN E 135 26.87 1.80 13.48
CA ASN E 135 28.14 2.06 14.14
C ASN E 135 28.65 0.84 14.88
N ASN E 136 27.75 0.13 15.58
CA ASN E 136 28.15 -1.09 16.27
C ASN E 136 28.58 -2.16 15.29
N PHE E 137 28.06 -2.12 14.06
CA PHE E 137 28.48 -3.06 13.05
C PHE E 137 29.88 -2.74 12.56
N ILE E 138 30.14 -1.46 12.27
CA ILE E 138 31.50 -1.04 11.98
C ILE E 138 32.43 -1.40 13.15
N LYS E 139 32.01 -1.05 14.37
CA LYS E 139 32.78 -1.34 15.57
C LYS E 139 33.23 -2.79 15.61
N MET E 140 32.28 -3.72 15.70
CA MET E 140 32.60 -5.14 15.79
C MET E 140 33.42 -5.62 14.60
N ALA E 141 33.12 -5.14 13.40
CA ALA E 141 33.95 -5.50 12.27
C ALA E 141 35.39 -5.10 12.52
N LYS E 142 35.62 -3.79 12.77
CA LYS E 142 36.92 -3.24 13.12
C LYS E 142 37.64 -4.09 14.16
N GLU E 143 36.91 -4.62 15.12
CA GLU E 143 37.56 -5.35 16.18
C GLU E 143 37.82 -6.79 15.77
N LYS E 144 36.82 -7.44 15.17
CA LYS E 144 37.01 -8.80 14.73
C LYS E 144 38.19 -8.88 13.76
N LEU E 145 38.35 -7.85 12.93
CA LEU E 145 39.51 -7.81 12.05
C LEU E 145 40.81 -7.70 12.84
N ALA E 146 40.87 -6.75 13.77
CA ALA E 146 42.12 -6.51 14.49
C ALA E 146 42.52 -7.70 15.32
N GLN E 147 41.56 -8.28 16.01
CA GLN E 147 41.83 -9.46 16.81
C GLN E 147 42.33 -10.63 15.98
N LYS E 148 41.79 -10.81 14.77
CA LYS E 148 42.28 -11.93 13.98
C LYS E 148 43.67 -11.67 13.38
N MET E 149 44.01 -10.44 12.99
CA MET E 149 45.37 -10.22 12.52
C MET E 149 46.37 -10.42 13.63
N GLU E 150 45.98 -10.13 14.88
CA GLU E 150 46.91 -10.33 16.00
C GLU E 150 47.09 -11.81 16.30
N SER E 151 45.99 -12.57 16.34
CA SER E 151 46.11 -14.02 16.50
C SER E 151 46.88 -14.67 15.35
N ASN E 152 46.90 -14.04 14.18
CA ASN E 152 47.55 -14.62 13.01
CA ASN E 152 47.56 -14.66 13.05
C ASN E 152 49.06 -14.35 13.03
N LYS E 153 49.44 -13.09 13.24
CA LYS E 153 50.86 -12.77 13.36
C LYS E 153 51.50 -13.59 14.48
N GLU E 154 50.85 -13.69 15.64
CA GLU E 154 51.34 -14.53 16.71
C GLU E 154 51.55 -15.96 16.24
N ASN E 155 50.49 -16.58 15.72
CA ASN E 155 50.54 -17.98 15.33
C ASN E 155 51.57 -18.24 14.25
N ARG E 156 51.70 -17.31 13.29
CA ARG E 156 52.63 -17.52 12.19
C ARG E 156 54.06 -17.48 12.70
N GLU E 157 54.38 -16.50 13.53
CA GLU E 157 55.75 -16.40 14.01
C GLU E 157 56.08 -17.52 14.98
N ALA E 158 55.12 -17.92 15.83
CA ALA E 158 55.35 -19.09 16.68
C ALA E 158 55.77 -20.29 15.84
N HIS E 159 55.20 -20.43 14.65
CA HIS E 159 55.58 -21.53 13.78
C HIS E 159 56.94 -21.29 13.15
N LEU E 160 57.29 -20.03 12.91
CA LEU E 160 58.64 -19.75 12.44
C LEU E 160 59.63 -19.78 13.60
N ALA E 161 59.21 -19.28 14.77
CA ALA E 161 60.00 -19.50 15.97
C ALA E 161 60.29 -20.99 16.16
N ALA E 162 59.22 -21.80 16.18
CA ALA E 162 59.38 -23.23 16.34
C ALA E 162 60.25 -23.83 15.25
N MET E 163 60.19 -23.30 14.03
CA MET E 163 60.93 -23.89 12.93
C MET E 163 62.42 -23.60 13.08
N LEU E 164 62.76 -22.37 13.44
CA LEU E 164 64.17 -22.01 13.58
C LEU E 164 64.80 -22.66 14.80
N GLU E 165 64.05 -22.76 15.90
CA GLU E 165 64.62 -23.40 17.09
C GLU E 165 64.90 -24.87 16.83
N ARG E 166 64.07 -25.50 16.00
CA ARG E 166 64.34 -26.86 15.55
C ARG E 166 65.67 -26.94 14.81
N LEU E 167 65.84 -26.06 13.82
CA LEU E 167 67.08 -26.00 13.07
C LEU E 167 68.30 -25.71 13.93
N GLN E 168 68.11 -25.13 15.12
CA GLN E 168 69.29 -24.78 15.90
C GLN E 168 69.71 -25.87 16.86
N GLU E 169 68.77 -26.71 17.31
CA GLU E 169 69.18 -27.96 17.92
C GLU E 169 69.92 -28.85 16.92
N LYS E 170 69.78 -28.60 15.62
CA LYS E 170 70.57 -29.30 14.62
C LYS E 170 71.97 -28.71 14.53
N ASP E 171 72.06 -27.38 14.67
CA ASP E 171 73.35 -26.71 14.73
C ASP E 171 74.11 -27.12 15.98
N LYS E 172 73.43 -27.09 17.14
CA LYS E 172 74.05 -27.54 18.37
C LYS E 172 74.42 -29.01 18.29
N HIS E 173 73.62 -29.83 17.60
CA HIS E 173 73.99 -31.23 17.42
C HIS E 173 75.17 -31.38 16.47
N ALA E 174 75.22 -30.59 15.40
CA ALA E 174 76.31 -30.69 14.42
C ALA E 174 77.66 -30.39 15.03
N GLU E 175 77.70 -29.90 16.26
CA GLU E 175 78.94 -29.64 16.95
C GLU E 175 79.24 -30.67 18.02
N GLU E 176 78.25 -31.13 18.77
CA GLU E 176 78.48 -32.23 19.69
C GLU E 176 78.94 -33.49 18.95
N VAL E 177 78.64 -33.60 17.66
CA VAL E 177 79.22 -34.69 16.86
C VAL E 177 80.64 -34.34 16.42
N ARG E 178 80.89 -33.06 16.09
CA ARG E 178 82.22 -32.65 15.65
C ARG E 178 83.17 -32.59 16.84
N LYS E 179 82.68 -32.09 17.99
CA LYS E 179 83.51 -32.06 19.18
C LYS E 179 83.79 -33.48 19.66
N ASN E 180 82.79 -34.37 19.60
CA ASN E 180 83.01 -35.77 19.94
C ASN E 180 84.16 -36.37 19.12
N LYS E 181 84.29 -35.97 17.87
CA LYS E 181 85.34 -36.47 16.99
C LYS E 181 86.72 -35.97 17.38
N GLU E 182 86.82 -34.88 18.15
CA GLU E 182 88.12 -34.49 18.71
C GLU E 182 88.46 -35.31 19.94
N LEU E 183 87.45 -35.78 20.66
CA LEU E 183 87.61 -36.61 21.86
C LEU E 183 88.03 -38.04 21.49
N LYS E 184 89.12 -38.09 20.73
CA LYS E 184 89.78 -39.35 20.42
C LYS E 184 91.26 -39.02 20.31
N GLU E 185 92.09 -39.77 21.04
CA GLU E 185 93.55 -39.72 20.92
C GLU E 185 94.19 -40.59 22.00
N MET F 1 -41.16 -0.30 -10.51
CA MET F 1 -40.78 -1.22 -9.44
C MET F 1 -41.12 -0.63 -8.09
N TYR F 2 -41.83 -1.40 -7.28
CA TYR F 2 -42.48 -0.87 -6.10
C TYR F 2 -41.93 -1.46 -4.81
N THR F 3 -41.94 -0.63 -3.78
CA THR F 3 -41.47 -1.02 -2.46
C THR F 3 -42.60 -0.89 -1.44
N PHE F 4 -42.42 -1.62 -0.34
CA PHE F 4 -43.41 -1.58 0.71
C PHE F 4 -42.80 -2.18 1.97
N VAL F 5 -43.11 -1.59 3.09
CA VAL F 5 -42.72 -2.12 4.37
C VAL F 5 -43.92 -2.83 4.96
N VAL F 6 -43.67 -3.70 5.93
CA VAL F 6 -44.72 -4.29 6.75
C VAL F 6 -44.42 -3.95 8.20
N ARG F 7 -45.39 -3.33 8.88
CA ARG F 7 -45.17 -2.91 10.26
C ARG F 7 -46.26 -3.44 11.18
N ASP F 8 -47.16 -4.29 10.68
CA ASP F 8 -48.07 -5.08 11.50
C ASP F 8 -47.95 -6.53 11.04
N GLU F 9 -47.27 -7.34 11.84
CA GLU F 9 -46.93 -8.70 11.43
C GLU F 9 -48.12 -9.65 11.58
N ASN F 10 -48.77 -9.66 12.75
CA ASN F 10 -49.89 -10.55 13.01
C ASN F 10 -51.19 -9.99 12.46
N SER F 11 -51.12 -9.19 11.40
CA SER F 11 -52.31 -8.77 10.69
C SER F 11 -52.68 -9.90 9.74
N SER F 12 -53.72 -10.65 10.11
CA SER F 12 -54.16 -11.79 9.32
C SER F 12 -54.34 -11.41 7.85
N VAL F 13 -55.13 -10.35 7.59
CA VAL F 13 -55.45 -9.97 6.22
C VAL F 13 -54.21 -9.50 5.47
N TYR F 14 -53.48 -8.54 6.04
CA TYR F 14 -52.43 -7.87 5.27
C TYR F 14 -51.18 -8.72 5.16
N ALA F 15 -50.99 -9.67 6.09
CA ALA F 15 -49.97 -10.71 5.89
C ALA F 15 -50.14 -11.35 4.51
N GLU F 16 -51.39 -11.57 4.10
CA GLU F 16 -51.63 -12.25 2.83
C GLU F 16 -51.34 -11.32 1.65
N VAL F 17 -51.73 -10.05 1.71
CA VAL F 17 -51.44 -9.19 0.56
C VAL F 17 -49.94 -8.96 0.43
N SER F 18 -49.21 -8.93 1.56
CA SER F 18 -47.77 -8.86 1.48
C SER F 18 -47.22 -10.05 0.70
N ARG F 19 -47.83 -11.23 0.90
CA ARG F 19 -47.52 -12.39 0.06
C ARG F 19 -47.79 -12.08 -1.41
N LEU F 20 -49.02 -11.66 -1.72
CA LEU F 20 -49.41 -11.48 -3.12
C LEU F 20 -48.52 -10.46 -3.82
N LEU F 21 -48.08 -9.42 -3.10
CA LEU F 21 -47.29 -8.37 -3.72
C LEU F 21 -45.97 -8.93 -4.24
N LEU F 22 -45.23 -9.62 -3.37
CA LEU F 22 -43.95 -10.20 -3.76
C LEU F 22 -44.15 -11.15 -4.94
N ALA F 23 -45.21 -11.94 -4.90
CA ALA F 23 -45.55 -12.93 -5.90
C ALA F 23 -45.98 -12.34 -7.26
N THR F 24 -45.70 -11.06 -7.53
CA THR F 24 -45.89 -10.50 -8.87
C THR F 24 -44.57 -10.05 -9.49
N GLY F 25 -43.46 -10.19 -8.77
CA GLY F 25 -42.17 -9.76 -9.26
C GLY F 25 -42.03 -8.27 -9.43
N GLN F 26 -42.91 -7.49 -8.79
CA GLN F 26 -42.92 -6.05 -8.95
C GLN F 26 -43.02 -5.30 -7.62
N TRP F 27 -42.90 -5.99 -6.50
CA TRP F 27 -42.99 -5.35 -5.19
C TRP F 27 -41.96 -5.98 -4.27
N LYS F 28 -41.29 -5.16 -3.47
CA LYS F 28 -40.22 -5.61 -2.60
C LYS F 28 -40.48 -5.17 -1.18
N ARG F 29 -40.50 -6.13 -0.26
CA ARG F 29 -40.58 -5.79 1.16
C ARG F 29 -39.22 -5.33 1.66
N LEU F 30 -39.16 -4.09 2.15
CA LEU F 30 -38.00 -3.56 2.86
C LEU F 30 -38.19 -3.84 4.35
N ARG F 31 -37.23 -3.43 5.17
CA ARG F 31 -37.40 -3.57 6.61
C ARG F 31 -38.37 -2.51 7.11
N LYS F 32 -39.14 -2.85 8.16
CA LYS F 32 -40.03 -1.92 8.87
C LYS F 32 -39.61 -0.45 8.83
N ASP F 33 -38.38 -0.18 9.24
CA ASP F 33 -37.86 1.16 9.45
C ASP F 33 -37.17 1.75 8.21
N ASN F 34 -37.21 1.05 7.08
CA ASN F 34 -36.73 1.64 5.83
C ASN F 34 -37.71 2.73 5.38
N PRO F 35 -37.26 3.98 5.19
CA PRO F 35 -38.20 5.06 4.92
C PRO F 35 -38.58 5.20 3.46
N ARG F 36 -37.80 4.64 2.53
CA ARG F 36 -37.95 4.91 1.10
C ARG F 36 -38.93 3.92 0.46
N PHE F 37 -40.12 3.82 1.04
CA PHE F 37 -41.14 2.85 0.64
C PHE F 37 -42.27 3.50 -0.15
N ASN F 38 -42.90 2.70 -1.01
CA ASN F 38 -44.11 3.19 -1.69
C ASN F 38 -45.35 3.01 -0.84
N LEU F 39 -45.42 1.93 -0.06
CA LEU F 39 -46.65 1.51 0.58
C LEU F 39 -46.36 1.03 1.99
N MET F 40 -47.03 1.63 2.96
CA MET F 40 -46.92 1.17 4.33
C MET F 40 -48.05 0.21 4.62
N LEU F 41 -47.72 -0.90 5.29
CA LEU F 41 -48.77 -1.74 5.84
C LEU F 41 -48.73 -1.54 7.35
N GLY F 42 -48.95 -0.31 7.78
CA GLY F 42 -48.72 0.15 9.13
C GLY F 42 -49.18 -0.67 10.32
N GLU F 43 -48.74 -0.25 11.50
CA GLU F 43 -49.11 -0.89 12.75
C GLU F 43 -50.48 -0.43 13.19
N ARG F 44 -51.10 -1.26 14.05
CA ARG F 44 -52.48 -1.04 14.44
C ARG F 44 -52.70 0.38 14.97
N ASN F 45 -51.86 0.82 15.91
CA ASN F 45 -52.03 2.14 16.52
C ASN F 45 -50.66 2.76 16.80
N ARG F 46 -50.69 4.06 17.06
CA ARG F 46 -49.51 4.93 17.02
C ARG F 46 -48.85 4.94 15.65
N LEU F 47 -49.60 4.54 14.61
CA LEU F 47 -49.10 4.67 13.25
C LEU F 47 -48.59 6.08 13.02
N PRO F 48 -47.32 6.26 12.70
CA PRO F 48 -46.76 7.63 12.56
C PRO F 48 -47.16 8.31 11.26
N PHE F 49 -48.43 8.74 11.17
CA PHE F 49 -48.89 9.38 9.93
C PHE F 49 -48.09 10.64 9.63
N GLY F 50 -47.66 11.36 10.65
CA GLY F 50 -46.93 12.60 10.44
C GLY F 50 -45.60 12.44 9.71
N ARG F 51 -45.12 11.22 9.51
CA ARG F 51 -43.86 10.99 8.81
C ARG F 51 -44.06 10.43 7.40
N LEU F 52 -45.29 10.40 6.91
CA LEU F 52 -45.57 9.99 5.54
C LEU F 52 -45.74 11.20 4.63
N GLY F 53 -45.45 10.99 3.34
CA GLY F 53 -45.52 12.04 2.35
C GLY F 53 -44.37 13.02 2.38
N HIS F 54 -43.22 12.61 2.94
CA HIS F 54 -42.08 13.51 3.09
C HIS F 54 -40.81 13.01 2.42
N GLU F 55 -40.85 11.87 1.74
CA GLU F 55 -39.69 11.37 1.03
C GLU F 55 -39.75 11.83 -0.41
N PRO F 56 -38.89 12.75 -0.83
CA PRO F 56 -38.93 13.25 -2.23
C PRO F 56 -38.89 12.13 -3.24
N GLY F 57 -39.63 12.33 -4.33
CA GLY F 57 -39.79 11.35 -5.38
C GLY F 57 -40.56 10.12 -5.01
N LEU F 58 -41.21 10.08 -3.85
CA LEU F 58 -41.93 8.90 -3.40
C LEU F 58 -43.41 9.20 -3.31
N VAL F 59 -44.20 8.48 -4.08
CA VAL F 59 -45.64 8.40 -3.84
C VAL F 59 -45.83 7.41 -2.70
N GLN F 60 -46.37 7.89 -1.58
CA GLN F 60 -46.56 7.04 -0.42
C GLN F 60 -48.04 6.85 -0.12
N LEU F 61 -48.38 5.64 0.28
CA LEU F 61 -49.75 5.25 0.56
C LEU F 61 -49.69 4.28 1.73
N VAL F 62 -50.67 4.36 2.63
CA VAL F 62 -50.73 3.48 3.79
C VAL F 62 -52.13 2.88 3.85
N ASN F 63 -52.22 1.67 4.43
CA ASN F 63 -53.46 0.90 4.54
C ASN F 63 -54.34 1.34 5.72
N TYR F 64 -54.23 2.57 6.19
CA TYR F 64 -55.01 3.07 7.30
C TYR F 64 -55.37 4.53 7.09
N TYR F 65 -56.51 4.91 7.62
CA TYR F 65 -57.03 6.28 7.52
C TYR F 65 -56.88 6.92 8.89
N ARG F 66 -55.98 7.89 8.99
CA ARG F 66 -55.85 8.67 10.21
C ARG F 66 -57.18 9.32 10.54
N GLY F 67 -57.63 9.15 11.78
CA GLY F 67 -58.92 9.64 12.21
C GLY F 67 -60.04 8.61 12.19
N ALA F 68 -59.85 7.48 11.51
CA ALA F 68 -60.90 6.48 11.40
C ALA F 68 -61.19 5.76 12.71
N ASP F 69 -60.32 5.89 13.71
CA ASP F 69 -60.65 5.36 15.03
C ASP F 69 -61.94 5.99 15.57
N LYS F 70 -62.22 7.24 15.17
CA LYS F 70 -63.41 7.92 15.68
C LYS F 70 -64.68 7.16 15.34
N LEU F 71 -64.62 6.36 14.27
CA LEU F 71 -65.69 5.45 13.90
C LEU F 71 -65.56 4.08 14.56
N CYS F 72 -64.36 3.72 15.02
CA CYS F 72 -64.02 2.34 15.33
C CYS F 72 -63.87 2.04 16.82
N ARG F 73 -63.82 3.04 17.69
CA ARG F 73 -63.96 2.83 19.12
C ARG F 73 -65.31 3.40 19.54
N LYS F 74 -66.17 2.52 20.04
CA LYS F 74 -67.48 2.80 20.62
C LYS F 74 -67.58 4.05 21.48
N ALA F 75 -66.50 4.44 22.14
CA ALA F 75 -66.48 5.73 22.81
C ALA F 75 -66.67 6.84 21.79
N SER F 76 -65.69 7.00 20.90
CA SER F 76 -65.76 8.01 19.85
C SER F 76 -66.95 7.77 18.93
N LEU F 77 -67.25 6.50 18.64
CA LEU F 77 -68.36 6.15 17.76
C LEU F 77 -69.68 6.75 18.22
N VAL F 78 -70.28 6.17 19.26
CA VAL F 78 -71.44 6.73 19.94
C VAL F 78 -71.41 8.26 19.93
N LYS F 79 -70.30 8.84 20.40
CA LYS F 79 -70.16 10.29 20.40
C LYS F 79 -70.46 10.88 19.02
N LEU F 80 -69.95 10.23 17.98
CA LEU F 80 -70.11 10.74 16.62
C LEU F 80 -71.58 10.82 16.22
N ILE F 81 -72.39 9.80 16.57
CA ILE F 81 -73.77 9.78 16.09
C ILE F 81 -74.64 10.82 16.79
N LYS F 82 -74.30 11.22 18.02
CA LYS F 82 -75.05 12.31 18.63
C LYS F 82 -74.52 13.68 18.24
N THR F 83 -73.20 13.85 18.15
CA THR F 83 -72.65 15.18 17.88
C THR F 83 -72.89 15.61 16.44
N SER F 84 -72.89 14.68 15.50
CA SER F 84 -72.85 15.10 14.10
C SER F 84 -74.26 15.32 13.55
N PRO F 85 -74.48 16.44 12.86
CA PRO F 85 -75.78 16.67 12.20
C PRO F 85 -76.17 15.61 11.17
N GLU F 86 -75.21 15.08 10.45
CA GLU F 86 -75.49 14.14 9.36
C GLU F 86 -75.95 12.76 9.85
N LEU F 87 -76.19 12.66 11.17
CA LEU F 87 -76.53 11.41 11.83
C LEU F 87 -77.72 11.55 12.77
N SER F 88 -78.54 12.60 12.58
CA SER F 88 -79.77 12.87 13.37
C SER F 88 -79.59 12.68 14.87
N CYS F 91 -80.77 7.91 15.27
CA CYS F 91 -80.95 7.92 13.82
C CYS F 91 -81.41 6.56 13.27
N THR F 92 -82.42 5.98 13.93
CA THR F 92 -83.17 4.79 13.50
C THR F 92 -82.37 3.60 12.97
N TRP F 93 -81.12 3.41 13.39
CA TRP F 93 -80.41 2.17 13.07
C TRP F 93 -79.23 1.95 14.00
N PHE F 94 -78.99 2.88 14.88
CA PHE F 94 -78.02 2.68 15.93
C PHE F 94 -78.72 2.51 17.29
N PRO F 95 -78.31 1.55 18.12
CA PRO F 95 -78.89 1.45 19.46
C PRO F 95 -78.60 2.69 20.31
N GLU F 96 -79.61 3.10 21.09
CA GLU F 96 -79.48 4.25 21.97
C GLU F 96 -78.32 4.06 22.94
N SER F 97 -77.57 5.14 23.21
CA SER F 97 -76.25 4.95 23.80
C SER F 97 -75.74 6.16 24.59
N TYR F 98 -74.87 5.88 25.57
CA TYR F 98 -74.16 6.87 26.40
C TYR F 98 -72.79 6.32 26.79
N VAL F 99 -72.03 7.12 27.55
CA VAL F 99 -70.62 6.86 27.78
C VAL F 99 -70.27 7.17 29.24
N ILE F 100 -69.76 6.17 29.97
CA ILE F 100 -69.54 6.24 31.41
C ILE F 100 -68.06 6.11 31.72
N TYR F 101 -67.58 6.89 32.70
CA TYR F 101 -66.21 6.79 33.17
C TYR F 101 -66.18 6.44 34.65
N PRO F 102 -65.42 5.40 35.07
CA PRO F 102 -65.19 4.98 36.45
C PRO F 102 -64.94 6.13 37.43
N THR F 125 -69.44 13.29 28.59
CA THR F 125 -68.06 13.16 29.04
C THR F 125 -67.70 14.16 30.14
N ASP F 126 -68.24 13.97 31.35
CA ASP F 126 -69.14 12.87 31.67
C ASP F 126 -70.53 13.39 32.07
N GLU F 127 -71.58 12.78 31.50
CA GLU F 127 -72.97 13.12 31.83
C GLU F 127 -73.75 11.82 31.98
N ARG F 128 -74.32 11.60 33.16
CA ARG F 128 -74.88 10.29 33.52
C ARG F 128 -76.36 10.25 33.77
N GLU F 129 -76.97 11.33 34.28
CA GLU F 129 -78.43 11.37 34.39
C GLU F 129 -79.07 11.11 33.05
N VAL F 130 -78.31 11.24 31.96
CA VAL F 130 -78.69 10.85 30.62
C VAL F 130 -79.39 9.49 30.65
N PHE F 131 -78.87 8.58 31.46
CA PHE F 131 -79.23 7.16 31.42
C PHE F 131 -80.55 6.86 32.10
N LEU F 132 -81.23 7.87 32.66
CA LEU F 132 -82.37 7.63 33.54
C LEU F 132 -83.72 7.81 32.86
N ALA F 133 -83.92 8.94 32.17
CA ALA F 133 -85.23 9.31 31.66
C ALA F 133 -85.89 8.18 30.87
N ALA F 134 -85.08 7.35 30.22
CA ALA F 134 -85.55 6.12 29.60
C ALA F 134 -85.25 4.98 30.56
N TYR F 135 -86.27 4.52 31.28
CA TYR F 135 -86.17 3.28 32.03
C TYR F 135 -87.56 2.71 32.31
N ASN F 136 -88.61 3.35 31.82
CA ASN F 136 -89.92 2.74 31.94
C ASN F 136 -90.46 2.44 30.55
N GLY F 144 -89.99 -3.03 28.27
CA GLY F 144 -88.89 -3.66 28.99
C GLY F 144 -87.71 -2.74 29.15
N ASN F 145 -86.67 -3.20 29.87
CA ASN F 145 -85.47 -2.40 30.19
C ASN F 145 -84.29 -3.35 30.43
N VAL F 146 -83.74 -3.90 29.34
CA VAL F 146 -82.60 -4.81 29.39
C VAL F 146 -81.47 -4.21 28.55
N TRP F 147 -80.24 -4.38 29.01
CA TRP F 147 -79.06 -3.79 28.39
C TRP F 147 -77.93 -4.80 28.45
N ILE F 148 -76.81 -4.52 27.78
CA ILE F 148 -75.74 -5.51 27.56
C ILE F 148 -74.43 -5.00 28.12
N ALA F 149 -73.81 -5.79 29.01
CA ALA F 149 -72.65 -5.38 29.82
C ALA F 149 -71.35 -5.87 29.20
N LYS F 150 -70.64 -4.95 28.52
CA LYS F 150 -69.27 -5.12 28.03
C LYS F 150 -68.87 -3.85 27.29
N SER F 151 -67.56 -3.72 27.04
CA SER F 151 -67.00 -2.58 26.31
C SER F 151 -65.73 -2.93 25.53
N ILE F 162 -73.84 -8.92 30.67
CA ILE F 162 -75.25 -8.74 30.32
C ILE F 162 -76.11 -8.82 31.58
N SER F 163 -77.08 -7.92 31.68
CA SER F 163 -77.97 -7.87 32.84
C SER F 163 -79.18 -7.01 32.52
N SER F 164 -80.21 -7.14 33.34
CA SER F 164 -81.36 -6.24 33.31
C SER F 164 -81.34 -5.24 34.46
N GLU F 165 -80.37 -5.38 35.37
CA GLU F 165 -80.29 -4.56 36.58
C GLU F 165 -79.28 -3.44 36.34
N ALA F 166 -79.75 -2.20 36.41
CA ALA F 166 -78.92 -1.02 36.20
C ALA F 166 -78.02 -0.71 37.39
N SER F 167 -77.38 -1.70 37.99
CA SER F 167 -76.52 -1.43 39.14
C SER F 167 -75.32 -2.35 39.17
N GLU F 168 -75.57 -3.66 39.24
CA GLU F 168 -74.47 -4.64 39.21
C GLU F 168 -73.49 -4.38 38.07
N LEU F 169 -73.95 -3.73 37.00
CA LEU F 169 -73.10 -3.46 35.86
C LEU F 169 -71.93 -2.57 36.24
N LEU F 170 -72.22 -1.39 36.81
CA LEU F 170 -71.20 -0.35 37.02
C LEU F 170 -70.11 -0.77 37.99
N ASP F 171 -70.16 -2.00 38.52
CA ASP F 171 -69.12 -2.54 39.39
C ASP F 171 -67.79 -2.74 38.66
N PHE F 172 -67.77 -2.60 37.34
CA PHE F 172 -66.53 -2.68 36.57
C PHE F 172 -65.49 -1.67 37.05
N ILE F 173 -65.93 -0.55 37.61
CA ILE F 173 -65.10 0.64 37.87
C ILE F 173 -63.77 0.33 38.55
N HIS F 180 -65.22 2.21 28.53
CA HIS F 180 -66.35 1.52 29.10
C HIS F 180 -67.70 2.08 28.63
N VAL F 181 -68.30 1.43 27.64
CA VAL F 181 -69.60 1.82 27.09
C VAL F 181 -70.58 0.69 27.36
N ILE F 182 -71.84 1.04 27.60
CA ILE F 182 -72.77 0.07 28.18
C ILE F 182 -74.21 0.39 27.80
N GLN F 183 -74.82 -0.45 26.97
CA GLN F 183 -76.02 0.00 26.26
C GLN F 183 -76.98 -1.16 26.03
N LYS F 184 -77.91 -0.96 25.09
CA LYS F 184 -79.14 -1.74 25.05
C LYS F 184 -79.01 -3.00 24.22
N TYR F 185 -79.53 -4.09 24.79
CA TYR F 185 -79.53 -5.42 24.20
C TYR F 185 -80.87 -5.66 23.53
N LEU F 186 -80.86 -6.04 22.25
CA LEU F 186 -82.11 -6.32 21.54
C LEU F 186 -82.82 -7.52 22.09
N GLU F 187 -83.68 -7.27 23.08
CA GLU F 187 -84.31 -8.37 23.79
C GLU F 187 -85.04 -9.32 22.85
N LYS F 188 -85.38 -8.90 21.62
CA LYS F 188 -85.87 -9.90 20.69
C LYS F 188 -85.27 -9.71 19.29
N PRO F 189 -84.31 -10.55 18.91
CA PRO F 189 -83.71 -10.44 17.59
C PRO F 189 -84.48 -11.24 16.55
N LEU F 190 -84.07 -11.18 15.29
CA LEU F 190 -84.47 -12.25 14.39
C LEU F 190 -83.75 -13.51 14.82
N LEU F 191 -84.46 -14.61 14.73
CA LEU F 191 -83.96 -15.91 15.13
C LEU F 191 -84.24 -16.85 13.98
N LEU F 192 -83.20 -17.46 13.44
CA LEU F 192 -83.37 -18.31 12.27
C LEU F 192 -83.34 -19.78 12.64
N GLU F 193 -83.96 -20.60 11.78
CA GLU F 193 -84.11 -22.04 11.96
C GLU F 193 -83.59 -22.74 10.70
N PRO F 194 -83.62 -24.08 10.61
CA PRO F 194 -83.95 -25.18 11.53
C PRO F 194 -82.92 -25.31 12.65
N GLY F 195 -83.29 -24.88 13.86
CA GLY F 195 -82.38 -25.04 14.97
C GLY F 195 -82.30 -23.85 15.89
N HIS F 196 -83.03 -22.78 15.55
CA HIS F 196 -83.16 -21.60 16.41
C HIS F 196 -81.78 -21.03 16.74
N ARG F 197 -81.18 -20.43 15.71
CA ARG F 197 -79.80 -19.94 15.74
C ARG F 197 -79.80 -18.41 15.66
N LYS F 198 -79.38 -17.76 16.74
CA LYS F 198 -79.24 -16.31 16.74
C LYS F 198 -77.87 -15.92 16.18
N PHE F 199 -77.86 -15.03 15.21
CA PHE F 199 -76.69 -14.84 14.35
C PHE F 199 -76.05 -13.45 14.46
N ASP F 200 -75.22 -13.12 13.47
CA ASP F 200 -74.44 -11.87 13.46
C ASP F 200 -73.74 -11.69 12.11
N ILE F 201 -73.95 -10.55 11.45
CA ILE F 201 -73.48 -10.31 10.07
C ILE F 201 -72.26 -9.38 10.08
N ARG F 202 -71.18 -9.83 9.42
CA ARG F 202 -70.00 -9.01 9.18
C ARG F 202 -69.86 -8.73 7.68
N SER F 203 -69.74 -7.45 7.33
CA SER F 203 -69.44 -7.04 5.97
C SER F 203 -68.07 -6.39 5.95
N TRP F 204 -67.37 -6.55 4.84
CA TRP F 204 -66.03 -5.99 4.68
C TRP F 204 -66.10 -4.87 3.65
N VAL F 205 -65.68 -3.68 4.06
CA VAL F 205 -65.74 -2.49 3.24
C VAL F 205 -64.33 -1.98 3.03
N LEU F 206 -63.99 -1.67 1.78
CA LEU F 206 -62.72 -1.06 1.41
C LEU F 206 -62.94 0.39 0.97
N VAL F 207 -62.04 1.27 1.40
CA VAL F 207 -62.11 2.70 1.06
C VAL F 207 -60.76 3.08 0.50
N ASP F 208 -60.72 3.41 -0.78
CA ASP F 208 -59.44 3.65 -1.42
C ASP F 208 -59.01 5.12 -1.19
N HIS F 209 -57.91 5.50 -1.83
CA HIS F 209 -57.37 6.85 -1.68
C HIS F 209 -58.31 7.91 -2.22
N LEU F 210 -59.19 7.53 -3.14
CA LEU F 210 -60.18 8.42 -3.75
C LEU F 210 -61.48 8.50 -2.97
N TYR F 211 -61.60 7.70 -1.90
CA TYR F 211 -62.78 7.60 -1.04
C TYR F 211 -63.97 6.96 -1.75
N ASN F 212 -63.74 6.22 -2.82
CA ASN F 212 -64.73 5.25 -3.26
C ASN F 212 -64.99 4.26 -2.14
N ILE F 213 -66.26 3.96 -1.90
CA ILE F 213 -66.65 3.01 -0.87
C ILE F 213 -66.98 1.68 -1.54
N TYR F 214 -66.25 0.64 -1.16
CA TYR F 214 -66.39 -0.67 -1.80
C TYR F 214 -66.89 -1.70 -0.79
N LEU F 215 -68.14 -2.13 -0.97
CA LEU F 215 -68.67 -3.25 -0.21
C LEU F 215 -68.23 -4.55 -0.88
N TYR F 216 -67.58 -5.41 -0.10
CA TYR F 216 -67.33 -6.77 -0.55
C TYR F 216 -68.66 -7.51 -0.70
N ARG F 217 -68.82 -8.21 -1.82
CA ARG F 217 -70.08 -8.92 -2.05
C ARG F 217 -70.24 -10.10 -1.10
N GLU F 218 -69.15 -10.74 -0.69
CA GLU F 218 -69.22 -11.86 0.26
C GLU F 218 -69.25 -11.33 1.68
N GLY F 219 -70.40 -11.36 2.31
CA GLY F 219 -70.45 -11.24 3.75
C GLY F 219 -70.42 -12.61 4.39
N VAL F 220 -70.15 -12.60 5.69
CA VAL F 220 -70.21 -13.80 6.51
C VAL F 220 -71.31 -13.62 7.55
N LEU F 221 -71.86 -14.74 7.98
CA LEU F 221 -72.88 -14.78 9.01
C LEU F 221 -72.37 -15.72 10.10
N ARG F 222 -71.95 -15.17 11.24
CA ARG F 222 -71.43 -15.98 12.34
C ARG F 222 -72.58 -16.24 13.30
N THR F 223 -73.12 -17.47 13.25
CA THR F 223 -74.27 -17.83 14.05
C THR F 223 -73.85 -18.48 15.35
N SER F 224 -74.63 -18.20 16.40
CA SER F 224 -74.58 -18.98 17.64
C SER F 224 -75.64 -20.07 17.53
N SER F 225 -75.28 -21.14 16.81
CA SER F 225 -76.24 -22.12 16.30
C SER F 225 -77.04 -22.84 17.39
N GLU F 226 -76.74 -22.61 18.66
CA GLU F 226 -77.44 -23.28 19.76
C GLU F 226 -78.66 -22.48 20.18
N PRO F 227 -79.49 -23.02 21.09
CA PRO F 227 -80.64 -22.24 21.61
C PRO F 227 -80.28 -20.90 22.23
N TYR F 228 -81.29 -20.21 22.78
CA TYR F 228 -81.19 -18.83 23.23
C TYR F 228 -82.41 -18.48 24.07
N ASN F 229 -82.21 -18.21 25.36
CA ASN F 229 -83.26 -18.30 26.37
C ASN F 229 -83.53 -16.92 26.93
N SER F 230 -83.54 -16.73 28.25
CA SER F 230 -83.85 -15.47 28.92
C SER F 230 -83.48 -15.66 30.39
N ALA F 231 -83.93 -14.75 31.25
CA ALA F 231 -83.68 -14.87 32.67
C ALA F 231 -84.84 -14.31 33.47
N ASP F 235 -77.02 -17.49 32.53
CA ASP F 235 -77.70 -17.54 31.25
C ASP F 235 -77.11 -16.49 30.30
N LYS F 236 -75.81 -16.59 30.02
CA LYS F 236 -75.09 -15.58 29.23
C LYS F 236 -74.10 -16.26 28.27
N THR F 237 -74.62 -17.07 27.35
CA THR F 237 -73.79 -17.78 26.37
C THR F 237 -74.14 -17.42 24.93
N CYS F 238 -75.37 -17.72 24.48
CA CYS F 238 -75.82 -17.34 23.15
C CYS F 238 -76.13 -15.85 23.04
N HIS F 239 -76.15 -15.12 24.16
CA HIS F 239 -76.32 -13.68 24.11
C HIS F 239 -75.19 -12.99 23.35
N LEU F 240 -74.06 -13.68 23.15
CA LEU F 240 -72.86 -13.11 22.57
C LEU F 240 -72.40 -13.98 21.41
N THR F 241 -72.40 -13.46 20.15
CA THR F 241 -72.24 -14.40 19.02
C THR F 241 -71.03 -14.06 18.13
N ASN F 242 -69.89 -14.70 18.44
CA ASN F 242 -68.68 -14.67 17.62
C ASN F 242 -67.66 -15.68 18.17
N HIS F 243 -66.38 -15.28 18.23
CA HIS F 243 -65.29 -16.16 18.65
C HIS F 243 -64.56 -15.61 19.89
N CYS F 244 -65.31 -15.07 20.86
CA CYS F 244 -64.75 -14.60 22.13
C CYS F 244 -65.38 -15.27 23.33
N ILE F 245 -66.70 -15.50 23.31
CA ILE F 245 -67.36 -16.32 24.32
C ILE F 245 -67.74 -17.69 23.75
N GLN F 246 -67.63 -17.88 22.43
CA GLN F 246 -67.86 -19.19 21.81
C GLN F 246 -66.59 -19.84 21.27
N LYS F 247 -65.45 -19.16 21.35
CA LYS F 247 -64.16 -19.80 21.14
C LYS F 247 -63.46 -20.15 22.45
N GLU F 248 -63.95 -19.62 23.57
CA GLU F 248 -63.45 -19.97 24.90
C GLU F 248 -64.54 -20.69 25.70
N TYR F 249 -65.59 -19.97 26.12
CA TYR F 249 -66.69 -20.60 26.85
C TYR F 249 -67.42 -21.59 25.95
N SER F 250 -68.25 -21.08 25.04
CA SER F 250 -69.03 -21.93 24.15
C SER F 250 -68.18 -22.45 22.99
N ASN F 252 -69.21 -28.35 20.65
CA ASN F 252 -70.25 -27.48 20.10
C ASN F 252 -69.62 -26.20 19.53
N TYR F 253 -69.13 -26.30 18.30
CA TYR F 253 -68.55 -25.17 17.56
C TYR F 253 -68.96 -25.24 16.09
N GLY F 254 -70.21 -25.62 15.85
CA GLY F 254 -70.73 -25.80 14.51
C GLY F 254 -71.74 -26.92 14.42
N ARG F 255 -72.90 -26.75 15.05
CA ARG F 255 -73.89 -27.81 15.12
C ARG F 255 -74.68 -27.93 13.81
N TYR F 256 -75.53 -26.95 13.54
CA TYR F 256 -76.48 -27.08 12.44
C TYR F 256 -75.86 -26.82 11.07
N GLU F 257 -74.54 -26.63 10.99
CA GLU F 257 -73.79 -26.62 9.74
C GLU F 257 -72.27 -26.59 9.94
N GLU F 258 -71.54 -26.01 8.98
CA GLU F 258 -70.07 -26.07 8.95
C GLU F 258 -69.49 -24.96 9.82
N GLY F 259 -69.12 -25.30 11.05
CA GLY F 259 -68.48 -24.36 11.95
C GLY F 259 -69.37 -23.21 12.40
N ASN F 260 -70.69 -23.30 12.19
CA ASN F 260 -71.74 -22.34 12.52
C ASN F 260 -71.96 -21.30 11.41
N GLU F 261 -71.12 -21.27 10.39
CA GLU F 261 -70.83 -20.03 9.65
C GLU F 261 -71.51 -20.01 8.30
N MET F 262 -72.74 -19.49 8.29
CA MET F 262 -73.48 -19.27 7.07
C MET F 262 -72.84 -18.17 6.23
N PHE F 263 -72.55 -18.47 4.97
CA PHE F 263 -72.17 -17.41 4.06
C PHE F 263 -73.44 -16.85 3.42
N PHE F 264 -73.28 -15.98 2.42
CA PHE F 264 -74.42 -15.20 1.95
C PHE F 264 -75.35 -16.01 1.05
N GLU F 265 -74.80 -16.85 0.16
CA GLU F 265 -75.66 -17.60 -0.75
C GLU F 265 -76.72 -18.41 0.00
N GLU F 266 -76.32 -19.04 1.11
CA GLU F 266 -77.25 -19.85 1.86
C GLU F 266 -78.26 -18.98 2.58
N PHE F 267 -77.78 -17.94 3.28
CA PHE F 267 -78.66 -17.07 4.04
C PHE F 267 -79.71 -16.42 3.15
N ASN F 268 -79.35 -16.11 1.90
CA ASN F 268 -80.34 -15.61 0.95
C ASN F 268 -81.37 -16.69 0.63
N GLN F 269 -80.91 -17.91 0.38
CA GLN F 269 -81.84 -18.99 0.06
C GLN F 269 -82.77 -19.28 1.23
N TYR F 270 -82.23 -19.31 2.45
CA TYR F 270 -83.09 -19.42 3.62
C TYR F 270 -84.13 -18.31 3.63
N LEU F 271 -83.69 -17.06 3.47
CA LEU F 271 -84.61 -15.92 3.54
C LEU F 271 -85.74 -16.04 2.54
N MET F 272 -85.41 -16.43 1.30
CA MET F 272 -86.45 -16.66 0.30
C MET F 272 -87.40 -17.75 0.75
N ASP F 273 -86.87 -18.92 1.06
CA ASP F 273 -87.68 -20.05 1.50
C ASP F 273 -88.36 -19.75 2.82
N ALA F 274 -87.61 -19.23 3.80
CA ALA F 274 -88.18 -19.01 5.12
C ALA F 274 -89.10 -17.79 5.17
N LEU F 275 -88.91 -16.82 4.28
CA LEU F 275 -89.62 -15.55 4.48
C LEU F 275 -90.19 -14.92 3.22
N ASN F 276 -89.94 -15.47 2.03
CA ASN F 276 -90.42 -14.94 0.75
C ASN F 276 -89.72 -13.64 0.35
N THR F 277 -88.62 -13.28 1.01
CA THR F 277 -87.84 -12.09 0.70
C THR F 277 -86.42 -12.49 0.30
N THR F 278 -85.60 -11.49 -0.04
CA THR F 278 -84.21 -11.70 -0.38
C THR F 278 -83.32 -10.98 0.60
N LEU F 279 -82.02 -11.35 0.57
CA LEU F 279 -81.05 -10.70 1.44
C LEU F 279 -80.83 -9.24 1.03
N GLU F 280 -80.74 -8.99 -0.29
CA GLU F 280 -80.67 -7.64 -0.83
C GLU F 280 -81.75 -6.74 -0.22
N ASN F 281 -83.03 -7.12 -0.38
CA ASN F 281 -84.11 -6.22 0.01
C ASN F 281 -84.29 -6.15 1.52
N SER F 282 -84.22 -7.29 2.20
CA SER F 282 -84.52 -7.26 3.64
C SER F 282 -83.41 -6.57 4.44
N ILE F 283 -82.16 -6.65 3.98
CA ILE F 283 -81.02 -6.33 4.82
C ILE F 283 -79.97 -5.47 4.12
N LEU F 284 -79.51 -5.89 2.94
CA LEU F 284 -78.34 -5.28 2.32
C LEU F 284 -78.57 -3.81 2.01
N LEU F 285 -79.76 -3.46 1.52
CA LEU F 285 -80.09 -2.05 1.37
C LEU F 285 -79.82 -1.28 2.65
N GLN F 286 -80.28 -1.80 3.79
CA GLN F 286 -80.02 -1.14 5.06
C GLN F 286 -78.53 -1.14 5.35
N ILE F 287 -77.82 -2.20 4.98
CA ILE F 287 -76.39 -2.26 5.25
C ILE F 287 -75.67 -1.20 4.43
N LYS F 288 -75.92 -1.17 3.13
CA LYS F 288 -75.30 -0.15 2.29
C LYS F 288 -75.65 1.25 2.76
N HIS F 289 -76.87 1.45 3.27
CA HIS F 289 -77.20 2.76 3.80
C HIS F 289 -76.36 3.11 5.03
N ILE F 290 -76.14 2.13 5.93
CA ILE F 290 -75.34 2.37 7.12
C ILE F 290 -73.91 2.72 6.74
N ILE F 291 -73.35 1.95 5.80
CA ILE F 291 -71.95 2.12 5.44
C ILE F 291 -71.74 3.47 4.77
N ARG F 292 -72.59 3.82 3.79
CA ARG F 292 -72.53 5.14 3.16
C ARG F 292 -72.58 6.24 4.21
N SER F 293 -73.41 6.07 5.22
CA SER F 293 -73.69 7.15 6.16
C SER F 293 -72.54 7.38 7.13
N CYS F 294 -71.93 6.32 7.65
CA CYS F 294 -70.81 6.49 8.57
C CYS F 294 -69.61 7.10 7.84
N LEU F 295 -69.16 6.42 6.78
CA LEU F 295 -67.95 6.80 6.08
C LEU F 295 -68.07 8.18 5.41
N MET F 296 -69.28 8.60 5.05
CA MET F 296 -69.44 9.92 4.47
C MET F 296 -69.63 10.98 5.52
N CYS F 297 -69.92 10.60 6.76
CA CYS F 297 -69.93 11.58 7.83
C CYS F 297 -68.53 12.07 8.12
N ILE F 298 -67.58 11.14 8.26
CA ILE F 298 -66.22 11.50 8.64
C ILE F 298 -65.35 11.84 7.45
N GLU F 299 -65.87 11.77 6.22
CA GLU F 299 -65.00 11.98 5.07
C GLU F 299 -64.22 13.29 5.15
N PRO F 300 -64.85 14.47 5.36
CA PRO F 300 -64.08 15.73 5.36
C PRO F 300 -63.04 15.83 6.48
N ALA F 301 -62.96 14.79 7.30
CA ALA F 301 -62.01 14.76 8.39
C ALA F 301 -60.87 13.78 8.15
N ILE F 302 -61.00 12.87 7.18
CA ILE F 302 -59.98 11.84 7.02
C ILE F 302 -59.61 11.66 5.56
N SER F 303 -60.32 12.35 4.68
CA SER F 303 -60.01 12.31 3.25
C SER F 303 -58.55 12.69 3.00
N THR F 304 -57.82 11.84 2.28
CA THR F 304 -56.46 12.17 1.86
C THR F 304 -56.42 12.63 0.42
N LYS F 305 -57.41 13.41 0.00
CA LYS F 305 -57.52 13.81 -1.40
C LYS F 305 -56.43 14.81 -1.77
N HIS F 306 -56.26 15.85 -0.95
CA HIS F 306 -55.26 16.87 -1.22
C HIS F 306 -54.17 16.90 -0.15
N LEU F 307 -53.69 15.75 0.31
CA LEU F 307 -52.57 15.82 1.24
C LEU F 307 -51.42 14.96 0.73
N HIS F 308 -50.30 15.08 1.45
CA HIS F 308 -48.98 14.69 0.97
C HIS F 308 -48.76 13.20 0.95
N TYR F 309 -49.53 12.42 1.71
CA TYR F 309 -49.55 10.98 1.56
C TYR F 309 -50.98 10.54 1.17
N GLN F 310 -51.25 9.26 1.22
CA GLN F 310 -52.60 8.85 0.89
C GLN F 310 -52.94 7.59 1.67
N SER F 311 -54.25 7.39 1.86
CA SER F 311 -54.76 6.36 2.73
C SER F 311 -55.77 5.52 1.96
N PHE F 312 -55.73 4.22 2.19
CA PHE F 312 -56.90 3.38 2.05
C PHE F 312 -57.09 2.64 3.37
N GLN F 313 -58.18 1.90 3.49
CA GLN F 313 -58.39 1.13 4.72
C GLN F 313 -59.53 0.14 4.49
N LEU F 314 -59.40 -1.02 5.13
CA LEU F 314 -60.42 -2.06 5.11
C LEU F 314 -61.11 -2.07 6.47
N PHE F 315 -62.43 -2.03 6.45
CA PHE F 315 -63.24 -2.04 7.66
C PHE F 315 -64.06 -3.31 7.72
N GLY F 316 -64.37 -3.73 8.94
CA GLY F 316 -65.36 -4.75 9.16
C GLY F 316 -66.55 -4.14 9.85
N PHE F 317 -67.71 -4.22 9.23
CA PHE F 317 -68.92 -3.75 9.85
C PHE F 317 -69.66 -4.95 10.43
N ASP F 318 -70.20 -4.77 11.64
CA ASP F 318 -70.92 -5.83 12.33
C ASP F 318 -72.36 -5.38 12.57
N PHE F 319 -73.32 -6.10 11.98
CA PHE F 319 -74.73 -5.74 12.04
C PHE F 319 -75.55 -6.80 12.77
N MET F 320 -76.77 -6.39 13.14
CA MET F 320 -77.78 -7.30 13.67
C MET F 320 -79.14 -7.00 13.07
N VAL F 321 -80.00 -8.02 13.08
CA VAL F 321 -81.35 -7.93 12.55
C VAL F 321 -82.36 -8.23 13.66
N ASP F 322 -83.57 -7.70 13.51
CA ASP F 322 -84.73 -8.12 14.29
C ASP F 322 -85.73 -8.80 13.36
N GLU F 323 -87.00 -8.91 13.77
CA GLU F 323 -87.93 -9.62 12.89
C GLU F 323 -88.51 -8.71 11.81
N GLU F 324 -88.70 -7.42 12.08
CA GLU F 324 -89.10 -6.62 10.91
C GLU F 324 -87.98 -6.51 9.89
N LEU F 325 -86.94 -7.34 10.01
CA LEU F 325 -85.75 -7.26 9.19
C LEU F 325 -85.21 -5.85 9.21
N LYS F 326 -85.34 -5.20 10.35
CA LYS F 326 -84.56 -4.00 10.61
C LYS F 326 -83.13 -4.42 10.91
N VAL F 327 -82.18 -3.73 10.27
CA VAL F 327 -80.76 -3.96 10.48
C VAL F 327 -80.28 -2.97 11.52
N TRP F 328 -79.38 -3.40 12.40
CA TRP F 328 -78.77 -2.56 13.41
C TRP F 328 -77.25 -2.61 13.26
N LEU F 329 -76.58 -1.55 13.69
CA LEU F 329 -75.13 -1.49 13.67
C LEU F 329 -74.60 -1.62 15.09
N ILE F 330 -73.66 -2.56 15.29
CA ILE F 330 -72.92 -2.64 16.54
C ILE F 330 -71.61 -1.87 16.44
N GLU F 331 -70.61 -2.46 15.82
CA GLU F 331 -69.26 -1.92 15.85
C GLU F 331 -68.68 -1.86 14.45
N VAL F 332 -67.82 -0.86 14.25
CA VAL F 332 -66.97 -0.74 13.08
C VAL F 332 -65.55 -1.16 13.48
N ASN F 333 -65.06 -2.24 12.88
CA ASN F 333 -63.71 -2.74 13.18
C ASN F 333 -62.73 -2.13 12.20
N GLY F 334 -61.65 -1.55 12.74
CA GLY F 334 -60.68 -0.82 11.92
C GLY F 334 -59.57 -1.70 11.40
N ALA F 335 -59.30 -2.78 12.14
CA ALA F 335 -58.38 -3.84 11.74
C ALA F 335 -59.18 -5.13 11.78
N PRO F 336 -59.82 -5.48 10.68
CA PRO F 336 -60.65 -6.68 10.68
C PRO F 336 -59.94 -7.86 10.05
N ALA F 337 -60.18 -9.06 10.58
CA ALA F 337 -59.72 -10.29 9.97
C ALA F 337 -60.81 -10.85 9.08
N CYS F 338 -60.41 -11.57 8.05
CA CYS F 338 -61.37 -12.09 7.08
C CYS F 338 -61.86 -13.48 7.49
N ALA F 339 -62.88 -13.97 6.78
CA ALA F 339 -63.35 -15.34 6.96
C ALA F 339 -62.51 -16.23 6.07
N GLN F 340 -62.04 -17.35 6.63
CA GLN F 340 -60.97 -18.14 6.02
C GLN F 340 -61.22 -18.39 4.53
N LYS F 341 -62.43 -18.82 4.18
CA LYS F 341 -62.75 -19.15 2.81
C LYS F 341 -62.67 -17.94 1.87
N LEU F 342 -62.61 -16.72 2.43
CA LEU F 342 -62.68 -15.50 1.64
C LEU F 342 -61.34 -14.76 1.53
N TYR F 343 -60.37 -15.09 2.38
CA TYR F 343 -59.08 -14.40 2.38
C TYR F 343 -58.52 -14.24 0.97
N ALA F 344 -58.55 -15.31 0.17
CA ALA F 344 -57.95 -15.25 -1.16
C ALA F 344 -58.63 -14.18 -2.02
N GLU F 345 -59.96 -14.13 -1.97
CA GLU F 345 -60.65 -13.23 -2.90
C GLU F 345 -60.65 -11.79 -2.40
N LEU F 346 -60.83 -11.58 -1.09
CA LEU F 346 -60.80 -10.21 -0.59
C LEU F 346 -59.39 -9.64 -0.68
N CYS F 347 -58.38 -10.41 -0.24
CA CYS F 347 -57.03 -9.89 -0.20
C CYS F 347 -56.51 -9.54 -1.59
N GLN F 348 -57.03 -10.20 -2.62
CA GLN F 348 -56.66 -9.82 -3.97
C GLN F 348 -57.39 -8.56 -4.41
N GLY F 349 -58.65 -8.43 -4.02
CA GLY F 349 -59.40 -7.24 -4.36
C GLY F 349 -58.85 -5.98 -3.73
N ILE F 350 -58.27 -6.10 -2.54
CA ILE F 350 -57.53 -4.98 -1.96
C ILE F 350 -56.45 -4.48 -2.92
N VAL F 351 -55.71 -5.42 -3.53
CA VAL F 351 -54.57 -5.04 -4.36
C VAL F 351 -55.04 -4.34 -5.64
N ASP F 352 -56.05 -4.91 -6.31
CA ASP F 352 -56.55 -4.30 -7.54
C ASP F 352 -56.98 -2.85 -7.30
N VAL F 353 -57.79 -2.65 -6.27
CA VAL F 353 -58.55 -1.41 -6.12
C VAL F 353 -57.82 -0.40 -5.24
N ALA F 354 -57.09 -0.86 -4.22
CA ALA F 354 -56.48 0.08 -3.28
C ALA F 354 -54.98 0.29 -3.54
N ILE F 355 -54.30 -0.69 -4.09
CA ILE F 355 -52.85 -0.71 -4.16
C ILE F 355 -52.37 -0.43 -5.58
N SER F 356 -52.82 -1.24 -6.54
CA SER F 356 -52.41 -1.06 -7.93
C SER F 356 -53.16 0.06 -8.64
N SER F 357 -54.31 0.47 -8.10
CA SER F 357 -54.95 1.69 -8.58
C SER F 357 -54.05 2.89 -8.40
N VAL F 358 -53.10 2.83 -7.48
CA VAL F 358 -52.13 3.89 -7.27
C VAL F 358 -50.74 3.52 -7.79
N PHE F 359 -50.46 2.23 -7.99
CA PHE F 359 -49.16 1.76 -8.44
C PHE F 359 -49.41 0.76 -9.56
N PRO F 360 -49.66 1.24 -10.79
CA PRO F 360 -50.01 0.32 -11.90
C PRO F 360 -48.91 -0.68 -12.20
N LEU F 361 -49.28 -1.72 -12.94
CA LEU F 361 -48.36 -2.81 -13.29
C LEU F 361 -48.34 -2.99 -14.81
N ALA F 362 -47.80 -4.11 -15.26
CA ALA F 362 -47.66 -4.41 -16.69
C ALA F 362 -48.96 -4.94 -17.29
N SER F 373 -66.62 -7.03 -11.28
CA SER F 373 -65.85 -6.86 -10.03
C SER F 373 -66.40 -7.64 -8.84
N ILE F 374 -65.61 -7.70 -7.76
CA ILE F 374 -66.00 -8.40 -6.54
C ILE F 374 -66.53 -7.44 -5.48
N PHE F 375 -66.64 -6.16 -5.80
CA PHE F 375 -67.08 -5.14 -4.87
C PHE F 375 -68.27 -4.38 -5.45
N ILE F 376 -69.12 -3.90 -4.56
CA ILE F 376 -70.24 -3.04 -4.93
C ILE F 376 -69.85 -1.61 -4.54
N LYS F 377 -69.66 -0.75 -5.53
CA LYS F 377 -69.36 0.64 -5.21
C LYS F 377 -70.59 1.30 -4.58
N LEU F 378 -70.39 2.00 -3.48
CA LEU F 378 -71.52 2.62 -2.80
C LEU F 378 -71.60 4.11 -3.21
PG GTP G . -22.78 28.01 7.82
O1G GTP G . -22.70 26.59 8.34
O2G GTP G . -21.69 28.82 8.46
O3G GTP G . -22.67 28.23 6.31
O3B GTP G . -24.20 28.54 8.40
PB GTP G . -25.35 29.25 7.51
O1B GTP G . -26.21 30.02 8.49
O2B GTP G . -24.73 30.09 6.41
O3A GTP G . -26.15 28.02 6.90
PA GTP G . -27.35 28.10 5.84
O1A GTP G . -28.23 29.31 6.08
O2A GTP G . -26.86 28.07 4.42
O5' GTP G . -28.02 26.71 6.24
C5' GTP G . -28.29 25.66 5.36
C4' GTP G . -29.78 25.35 5.46
O4' GTP G . -30.42 26.55 5.14
C3' GTP G . -30.25 24.35 4.44
O3' GTP G . -31.40 23.75 4.99
C2' GTP G . -30.64 25.21 3.26
O2' GTP G . -31.67 24.56 2.55
C1' GTP G . -31.14 26.46 3.94
N9 GTP G . -30.94 27.70 3.16
C8 GTP G . -29.75 28.30 2.85
N7 GTP G . -30.02 29.44 2.15
C5 GTP G . -31.35 29.57 2.00
C6 GTP G . -32.14 30.53 1.37
O6 GTP G . -31.63 31.49 0.79
N1 GTP G . -33.52 30.38 1.39
C2 GTP G . -34.08 29.29 2.02
N2 GTP G . -35.39 29.11 2.07
N3 GTP G . -33.28 28.36 2.65
C4 GTP G . -31.93 28.49 2.64
MG MG H . -22.74 30.18 5.44
C1 GOL I . -52.84 28.87 -3.60
O1 GOL I . -51.73 29.57 -4.12
C2 GOL I . -53.91 28.78 -4.73
O2 GOL I . -53.32 28.91 -5.99
C3 GOL I . -54.61 27.38 -4.55
O3 GOL I . -55.20 27.35 -3.27
C1 GOL J . -49.98 15.74 15.38
O1 GOL J . -50.96 16.20 14.42
C2 GOL J . -50.64 15.64 16.84
O2 GOL J . -51.15 16.87 17.33
C3 GOL J . -51.71 14.45 16.79
O3 GOL J . -51.15 13.29 17.40
CA CA K . -40.25 60.55 7.16
C1 GOL L . -38.28 37.48 29.01
O1 GOL L . -39.31 36.52 29.11
C2 GOL L . -37.47 37.23 27.67
O2 GOL L . -37.09 35.90 27.50
C3 GOL L . -38.41 37.74 26.50
O3 GOL L . -37.73 37.60 25.27
PB GDP M . 7.97 6.62 -4.27
O1B GDP M . 6.84 7.34 -3.56
O2B GDP M . 8.60 7.56 -5.25
O3B GDP M . 9.04 6.18 -3.28
O3A GDP M . 7.47 5.29 -5.00
PA GDP M . 6.21 5.10 -6.02
O1A GDP M . 5.35 6.33 -6.20
O2A GDP M . 6.78 4.53 -7.31
O5' GDP M . 5.45 3.94 -5.24
C5' GDP M . 5.20 2.67 -5.84
C4' GDP M . 3.70 2.42 -5.89
O4' GDP M . 3.08 3.43 -6.69
C3' GDP M . 3.46 1.13 -6.60
O3' GDP M . 2.26 0.55 -6.10
C2' GDP M . 3.18 1.51 -8.04
O2' GDP M . 2.18 0.63 -8.53
C1' GDP M . 2.54 2.87 -7.87
N9 GDP M . 2.78 3.86 -8.92
C8 GDP M . 3.95 4.41 -9.24
N7 GDP M . 3.77 5.35 -10.21
C5 GDP M . 2.45 5.40 -10.48
C6 GDP M . 1.58 6.18 -11.39
O6 GDP M . 2.04 7.04 -12.16
N1 GDP M . 0.27 5.92 -11.37
C2 GDP M . -0.28 5.01 -10.55
N2 GDP M . -1.61 4.84 -10.60
N3 GDP M . 0.46 4.27 -9.69
C4 GDP M . 1.81 4.42 -9.62
MG MG N . 8.50 3.44 -8.16
C1 GOL O . 1.73 -0.24 -15.86
O1 GOL O . 0.57 -1.00 -15.96
C2 GOL O . 2.95 -1.23 -15.71
O2 GOL O . 4.17 -0.54 -15.78
C3 GOL O . 2.76 -2.03 -14.34
O3 GOL O . 3.93 -2.81 -14.08
CA CA P . 20.97 10.88 3.91
O1 MES Q . -6.22 15.04 11.12
C2 MES Q . -6.10 16.02 10.10
C3 MES Q . -6.40 17.39 10.67
N4 MES Q . -7.70 17.33 11.35
C5 MES Q . -7.94 16.28 12.35
C6 MES Q . -7.52 14.96 11.71
C7 MES Q . -8.24 18.66 11.65
C8 MES Q . -9.64 18.51 12.22
S MES Q . -10.24 20.03 12.53
O1S MES Q . -11.71 19.97 12.28
O2S MES Q . -9.93 20.39 13.93
O3S MES Q . -9.62 21.04 11.66
C2 97O R . -18.60 17.82 -3.64
O24 97O R . -18.11 17.23 -4.86
C25 97O R . -17.16 16.21 -4.79
C3 97O R . -19.54 17.46 -3.28
O26 97O R . -20.21 16.42 -3.98
C27 97O R . -21.61 16.65 -4.08
C4 97O R . -20.15 17.81 -2.32
C5 97O R . -19.69 18.86 -1.38
C10 97O R . -20.20 19.45 -0.26
C11 97O R . -21.08 19.28 0.87
C14 97O R . -21.89 17.98 1.23
C19 97O R . -23.06 18.11 2.01
C18 97O R . -23.83 16.96 2.35
C17 97O R . -23.43 15.66 1.93
O20 97O R . -24.24 14.54 2.31
C21 97O R . -23.69 13.27 2.23
C16 97O R . -22.25 15.53 1.15
C15 97O R . -21.47 16.69 0.80
N12 97O R . -21.14 20.46 1.65
N13 97O R . -20.34 21.43 1.10
C9 97O R . -19.76 20.96 0.01
C8 97O R . -18.64 21.67 -1.08
C7 97O R . -17.57 20.50 -1.30
C6 97O R . -18.32 19.46 -1.85
C1 97O R . -17.92 18.70 -3.14
O22 97O R . -16.67 19.08 -3.79
C23 97O R . -15.41 18.67 -3.21
C1 GOL S . 12.32 -16.94 8.56
O1 GOL S . 12.76 -16.66 9.89
C2 GOL S . 11.08 -17.85 8.62
O2 GOL S . 10.32 -17.70 9.82
C3 GOL S . 11.63 -19.28 8.35
O3 GOL S . 12.18 -19.21 7.05
C1 GOL T . 17.73 -1.32 -2.53
O1 GOL T . 17.22 -2.44 -1.82
C2 GOL T . 18.31 -0.29 -1.45
O2 GOL T . 19.65 0.09 -1.72
C3 GOL T . 17.31 0.92 -1.40
O3 GOL T . 17.74 1.90 -2.36
PG GTP U . 46.17 -16.49 -6.31
O1G GTP U . 46.36 -17.83 -5.62
O2G GTP U . 46.83 -15.43 -5.44
O3G GTP U . 46.78 -16.51 -7.70
O3B GTP U . 44.62 -16.08 -6.40
PB GTP U . 43.87 -15.63 -7.76
O1B GTP U . 42.80 -14.62 -7.47
O2B GTP U . 44.78 -15.21 -8.88
O3A GTP U . 43.20 -17.04 -8.09
PA GTP U . 42.32 -17.30 -9.40
O1A GTP U . 41.62 -16.01 -9.81
O2A GTP U . 43.20 -17.88 -10.50
O5' GTP U . 41.30 -18.37 -8.75
C5' GTP U . 41.24 -19.72 -9.17
C4' GTP U . 39.84 -19.97 -9.66
O4' GTP U . 39.44 -18.94 -10.53
C3' GTP U . 39.73 -21.24 -10.45
O3' GTP U . 38.51 -21.80 -10.05
C2' GTP U . 39.64 -20.78 -11.88
O2' GTP U . 38.85 -21.66 -12.64
C1' GTP U . 38.98 -19.42 -11.77
N9 GTP U . 39.44 -18.48 -12.81
C8 GTP U . 40.71 -17.97 -12.94
N7 GTP U . 40.72 -17.12 -13.99
C5 GTP U . 39.46 -17.05 -14.53
C6 GTP U . 38.90 -16.34 -15.60
O6 GTP U . 39.56 -15.57 -16.30
N1 GTP U . 37.57 -16.49 -15.90
C2 GTP U . 36.78 -17.35 -15.15
N2 GTP U . 35.48 -17.49 -15.44
N3 GTP U . 37.35 -18.05 -14.10
C4 GTP U . 38.65 -17.90 -13.78
MG MG V . 46.98 -14.51 -9.06
C1 GOL W . 41.32 -21.46 -19.65
O1 GOL W . 41.72 -21.06 -20.96
C2 GOL W . 41.64 -22.97 -19.45
O2 GOL W . 41.99 -23.24 -18.12
C3 GOL W . 40.32 -23.69 -19.89
O3 GOL W . 40.66 -25.02 -20.20
C1 GOL X . 7.83 -9.93 -30.66
O1 GOL X . 7.49 -11.02 -29.82
C2 GOL X . 9.24 -9.37 -30.14
O2 GOL X . 10.28 -10.25 -30.36
C3 GOL X . 9.50 -7.90 -30.72
O3 GOL X . 9.65 -7.00 -29.61
C1 GOL Y . 26.76 -3.53 3.58
O1 GOL Y . 27.49 -3.71 2.38
C2 GOL Y . 27.14 -4.66 4.62
O2 GOL Y . 27.64 -4.12 5.80
C3 GOL Y . 25.86 -5.60 4.83
O3 GOL Y . 24.92 -4.86 5.56
CA CA Z . 19.99 -21.76 -39.76
N1 IMD AA . 18.23 -16.36 7.88
C2 IMD AA . 18.06 -17.27 8.88
N3 IMD AA . 16.77 -17.72 8.88
C4 IMD AA . 16.12 -17.09 7.87
C5 IMD AA . 17.04 -16.24 7.27
N1 IMD BA . 55.09 -20.31 6.86
C2 IMD BA . 55.96 -21.05 6.13
N3 IMD BA . 56.15 -20.43 4.95
C4 IMD BA . 55.43 -19.27 4.93
C5 IMD BA . 54.75 -19.20 6.14
N1 IMD CA . 25.61 -1.16 -5.78
C2 IMD CA . 24.53 -1.96 -5.54
N3 IMD CA . 23.52 -1.66 -6.40
C4 IMD CA . 23.95 -0.64 -7.19
C5 IMD CA . 25.27 -0.33 -6.79
PB GDP DA . 79.46 -37.90 -3.96
O1B GDP DA . 78.62 -36.74 -4.38
O2B GDP DA . 80.85 -37.77 -4.55
O3B GDP DA . 79.70 -37.95 -2.46
O3A GDP DA . 78.74 -39.28 -4.38
PA GDP DA . 77.90 -39.59 -5.73
O1A GDP DA . 77.20 -38.37 -6.31
O2A GDP DA . 78.75 -40.24 -6.79
O5' GDP DA . 76.83 -40.65 -5.17
C5' GDP DA . 76.90 -42.06 -5.39
C4' GDP DA . 75.54 -42.47 -5.90
O4' GDP DA . 75.32 -41.60 -7.02
C3' GDP DA . 75.46 -43.88 -6.48
O3' GDP DA . 74.17 -44.42 -6.20
C2' GDP DA . 75.64 -43.68 -7.98
O2' GDP DA . 75.05 -44.72 -8.77
C1' GDP DA . 74.96 -42.35 -8.18
N9 GDP DA . 75.42 -41.56 -9.34
C8 GDP DA . 76.61 -40.97 -9.48
N7 GDP DA . 76.66 -40.29 -10.64
C5 GDP DA . 75.47 -40.43 -11.26
C6 GDP DA . 74.82 -39.98 -12.53
O6 GDP DA . 75.40 -39.26 -13.38
N1 GDP DA . 73.56 -40.36 -12.78
C2 GDP DA . 72.87 -41.12 -11.92
N2 GDP DA . 71.60 -41.46 -12.27
N3 GDP DA . 73.39 -41.58 -10.74
C4 GDP DA . 74.66 -41.27 -10.38
MG MG EA . 82.37 -39.09 -4.02
C1 GOL FA . 77.13 -47.27 -15.10
O1 GOL FA . 76.68 -46.81 -16.34
C2 GOL FA . 75.99 -48.16 -14.50
O2 GOL FA . 75.26 -48.84 -15.49
C3 GOL FA . 76.72 -49.14 -13.50
O3 GOL FA . 77.05 -48.40 -12.35
C1 GOL GA . 57.45 -23.79 4.50
O1 GOL GA . 57.99 -23.37 5.70
C2 GOL GA . 58.25 -23.05 3.39
O2 GOL GA . 59.24 -23.86 2.83
C3 GOL GA . 57.16 -22.57 2.38
O3 GOL GA . 56.96 -21.23 2.64
PG ACP HA . -63.41 -5.66 19.79
O1G ACP HA . -63.70 -6.52 18.59
O2G ACP HA . -62.64 -4.44 19.32
O3G ACP HA . -62.57 -6.42 20.78
PB ACP HA . -65.91 -6.49 21.47
O1B ACP HA . -66.69 -5.88 22.58
O2B ACP HA . -64.88 -7.39 22.11
C3B ACP HA . -65.00 -5.11 20.58
PA ACP HA . -68.51 -7.22 20.01
O1A ACP HA . -69.05 -5.93 20.56
O2A ACP HA . -68.61 -7.18 18.51
O3A ACP HA . -66.89 -7.37 20.45
O5' ACP HA . -69.44 -8.50 20.58
C5' ACP HA . -70.49 -9.16 19.87
C4' ACP HA . -71.32 -9.93 20.90
O4' ACP HA . -72.16 -8.95 21.64
C3' ACP HA . -72.37 -10.41 19.82
O3' ACP HA . -72.91 -12.04 19.30
C2' ACP HA . -73.47 -10.01 19.95
O2' ACP HA . -74.73 -10.74 19.76
C1' ACP HA . -73.57 -9.19 21.18
N9 ACP HA . -74.24 -7.92 21.09
C8 ACP HA . -73.53 -6.80 20.91
N7 ACP HA . -74.40 -5.75 20.89
C5 ACP HA . -75.74 -6.33 21.09
C6 ACP HA . -77.00 -5.80 21.16
N6 ACP HA . -77.21 -4.35 21.04
N1 ACP HA . -78.04 -6.61 21.36
C2 ACP HA . -77.85 -7.92 21.48
N3 ACP HA . -76.63 -8.47 21.41
C4 ACP HA . -75.57 -7.73 21.22
#